data_2IAK
# 
_entry.id   2IAK 
# 
_audit_conform.dict_name       mmcif_pdbx.dic 
_audit_conform.dict_version    5.387 
_audit_conform.dict_location   http://mmcif.pdb.org/dictionaries/ascii/mmcif_pdbx.dic 
# 
loop_
_database_2.database_id 
_database_2.database_code 
_database_2.pdbx_database_accession 
_database_2.pdbx_DOI 
PDB   2IAK         pdb_00002iak 10.2210/pdb2iak/pdb 
RCSB  RCSB039343   ?            ?                   
WWPDB D_1000039343 ?            ?                   
# 
loop_
_pdbx_audit_revision_history.ordinal 
_pdbx_audit_revision_history.data_content_type 
_pdbx_audit_revision_history.major_revision 
_pdbx_audit_revision_history.minor_revision 
_pdbx_audit_revision_history.revision_date 
1 'Structure model' 1 0 2006-11-28 
2 'Structure model' 1 1 2008-05-01 
3 'Structure model' 1 2 2011-07-13 
4 'Structure model' 1 3 2021-10-20 
5 'Structure model' 1 4 2024-02-21 
# 
_pdbx_audit_revision_details.ordinal             1 
_pdbx_audit_revision_details.revision_ordinal    1 
_pdbx_audit_revision_details.data_content_type   'Structure model' 
_pdbx_audit_revision_details.provider            repository 
_pdbx_audit_revision_details.type                'Initial release' 
_pdbx_audit_revision_details.description         ? 
_pdbx_audit_revision_details.details             ? 
# 
loop_
_pdbx_audit_revision_group.ordinal 
_pdbx_audit_revision_group.revision_ordinal 
_pdbx_audit_revision_group.data_content_type 
_pdbx_audit_revision_group.group 
1 2 'Structure model' 'Version format compliance' 
2 3 'Structure model' Advisory                    
3 3 'Structure model' 'Derived calculations'      
4 3 'Structure model' 'Refinement description'    
5 3 'Structure model' 'Version format compliance' 
6 4 'Structure model' 'Database references'       
7 4 'Structure model' 'Derived calculations'      
8 5 'Structure model' 'Data collection'           
# 
loop_
_pdbx_audit_revision_category.ordinal 
_pdbx_audit_revision_category.revision_ordinal 
_pdbx_audit_revision_category.data_content_type 
_pdbx_audit_revision_category.category 
1 4 'Structure model' database_2         
2 4 'Structure model' struct_ref_seq_dif 
3 4 'Structure model' struct_site        
4 5 'Structure model' chem_comp_atom     
5 5 'Structure model' chem_comp_bond     
# 
loop_
_pdbx_audit_revision_item.ordinal 
_pdbx_audit_revision_item.revision_ordinal 
_pdbx_audit_revision_item.data_content_type 
_pdbx_audit_revision_item.item 
1 4 'Structure model' '_database_2.pdbx_DOI'                
2 4 'Structure model' '_database_2.pdbx_database_accession' 
3 4 'Structure model' '_struct_ref_seq_dif.details'         
4 4 'Structure model' '_struct_site.pdbx_auth_asym_id'      
5 4 'Structure model' '_struct_site.pdbx_auth_comp_id'      
6 4 'Structure model' '_struct_site.pdbx_auth_seq_id'       
# 
_pdbx_database_status.status_code                     REL 
_pdbx_database_status.entry_id                        2IAK 
_pdbx_database_status.recvd_initial_deposition_date   2006-09-08 
_pdbx_database_status.deposit_site                    RCSB 
_pdbx_database_status.process_site                    RCSB 
_pdbx_database_status.status_code_sf                  REL 
_pdbx_database_status.status_code_mr                  ? 
_pdbx_database_status.SG_entry                        ? 
_pdbx_database_status.pdb_format_compatible           Y 
_pdbx_database_status.status_code_cs                  ? 
_pdbx_database_status.status_code_nmr_data            ? 
_pdbx_database_status.methods_development_category    ? 
# 
_audit_author.name           'Jefferson, J.J.' 
_audit_author.pdbx_ordinal   1 
# 
_citation.id                        primary 
_citation.title                     
;Structural analysis of the plakin domain of bullous pemphigoid antigen1 (BPAG1) suggests that plakins are members of the spectrin superfamily.
;
_citation.journal_abbrev            J.Mol.Biol. 
_citation.journal_volume            366 
_citation.page_first                244 
_citation.page_last                 257 
_citation.year                      2007 
_citation.journal_id_ASTM           JMOBAK 
_citation.country                   UK 
_citation.journal_id_ISSN           0022-2836 
_citation.journal_id_CSD            0070 
_citation.book_publisher            ? 
_citation.pdbx_database_id_PubMed   17161423 
_citation.pdbx_database_id_DOI      10.1016/j.jmb.2006.11.036 
# 
loop_
_citation_author.citation_id 
_citation_author.name 
_citation_author.ordinal 
_citation_author.identifier_ORCID 
primary 'Jefferson, J.J.' 1 ? 
primary 'Ciatto, C.'      2 ? 
primary 'Shapiro, L.'     3 ? 
primary 'Liem, R.K.'      4 ? 
# 
loop_
_entity.id 
_entity.type 
_entity.src_method 
_entity.pdbx_description 
_entity.formula_weight 
_entity.pdbx_number_of_molecules 
_entity.pdbx_ec 
_entity.pdbx_mutation 
_entity.pdbx_fragment 
_entity.details 
1 polymer     man 'Bullous pemphigoid antigen 1, isoform 5' 26559.941 1  ? V163A 'Plakin Domain, residues 226-449' ? 
2 non-polymer syn 'SULFATE ION'                             96.063    2  ? ?     ?                                 ? 
3 water       nat water                                     18.015    11 ? ?     ?                                 ? 
# 
_entity_name_com.entity_id   1 
_entity_name_com.name        'BPA, Hemidesmosomal plaque protein, Dystonia musculorum protein, Dystonin' 
# 
_entity_poly.entity_id                      1 
_entity_poly.type                           'polypeptide(L)' 
_entity_poly.nstd_linkage                   no 
_entity_poly.nstd_monomer                   no 
_entity_poly.pdbx_seq_one_letter_code       
;KLMQIRKPLLKSSLLDQNLTEEEVNMKFVQDLLNWVDEMQVQLDRTEWGSDLPSVESHLENHKNVHRAIEEFESSLKEAK
ISEIQMTAPLKLSYTDKLHRLESQYAKLLNTSRNQERHLDTLHNFVTRATNELIWLNEKEESEVAYDWSERNSSVARKKS
YHAELMRELEQKEESIKAVQEIAEQLLLENHPARLTIEAYRAAMQTQWSWILQLCQCVEQHIQE
;
_entity_poly.pdbx_seq_one_letter_code_can   
;KLMQIRKPLLKSSLLDQNLTEEEVNMKFVQDLLNWVDEMQVQLDRTEWGSDLPSVESHLENHKNVHRAIEEFESSLKEAK
ISEIQMTAPLKLSYTDKLHRLESQYAKLLNTSRNQERHLDTLHNFVTRATNELIWLNEKEESEVAYDWSERNSSVARKKS
YHAELMRELEQKEESIKAVQEIAEQLLLENHPARLTIEAYRAAMQTQWSWILQLCQCVEQHIQE
;
_entity_poly.pdbx_strand_id                 A 
_entity_poly.pdbx_target_identifier         ? 
# 
loop_
_pdbx_entity_nonpoly.entity_id 
_pdbx_entity_nonpoly.name 
_pdbx_entity_nonpoly.comp_id 
2 'SULFATE ION' SO4 
3 water         HOH 
# 
loop_
_entity_poly_seq.entity_id 
_entity_poly_seq.num 
_entity_poly_seq.mon_id 
_entity_poly_seq.hetero 
1 1   LYS n 
1 2   LEU n 
1 3   MET n 
1 4   GLN n 
1 5   ILE n 
1 6   ARG n 
1 7   LYS n 
1 8   PRO n 
1 9   LEU n 
1 10  LEU n 
1 11  LYS n 
1 12  SER n 
1 13  SER n 
1 14  LEU n 
1 15  LEU n 
1 16  ASP n 
1 17  GLN n 
1 18  ASN n 
1 19  LEU n 
1 20  THR n 
1 21  GLU n 
1 22  GLU n 
1 23  GLU n 
1 24  VAL n 
1 25  ASN n 
1 26  MET n 
1 27  LYS n 
1 28  PHE n 
1 29  VAL n 
1 30  GLN n 
1 31  ASP n 
1 32  LEU n 
1 33  LEU n 
1 34  ASN n 
1 35  TRP n 
1 36  VAL n 
1 37  ASP n 
1 38  GLU n 
1 39  MET n 
1 40  GLN n 
1 41  VAL n 
1 42  GLN n 
1 43  LEU n 
1 44  ASP n 
1 45  ARG n 
1 46  THR n 
1 47  GLU n 
1 48  TRP n 
1 49  GLY n 
1 50  SER n 
1 51  ASP n 
1 52  LEU n 
1 53  PRO n 
1 54  SER n 
1 55  VAL n 
1 56  GLU n 
1 57  SER n 
1 58  HIS n 
1 59  LEU n 
1 60  GLU n 
1 61  ASN n 
1 62  HIS n 
1 63  LYS n 
1 64  ASN n 
1 65  VAL n 
1 66  HIS n 
1 67  ARG n 
1 68  ALA n 
1 69  ILE n 
1 70  GLU n 
1 71  GLU n 
1 72  PHE n 
1 73  GLU n 
1 74  SER n 
1 75  SER n 
1 76  LEU n 
1 77  LYS n 
1 78  GLU n 
1 79  ALA n 
1 80  LYS n 
1 81  ILE n 
1 82  SER n 
1 83  GLU n 
1 84  ILE n 
1 85  GLN n 
1 86  MET n 
1 87  THR n 
1 88  ALA n 
1 89  PRO n 
1 90  LEU n 
1 91  LYS n 
1 92  LEU n 
1 93  SER n 
1 94  TYR n 
1 95  THR n 
1 96  ASP n 
1 97  LYS n 
1 98  LEU n 
1 99  HIS n 
1 100 ARG n 
1 101 LEU n 
1 102 GLU n 
1 103 SER n 
1 104 GLN n 
1 105 TYR n 
1 106 ALA n 
1 107 LYS n 
1 108 LEU n 
1 109 LEU n 
1 110 ASN n 
1 111 THR n 
1 112 SER n 
1 113 ARG n 
1 114 ASN n 
1 115 GLN n 
1 116 GLU n 
1 117 ARG n 
1 118 HIS n 
1 119 LEU n 
1 120 ASP n 
1 121 THR n 
1 122 LEU n 
1 123 HIS n 
1 124 ASN n 
1 125 PHE n 
1 126 VAL n 
1 127 THR n 
1 128 ARG n 
1 129 ALA n 
1 130 THR n 
1 131 ASN n 
1 132 GLU n 
1 133 LEU n 
1 134 ILE n 
1 135 TRP n 
1 136 LEU n 
1 137 ASN n 
1 138 GLU n 
1 139 LYS n 
1 140 GLU n 
1 141 GLU n 
1 142 SER n 
1 143 GLU n 
1 144 VAL n 
1 145 ALA n 
1 146 TYR n 
1 147 ASP n 
1 148 TRP n 
1 149 SER n 
1 150 GLU n 
1 151 ARG n 
1 152 ASN n 
1 153 SER n 
1 154 SER n 
1 155 VAL n 
1 156 ALA n 
1 157 ARG n 
1 158 LYS n 
1 159 LYS n 
1 160 SER n 
1 161 TYR n 
1 162 HIS n 
1 163 ALA n 
1 164 GLU n 
1 165 LEU n 
1 166 MET n 
1 167 ARG n 
1 168 GLU n 
1 169 LEU n 
1 170 GLU n 
1 171 GLN n 
1 172 LYS n 
1 173 GLU n 
1 174 GLU n 
1 175 SER n 
1 176 ILE n 
1 177 LYS n 
1 178 ALA n 
1 179 VAL n 
1 180 GLN n 
1 181 GLU n 
1 182 ILE n 
1 183 ALA n 
1 184 GLU n 
1 185 GLN n 
1 186 LEU n 
1 187 LEU n 
1 188 LEU n 
1 189 GLU n 
1 190 ASN n 
1 191 HIS n 
1 192 PRO n 
1 193 ALA n 
1 194 ARG n 
1 195 LEU n 
1 196 THR n 
1 197 ILE n 
1 198 GLU n 
1 199 ALA n 
1 200 TYR n 
1 201 ARG n 
1 202 ALA n 
1 203 ALA n 
1 204 MET n 
1 205 GLN n 
1 206 THR n 
1 207 GLN n 
1 208 TRP n 
1 209 SER n 
1 210 TRP n 
1 211 ILE n 
1 212 LEU n 
1 213 GLN n 
1 214 LEU n 
1 215 CYS n 
1 216 GLN n 
1 217 CYS n 
1 218 VAL n 
1 219 GLU n 
1 220 GLN n 
1 221 HIS n 
1 222 ILE n 
1 223 GLN n 
1 224 GLU n 
# 
_entity_src_gen.entity_id                          1 
_entity_src_gen.pdbx_src_id                        1 
_entity_src_gen.pdbx_alt_source_flag               sample 
_entity_src_gen.pdbx_seq_type                      ? 
_entity_src_gen.pdbx_beg_seq_num                   ? 
_entity_src_gen.pdbx_end_seq_num                   ? 
_entity_src_gen.gene_src_common_name               'house mouse' 
_entity_src_gen.gene_src_genus                     Mus 
_entity_src_gen.pdbx_gene_src_gene                 'Dst, Bpag1' 
_entity_src_gen.gene_src_species                   ? 
_entity_src_gen.gene_src_strain                    ? 
_entity_src_gen.gene_src_tissue                    ? 
_entity_src_gen.gene_src_tissue_fraction           ? 
_entity_src_gen.gene_src_details                   ? 
_entity_src_gen.pdbx_gene_src_fragment             ? 
_entity_src_gen.pdbx_gene_src_scientific_name      'Mus musculus' 
_entity_src_gen.pdbx_gene_src_ncbi_taxonomy_id     10090 
_entity_src_gen.pdbx_gene_src_variant              ? 
_entity_src_gen.pdbx_gene_src_cell_line            ? 
_entity_src_gen.pdbx_gene_src_atcc                 ? 
_entity_src_gen.pdbx_gene_src_organ                ? 
_entity_src_gen.pdbx_gene_src_organelle            ? 
_entity_src_gen.pdbx_gene_src_cell                 ? 
_entity_src_gen.pdbx_gene_src_cellular_location    ? 
_entity_src_gen.host_org_common_name               ? 
_entity_src_gen.pdbx_host_org_scientific_name      'Escherichia coli BL21' 
_entity_src_gen.pdbx_host_org_ncbi_taxonomy_id     511693 
_entity_src_gen.host_org_genus                     Escherichia 
_entity_src_gen.pdbx_host_org_gene                 ? 
_entity_src_gen.pdbx_host_org_organ                ? 
_entity_src_gen.host_org_species                   'Escherichia coli' 
_entity_src_gen.pdbx_host_org_tissue               ? 
_entity_src_gen.pdbx_host_org_tissue_fraction      ? 
_entity_src_gen.pdbx_host_org_strain               BL21 
_entity_src_gen.pdbx_host_org_variant              ? 
_entity_src_gen.pdbx_host_org_cell_line            ? 
_entity_src_gen.pdbx_host_org_atcc                 ? 
_entity_src_gen.pdbx_host_org_culture_collection   ? 
_entity_src_gen.pdbx_host_org_cell                 ? 
_entity_src_gen.pdbx_host_org_organelle            ? 
_entity_src_gen.pdbx_host_org_cellular_location    ? 
_entity_src_gen.pdbx_host_org_vector_type          Plasmid 
_entity_src_gen.pdbx_host_org_vector               ? 
_entity_src_gen.host_org_details                   ? 
_entity_src_gen.expression_system_id               ? 
_entity_src_gen.plasmid_name                       'pET SUMO' 
_entity_src_gen.plasmid_details                    ? 
_entity_src_gen.pdbx_description                   ? 
# 
loop_
_chem_comp.id 
_chem_comp.type 
_chem_comp.mon_nstd_flag 
_chem_comp.name 
_chem_comp.pdbx_synonyms 
_chem_comp.formula 
_chem_comp.formula_weight 
ALA 'L-peptide linking' y ALANINE         ? 'C3 H7 N O2'     89.093  
ARG 'L-peptide linking' y ARGININE        ? 'C6 H15 N4 O2 1' 175.209 
ASN 'L-peptide linking' y ASPARAGINE      ? 'C4 H8 N2 O3'    132.118 
ASP 'L-peptide linking' y 'ASPARTIC ACID' ? 'C4 H7 N O4'     133.103 
CYS 'L-peptide linking' y CYSTEINE        ? 'C3 H7 N O2 S'   121.158 
GLN 'L-peptide linking' y GLUTAMINE       ? 'C5 H10 N2 O3'   146.144 
GLU 'L-peptide linking' y 'GLUTAMIC ACID' ? 'C5 H9 N O4'     147.129 
GLY 'peptide linking'   y GLYCINE         ? 'C2 H5 N O2'     75.067  
HIS 'L-peptide linking' y HISTIDINE       ? 'C6 H10 N3 O2 1' 156.162 
HOH non-polymer         . WATER           ? 'H2 O'           18.015  
ILE 'L-peptide linking' y ISOLEUCINE      ? 'C6 H13 N O2'    131.173 
LEU 'L-peptide linking' y LEUCINE         ? 'C6 H13 N O2'    131.173 
LYS 'L-peptide linking' y LYSINE          ? 'C6 H15 N2 O2 1' 147.195 
MET 'L-peptide linking' y METHIONINE      ? 'C5 H11 N O2 S'  149.211 
PHE 'L-peptide linking' y PHENYLALANINE   ? 'C9 H11 N O2'    165.189 
PRO 'L-peptide linking' y PROLINE         ? 'C5 H9 N O2'     115.130 
SER 'L-peptide linking' y SERINE          ? 'C3 H7 N O3'     105.093 
SO4 non-polymer         . 'SULFATE ION'   ? 'O4 S -2'        96.063  
THR 'L-peptide linking' y THREONINE       ? 'C4 H9 N O3'     119.119 
TRP 'L-peptide linking' y TRYPTOPHAN      ? 'C11 H12 N2 O2'  204.225 
TYR 'L-peptide linking' y TYROSINE        ? 'C9 H11 N O3'    181.189 
VAL 'L-peptide linking' y VALINE          ? 'C5 H11 N O2'    117.146 
# 
loop_
_pdbx_poly_seq_scheme.asym_id 
_pdbx_poly_seq_scheme.entity_id 
_pdbx_poly_seq_scheme.seq_id 
_pdbx_poly_seq_scheme.mon_id 
_pdbx_poly_seq_scheme.ndb_seq_num 
_pdbx_poly_seq_scheme.pdb_seq_num 
_pdbx_poly_seq_scheme.auth_seq_num 
_pdbx_poly_seq_scheme.pdb_mon_id 
_pdbx_poly_seq_scheme.auth_mon_id 
_pdbx_poly_seq_scheme.pdb_strand_id 
_pdbx_poly_seq_scheme.pdb_ins_code 
_pdbx_poly_seq_scheme.hetero 
A 1 1   LYS 1   1   ?   ?   ?   A . n 
A 1 2   LEU 2   2   ?   ?   ?   A . n 
A 1 3   MET 3   3   ?   ?   ?   A . n 
A 1 4   GLN 4   4   4   GLN GLN A . n 
A 1 5   ILE 5   5   5   ILE ILE A . n 
A 1 6   ARG 6   6   6   ARG ARG A . n 
A 1 7   LYS 7   7   7   LYS LYS A . n 
A 1 8   PRO 8   8   8   PRO PRO A . n 
A 1 9   LEU 9   9   9   LEU LEU A . n 
A 1 10  LEU 10  10  10  LEU LEU A . n 
A 1 11  LYS 11  11  11  LYS LYS A . n 
A 1 12  SER 12  12  12  SER SER A . n 
A 1 13  SER 13  13  13  SER SER A . n 
A 1 14  LEU 14  14  14  LEU LEU A . n 
A 1 15  LEU 15  15  15  LEU LEU A . n 
A 1 16  ASP 16  16  16  ASP ASP A . n 
A 1 17  GLN 17  17  17  GLN GLN A . n 
A 1 18  ASN 18  18  18  ASN ASN A . n 
A 1 19  LEU 19  19  19  LEU LEU A . n 
A 1 20  THR 20  20  20  THR THR A . n 
A 1 21  GLU 21  21  21  GLU GLU A . n 
A 1 22  GLU 22  22  22  GLU GLU A . n 
A 1 23  GLU 23  23  23  GLU GLU A . n 
A 1 24  VAL 24  24  24  VAL VAL A . n 
A 1 25  ASN 25  25  25  ASN ASN A . n 
A 1 26  MET 26  26  26  MET MET A . n 
A 1 27  LYS 27  27  27  LYS LYS A . n 
A 1 28  PHE 28  28  28  PHE PHE A . n 
A 1 29  VAL 29  29  29  VAL VAL A . n 
A 1 30  GLN 30  30  30  GLN GLN A . n 
A 1 31  ASP 31  31  31  ASP ASP A . n 
A 1 32  LEU 32  32  32  LEU LEU A . n 
A 1 33  LEU 33  33  33  LEU LEU A . n 
A 1 34  ASN 34  34  34  ASN ASN A . n 
A 1 35  TRP 35  35  35  TRP TRP A . n 
A 1 36  VAL 36  36  36  VAL VAL A . n 
A 1 37  ASP 37  37  37  ASP ASP A . n 
A 1 38  GLU 38  38  38  GLU GLU A . n 
A 1 39  MET 39  39  39  MET MET A . n 
A 1 40  GLN 40  40  40  GLN GLN A . n 
A 1 41  VAL 41  41  41  VAL VAL A . n 
A 1 42  GLN 42  42  42  GLN GLN A . n 
A 1 43  LEU 43  43  43  LEU LEU A . n 
A 1 44  ASP 44  44  44  ASP ASP A . n 
A 1 45  ARG 45  45  45  ARG ARG A . n 
A 1 46  THR 46  46  46  THR THR A . n 
A 1 47  GLU 47  47  47  GLU GLU A . n 
A 1 48  TRP 48  48  48  TRP TRP A . n 
A 1 49  GLY 49  49  49  GLY GLY A . n 
A 1 50  SER 50  50  50  SER SER A . n 
A 1 51  ASP 51  51  51  ASP ASP A . n 
A 1 52  LEU 52  52  52  LEU LEU A . n 
A 1 53  PRO 53  53  53  PRO PRO A . n 
A 1 54  SER 54  54  54  SER SER A . n 
A 1 55  VAL 55  55  55  VAL VAL A . n 
A 1 56  GLU 56  56  56  GLU GLU A . n 
A 1 57  SER 57  57  57  SER SER A . n 
A 1 58  HIS 58  58  58  HIS HIS A . n 
A 1 59  LEU 59  59  59  LEU LEU A . n 
A 1 60  GLU 60  60  60  GLU GLU A . n 
A 1 61  ASN 61  61  61  ASN ASN A . n 
A 1 62  HIS 62  62  62  HIS HIS A . n 
A 1 63  LYS 63  63  63  LYS ALA A . n 
A 1 64  ASN 64  64  64  ASN ASN A . n 
A 1 65  VAL 65  65  65  VAL VAL A . n 
A 1 66  HIS 66  66  66  HIS HIS A . n 
A 1 67  ARG 67  67  67  ARG ARG A . n 
A 1 68  ALA 68  68  68  ALA ALA A . n 
A 1 69  ILE 69  69  69  ILE ILE A . n 
A 1 70  GLU 70  70  70  GLU GLU A . n 
A 1 71  GLU 71  71  71  GLU GLU A . n 
A 1 72  PHE 72  72  72  PHE PHE A . n 
A 1 73  GLU 73  73  73  GLU GLU A . n 
A 1 74  SER 74  74  74  SER SER A . n 
A 1 75  SER 75  75  75  SER SER A . n 
A 1 76  LEU 76  76  76  LEU LEU A . n 
A 1 77  LYS 77  77  77  LYS LYS A . n 
A 1 78  GLU 78  78  78  GLU GLU A . n 
A 1 79  ALA 79  79  79  ALA ALA A . n 
A 1 80  LYS 80  80  80  LYS LYS A . n 
A 1 81  ILE 81  81  81  ILE ILE A . n 
A 1 82  SER 82  82  82  SER SER A . n 
A 1 83  GLU 83  83  83  GLU GLU A . n 
A 1 84  ILE 84  84  84  ILE ILE A . n 
A 1 85  GLN 85  85  85  GLN GLN A . n 
A 1 86  MET 86  86  86  MET MET A . n 
A 1 87  THR 87  87  87  THR THR A . n 
A 1 88  ALA 88  88  88  ALA ALA A . n 
A 1 89  PRO 89  89  89  PRO PRO A . n 
A 1 90  LEU 90  90  90  LEU LEU A . n 
A 1 91  LYS 91  91  91  LYS LYS A . n 
A 1 92  LEU 92  92  92  LEU LEU A . n 
A 1 93  SER 93  93  93  SER SER A . n 
A 1 94  TYR 94  94  94  TYR TYR A . n 
A 1 95  THR 95  95  95  THR THR A . n 
A 1 96  ASP 96  96  96  ASP ASP A . n 
A 1 97  LYS 97  97  97  LYS LYS A . n 
A 1 98  LEU 98  98  98  LEU LEU A . n 
A 1 99  HIS 99  99  99  HIS HIS A . n 
A 1 100 ARG 100 100 100 ARG ARG A . n 
A 1 101 LEU 101 101 101 LEU LEU A . n 
A 1 102 GLU 102 102 102 GLU GLU A . n 
A 1 103 SER 103 103 103 SER SER A . n 
A 1 104 GLN 104 104 104 GLN GLN A . n 
A 1 105 TYR 105 105 105 TYR TYR A . n 
A 1 106 ALA 106 106 106 ALA ALA A . n 
A 1 107 LYS 107 107 107 LYS LYS A . n 
A 1 108 LEU 108 108 108 LEU LEU A . n 
A 1 109 LEU 109 109 109 LEU LEU A . n 
A 1 110 ASN 110 110 110 ASN ASN A . n 
A 1 111 THR 111 111 111 THR THR A . n 
A 1 112 SER 112 112 112 SER SER A . n 
A 1 113 ARG 113 113 113 ARG ARG A . n 
A 1 114 ASN 114 114 114 ASN ASN A . n 
A 1 115 GLN 115 115 115 GLN GLN A . n 
A 1 116 GLU 116 116 116 GLU GLU A . n 
A 1 117 ARG 117 117 117 ARG ARG A . n 
A 1 118 HIS 118 118 118 HIS HIS A . n 
A 1 119 LEU 119 119 119 LEU LEU A . n 
A 1 120 ASP 120 120 120 ASP ASP A . n 
A 1 121 THR 121 121 121 THR THR A . n 
A 1 122 LEU 122 122 122 LEU LEU A . n 
A 1 123 HIS 123 123 123 HIS HIS A . n 
A 1 124 ASN 124 124 124 ASN ASN A . n 
A 1 125 PHE 125 125 125 PHE PHE A . n 
A 1 126 VAL 126 126 126 VAL VAL A . n 
A 1 127 THR 127 127 127 THR THR A . n 
A 1 128 ARG 128 128 128 ARG ARG A . n 
A 1 129 ALA 129 129 129 ALA ALA A . n 
A 1 130 THR 130 130 130 THR THR A . n 
A 1 131 ASN 131 131 131 ASN ASN A . n 
A 1 132 GLU 132 132 132 GLU GLU A . n 
A 1 133 LEU 133 133 133 LEU LEU A . n 
A 1 134 ILE 134 134 134 ILE ILE A . n 
A 1 135 TRP 135 135 135 TRP TRP A . n 
A 1 136 LEU 136 136 136 LEU LEU A . n 
A 1 137 ASN 137 137 137 ASN ASN A . n 
A 1 138 GLU 138 138 138 GLU GLU A . n 
A 1 139 LYS 139 139 139 LYS LYS A . n 
A 1 140 GLU 140 140 140 GLU GLU A . n 
A 1 141 GLU 141 141 141 GLU ALA A . n 
A 1 142 SER 142 142 142 SER ALA A . n 
A 1 143 GLU 143 143 143 GLU ALA A . n 
A 1 144 VAL 144 144 144 VAL ALA A . n 
A 1 145 ALA 145 145 145 ALA ALA A . n 
A 1 146 TYR 146 146 ?   ?   ?   A . n 
A 1 147 ASP 147 147 ?   ?   ?   A . n 
A 1 148 TRP 148 148 ?   ?   ?   A . n 
A 1 149 SER 149 149 ?   ?   ?   A . n 
A 1 150 GLU 150 150 ?   ?   ?   A . n 
A 1 151 ARG 151 151 ?   ?   ?   A . n 
A 1 152 ASN 152 152 ?   ?   ?   A . n 
A 1 153 SER 153 153 ?   ?   ?   A . n 
A 1 154 SER 154 154 ?   ?   ?   A . n 
A 1 155 VAL 155 155 ?   ?   ?   A . n 
A 1 156 ALA 156 156 ?   ?   ?   A . n 
A 1 157 ARG 157 157 ?   ?   ?   A . n 
A 1 158 LYS 158 158 ?   ?   ?   A . n 
A 1 159 LYS 159 159 ?   ?   ?   A . n 
A 1 160 SER 160 160 ?   ?   ?   A . n 
A 1 161 TYR 161 161 161 TYR ALA A . n 
A 1 162 HIS 162 162 162 HIS ALA A . n 
A 1 163 ALA 163 163 163 ALA ALA A . n 
A 1 164 GLU 164 164 164 GLU ALA A . n 
A 1 165 LEU 165 165 165 LEU ALA A . n 
A 1 166 MET 166 166 166 MET ALA A . n 
A 1 167 ARG 167 167 167 ARG ALA A . n 
A 1 168 GLU 168 168 168 GLU ALA A . n 
A 1 169 LEU 169 169 169 LEU ALA A . n 
A 1 170 GLU 170 170 170 GLU ALA A . n 
A 1 171 GLN 171 171 171 GLN ALA A . n 
A 1 172 LYS 172 172 172 LYS ALA A . n 
A 1 173 GLU 173 173 173 GLU ALA A . n 
A 1 174 GLU 174 174 174 GLU ALA A . n 
A 1 175 SER 175 175 175 SER SER A . n 
A 1 176 ILE 176 176 176 ILE ILE A . n 
A 1 177 LYS 177 177 177 LYS LYS A . n 
A 1 178 ALA 178 178 178 ALA ALA A . n 
A 1 179 VAL 179 179 179 VAL VAL A . n 
A 1 180 GLN 180 180 180 GLN GLN A . n 
A 1 181 GLU 181 181 181 GLU ALA A . n 
A 1 182 ILE 182 182 182 ILE ILE A . n 
A 1 183 ALA 183 183 183 ALA ALA A . n 
A 1 184 GLU 184 184 184 GLU GLU A . n 
A 1 185 GLN 185 185 185 GLN GLN A . n 
A 1 186 LEU 186 186 186 LEU LEU A . n 
A 1 187 LEU 187 187 187 LEU LEU A . n 
A 1 188 LEU 188 188 188 LEU LEU A . n 
A 1 189 GLU 189 189 189 GLU GLU A . n 
A 1 190 ASN 190 190 190 ASN ASN A . n 
A 1 191 HIS 191 191 191 HIS HIS A . n 
A 1 192 PRO 192 192 192 PRO PRO A . n 
A 1 193 ALA 193 193 193 ALA ALA A . n 
A 1 194 ARG 194 194 194 ARG ARG A . n 
A 1 195 LEU 195 195 195 LEU LEU A . n 
A 1 196 THR 196 196 196 THR THR A . n 
A 1 197 ILE 197 197 197 ILE ILE A . n 
A 1 198 GLU 198 198 198 GLU GLU A . n 
A 1 199 ALA 199 199 199 ALA ALA A . n 
A 1 200 TYR 200 200 200 TYR TYR A . n 
A 1 201 ARG 201 201 201 ARG ARG A . n 
A 1 202 ALA 202 202 202 ALA ALA A . n 
A 1 203 ALA 203 203 203 ALA ALA A . n 
A 1 204 MET 204 204 204 MET MET A . n 
A 1 205 GLN 205 205 205 GLN GLN A . n 
A 1 206 THR 206 206 206 THR THR A . n 
A 1 207 GLN 207 207 207 GLN GLN A . n 
A 1 208 TRP 208 208 208 TRP TRP A . n 
A 1 209 SER 209 209 209 SER SER A . n 
A 1 210 TRP 210 210 210 TRP TRP A . n 
A 1 211 ILE 211 211 211 ILE ILE A . n 
A 1 212 LEU 212 212 212 LEU LEU A . n 
A 1 213 GLN 213 213 213 GLN GLN A . n 
A 1 214 LEU 214 214 214 LEU LEU A . n 
A 1 215 CYS 215 215 215 CYS CYS A . n 
A 1 216 GLN 216 216 216 GLN GLN A . n 
A 1 217 CYS 217 217 ?   ?   ?   A . n 
A 1 218 VAL 218 218 ?   ?   ?   A . n 
A 1 219 GLU 219 219 ?   ?   ?   A . n 
A 1 220 GLN 220 220 ?   ?   ?   A . n 
A 1 221 HIS 221 221 ?   ?   ?   A . n 
A 1 222 ILE 222 222 ?   ?   ?   A . n 
A 1 223 GLN 223 223 ?   ?   ?   A . n 
A 1 224 GLU 224 224 ?   ?   ?   A . n 
# 
loop_
_pdbx_nonpoly_scheme.asym_id 
_pdbx_nonpoly_scheme.entity_id 
_pdbx_nonpoly_scheme.mon_id 
_pdbx_nonpoly_scheme.ndb_seq_num 
_pdbx_nonpoly_scheme.pdb_seq_num 
_pdbx_nonpoly_scheme.auth_seq_num 
_pdbx_nonpoly_scheme.pdb_mon_id 
_pdbx_nonpoly_scheme.auth_mon_id 
_pdbx_nonpoly_scheme.pdb_strand_id 
_pdbx_nonpoly_scheme.pdb_ins_code 
B 2 SO4 1  225 4  SO4 SO4 A . 
C 2 SO4 1  226 1  SO4 SO4 A . 
D 3 HOH 1  227 1  HOH HOH A . 
D 3 HOH 2  228 57 HOH HOH A . 
D 3 HOH 3  229 58 HOH HOH A . 
D 3 HOH 4  230 59 HOH HOH A . 
D 3 HOH 5  231 67 HOH HOH A . 
D 3 HOH 6  232 74 HOH HOH A . 
D 3 HOH 7  233 82 HOH HOH A . 
D 3 HOH 8  234 83 HOH HOH A . 
D 3 HOH 9  235 84 HOH HOH A . 
D 3 HOH 10 236 89 HOH HOH A . 
D 3 HOH 11 237 1  HOH HOH A . 
# 
loop_
_pdbx_unobs_or_zero_occ_atoms.id 
_pdbx_unobs_or_zero_occ_atoms.PDB_model_num 
_pdbx_unobs_or_zero_occ_atoms.polymer_flag 
_pdbx_unobs_or_zero_occ_atoms.occupancy_flag 
_pdbx_unobs_or_zero_occ_atoms.auth_asym_id 
_pdbx_unobs_or_zero_occ_atoms.auth_comp_id 
_pdbx_unobs_or_zero_occ_atoms.auth_seq_id 
_pdbx_unobs_or_zero_occ_atoms.PDB_ins_code 
_pdbx_unobs_or_zero_occ_atoms.auth_atom_id 
_pdbx_unobs_or_zero_occ_atoms.label_alt_id 
_pdbx_unobs_or_zero_occ_atoms.label_asym_id 
_pdbx_unobs_or_zero_occ_atoms.label_comp_id 
_pdbx_unobs_or_zero_occ_atoms.label_seq_id 
_pdbx_unobs_or_zero_occ_atoms.label_atom_id 
1  1 Y 1 A MET 26  ? CE  ? A MET 26  CE  
2  1 Y 1 A LYS 27  ? O   ? A LYS 27  O   
3  1 Y 1 A GLN 42  ? OE1 ? A GLN 42  OE1 
4  1 Y 1 A GLN 42  ? NE2 ? A GLN 42  NE2 
5  1 Y 1 A ARG 45  ? CD  ? A ARG 45  CD  
6  1 Y 1 A ARG 45  ? NE  ? A ARG 45  NE  
7  1 Y 1 A ARG 45  ? CZ  ? A ARG 45  CZ  
8  1 Y 1 A ARG 45  ? NH1 ? A ARG 45  NH1 
9  1 Y 1 A ARG 45  ? NH2 ? A ARG 45  NH2 
10 1 Y 1 A GLU 60  ? OE1 ? A GLU 60  OE1 
11 1 Y 1 A GLU 60  ? OE2 ? A GLU 60  OE2 
12 1 Y 1 A ASN 61  ? ND2 ? A ASN 61  ND2 
13 1 Y 1 A LYS 63  ? CG  ? A LYS 63  CG  
14 1 Y 1 A LYS 63  ? CD  ? A LYS 63  CD  
15 1 Y 1 A LYS 63  ? CE  ? A LYS 63  CE  
16 1 Y 1 A LYS 63  ? NZ  ? A LYS 63  NZ  
17 1 Y 1 A ARG 67  ? NH1 ? A ARG 67  NH1 
18 1 Y 1 A ARG 67  ? NH2 ? A ARG 67  NH2 
19 1 Y 1 A GLN 85  ? OE1 ? A GLN 85  OE1 
20 1 Y 1 A ARG 117 ? NH1 ? A ARG 117 NH1 
21 1 Y 1 A ARG 117 ? NH2 ? A ARG 117 NH2 
22 1 Y 1 A GLU 141 ? CG  ? A GLU 141 CG  
23 1 Y 1 A GLU 141 ? CD  ? A GLU 141 CD  
24 1 Y 1 A GLU 141 ? OE1 ? A GLU 141 OE1 
25 1 Y 1 A GLU 141 ? OE2 ? A GLU 141 OE2 
26 1 Y 1 A SER 142 ? OG  ? A SER 142 OG  
27 1 Y 1 A GLU 143 ? CG  ? A GLU 143 CG  
28 1 Y 1 A GLU 143 ? CD  ? A GLU 143 CD  
29 1 Y 1 A GLU 143 ? OE1 ? A GLU 143 OE1 
30 1 Y 1 A GLU 143 ? OE2 ? A GLU 143 OE2 
31 1 Y 1 A VAL 144 ? CG1 ? A VAL 144 CG1 
32 1 Y 1 A VAL 144 ? CG2 ? A VAL 144 CG2 
33 1 Y 1 A TYR 161 ? CG  ? A TYR 161 CG  
34 1 Y 1 A TYR 161 ? CD1 ? A TYR 161 CD1 
35 1 Y 1 A TYR 161 ? CD2 ? A TYR 161 CD2 
36 1 Y 1 A TYR 161 ? CE1 ? A TYR 161 CE1 
37 1 Y 1 A TYR 161 ? CE2 ? A TYR 161 CE2 
38 1 Y 1 A TYR 161 ? CZ  ? A TYR 161 CZ  
39 1 Y 1 A TYR 161 ? OH  ? A TYR 161 OH  
40 1 Y 1 A HIS 162 ? CG  ? A HIS 162 CG  
41 1 Y 1 A HIS 162 ? ND1 ? A HIS 162 ND1 
42 1 Y 1 A HIS 162 ? CD2 ? A HIS 162 CD2 
43 1 Y 1 A HIS 162 ? CE1 ? A HIS 162 CE1 
44 1 Y 1 A HIS 162 ? NE2 ? A HIS 162 NE2 
45 1 Y 1 A GLU 164 ? CG  ? A GLU 164 CG  
46 1 Y 1 A GLU 164 ? CD  ? A GLU 164 CD  
47 1 Y 1 A GLU 164 ? OE1 ? A GLU 164 OE1 
48 1 Y 1 A GLU 164 ? OE2 ? A GLU 164 OE2 
49 1 Y 1 A LEU 165 ? CG  ? A LEU 165 CG  
50 1 Y 1 A LEU 165 ? CD1 ? A LEU 165 CD1 
51 1 Y 1 A LEU 165 ? CD2 ? A LEU 165 CD2 
52 1 Y 1 A MET 166 ? CG  ? A MET 166 CG  
53 1 Y 1 A MET 166 ? SD  ? A MET 166 SD  
54 1 Y 1 A MET 166 ? CE  ? A MET 166 CE  
55 1 Y 1 A ARG 167 ? CG  ? A ARG 167 CG  
56 1 Y 1 A ARG 167 ? CD  ? A ARG 167 CD  
57 1 Y 1 A ARG 167 ? NE  ? A ARG 167 NE  
58 1 Y 1 A ARG 167 ? CZ  ? A ARG 167 CZ  
59 1 Y 1 A ARG 167 ? NH1 ? A ARG 167 NH1 
60 1 Y 1 A ARG 167 ? NH2 ? A ARG 167 NH2 
61 1 Y 1 A GLU 168 ? CG  ? A GLU 168 CG  
62 1 Y 1 A GLU 168 ? CD  ? A GLU 168 CD  
63 1 Y 1 A GLU 168 ? OE1 ? A GLU 168 OE1 
64 1 Y 1 A GLU 168 ? OE2 ? A GLU 168 OE2 
65 1 Y 1 A LEU 169 ? CG  ? A LEU 169 CG  
66 1 Y 1 A LEU 169 ? CD1 ? A LEU 169 CD1 
67 1 Y 1 A LEU 169 ? CD2 ? A LEU 169 CD2 
68 1 Y 1 A GLU 170 ? CG  ? A GLU 170 CG  
69 1 Y 1 A GLU 170 ? CD  ? A GLU 170 CD  
70 1 Y 1 A GLU 170 ? OE1 ? A GLU 170 OE1 
71 1 Y 1 A GLU 170 ? OE2 ? A GLU 170 OE2 
72 1 Y 1 A GLN 171 ? CG  ? A GLN 171 CG  
73 1 Y 1 A GLN 171 ? CD  ? A GLN 171 CD  
74 1 Y 1 A GLN 171 ? OE1 ? A GLN 171 OE1 
75 1 Y 1 A GLN 171 ? NE2 ? A GLN 171 NE2 
76 1 Y 1 A LYS 172 ? CG  ? A LYS 172 CG  
77 1 Y 1 A LYS 172 ? CD  ? A LYS 172 CD  
78 1 Y 1 A LYS 172 ? CE  ? A LYS 172 CE  
79 1 Y 1 A LYS 172 ? NZ  ? A LYS 172 NZ  
80 1 Y 1 A GLU 173 ? CG  ? A GLU 173 CG  
81 1 Y 1 A GLU 173 ? CD  ? A GLU 173 CD  
82 1 Y 1 A GLU 173 ? OE1 ? A GLU 173 OE1 
83 1 Y 1 A GLU 173 ? OE2 ? A GLU 173 OE2 
84 1 Y 1 A GLU 174 ? CG  ? A GLU 174 CG  
85 1 Y 1 A GLU 174 ? CD  ? A GLU 174 CD  
86 1 Y 1 A GLU 174 ? OE1 ? A GLU 174 OE1 
87 1 Y 1 A GLU 174 ? OE2 ? A GLU 174 OE2 
88 1 Y 1 A LYS 177 ? NZ  ? A LYS 177 NZ  
89 1 Y 1 A GLU 181 ? CG  ? A GLU 181 CG  
90 1 Y 1 A GLU 181 ? CD  ? A GLU 181 CD  
91 1 Y 1 A GLU 181 ? OE1 ? A GLU 181 OE1 
92 1 Y 1 A GLU 181 ? OE2 ? A GLU 181 OE2 
93 1 Y 1 A ARG 194 ? NE  ? A ARG 194 NE  
94 1 Y 1 A GLN 216 ? O   ? A GLN 216 O   
# 
loop_
_software.name 
_software.classification 
_software.version 
_software.citation_id 
_software.pdbx_ordinal 
REFMAC refinement        5.2.0016 ? 1 
CBASS  'data collection' .        ? 2 
XDS    'data reduction'  .        ? 3 
XDS    'data scaling'    .        ? 4 
SHELXS phasing           .        ? 5 
# 
_cell.entry_id           2IAK 
_cell.length_a           195.800 
_cell.length_b           195.800 
_cell.length_c           195.800 
_cell.angle_alpha        90.00 
_cell.angle_beta         90.00 
_cell.angle_gamma        90.00 
_cell.Z_PDB              48 
_cell.pdbx_unique_axis   ? 
_cell.length_a_esd       ? 
_cell.length_b_esd       ? 
_cell.length_c_esd       ? 
_cell.angle_alpha_esd    ? 
_cell.angle_beta_esd     ? 
_cell.angle_gamma_esd    ? 
# 
_symmetry.entry_id                         2IAK 
_symmetry.space_group_name_H-M             'I 41 3 2' 
_symmetry.pdbx_full_space_group_name_H-M   ? 
_symmetry.cell_setting                     ? 
_symmetry.Int_Tables_number                214 
_symmetry.space_group_name_Hall            ? 
# 
_exptl.entry_id          2IAK 
_exptl.method            'X-RAY DIFFRACTION' 
_exptl.crystals_number   1 
# 
_exptl_crystal.id                    1 
_exptl_crystal.density_meas          ? 
_exptl_crystal.density_Matthews      5.89 
_exptl_crystal.density_percent_sol   79.11 
_exptl_crystal.description           ? 
_exptl_crystal.F_000                 ? 
_exptl_crystal.preparation           ? 
# 
_exptl_crystal_grow.crystal_id      1 
_exptl_crystal_grow.method          'VAPOR DIFFUSION, HANGING DROP' 
_exptl_crystal_grow.temp            273 
_exptl_crystal_grow.temp_details    ? 
_exptl_crystal_grow.pH              9.2 
_exptl_crystal_grow.pdbx_details    '1.6M ammonium sulphate, 50mM CAPSO, pH 9.2, VAPOR DIFFUSION, HANGING DROP, temperature 273K' 
_exptl_crystal_grow.pdbx_pH_range   . 
# 
_diffrn.id                     1 
_diffrn.ambient_temp           ? 
_diffrn.ambient_temp_details   ? 
_diffrn.crystal_id             1 
# 
_diffrn_detector.diffrn_id              1 
_diffrn_detector.detector               CCD 
_diffrn_detector.type                   'ADSC QUANTUM 315' 
_diffrn_detector.pdbx_collection_date   2005-10-27 
_diffrn_detector.details                ? 
# 
_diffrn_radiation.diffrn_id                        1 
_diffrn_radiation.wavelength_id                    1 
_diffrn_radiation.pdbx_monochromatic_or_laue_m_l   M 
_diffrn_radiation.monochromator                    ? 
_diffrn_radiation.pdbx_diffrn_protocol             'SINGLE WAVELENGTH' 
_diffrn_radiation.pdbx_scattering_type             x-ray 
# 
_diffrn_radiation_wavelength.id           1 
_diffrn_radiation_wavelength.wavelength   0.9791 
_diffrn_radiation_wavelength.wt           1.0 
# 
_diffrn_source.diffrn_id                   1 
_diffrn_source.source                      SYNCHROTRON 
_diffrn_source.type                        'NSLS BEAMLINE X29A' 
_diffrn_source.pdbx_synchrotron_site       NSLS 
_diffrn_source.pdbx_synchrotron_beamline   X29A 
_diffrn_source.pdbx_wavelength             ? 
_diffrn_source.pdbx_wavelength_list        0.9791 
# 
_reflns.entry_id                     2IAK 
_reflns.observed_criterion_sigma_F   ? 
_reflns.observed_criterion_sigma_I   -3 
_reflns.d_resolution_high            3.0 
_reflns.d_resolution_low             20 
_reflns.number_all                   24211 
_reflns.number_obs                   24299 
_reflns.percent_possible_obs         99.6 
_reflns.pdbx_Rmerge_I_obs            ? 
_reflns.pdbx_Rsym_value              ? 
_reflns.pdbx_netI_over_sigmaI        ? 
_reflns.B_iso_Wilson_estimate        ? 
_reflns.pdbx_redundancy              ? 
_reflns.R_free_details               ? 
_reflns.limit_h_max                  ? 
_reflns.limit_h_min                  ? 
_reflns.limit_k_max                  ? 
_reflns.limit_k_min                  ? 
_reflns.limit_l_max                  ? 
_reflns.limit_l_min                  ? 
_reflns.observed_criterion_F_max     ? 
_reflns.observed_criterion_F_min     ? 
_reflns.pdbx_chi_squared             ? 
_reflns.pdbx_scaling_rejects         ? 
_reflns.pdbx_ordinal                 1 
_reflns.pdbx_diffrn_id               1 
# 
_reflns_shell.d_res_high             3 
_reflns_shell.d_res_low              3.18 
_reflns_shell.percent_possible_all   99.6 
_reflns_shell.Rmerge_I_obs           ? 
_reflns_shell.pdbx_Rsym_value        ? 
_reflns_shell.meanI_over_sigI_obs    ? 
_reflns_shell.pdbx_redundancy        ? 
_reflns_shell.percent_possible_obs   ? 
_reflns_shell.number_unique_all      ? 
_reflns_shell.number_measured_all    ? 
_reflns_shell.number_measured_obs    ? 
_reflns_shell.number_unique_obs      ? 
_reflns_shell.pdbx_chi_squared       ? 
_reflns_shell.pdbx_ordinal           1 
_reflns_shell.pdbx_diffrn_id         1 
# 
_refine.entry_id                                 2IAK 
_refine.ls_number_reflns_obs                     12428 
_refine.ls_number_reflns_all                     24211 
_refine.pdbx_ls_sigma_I                          ? 
_refine.pdbx_ls_sigma_F                          ? 
_refine.pdbx_data_cutoff_high_absF               ? 
_refine.pdbx_data_cutoff_low_absF                ? 
_refine.pdbx_data_cutoff_high_rms_absF           ? 
_refine.ls_d_res_low                             20.00 
_refine.ls_d_res_high                            3.00 
_refine.ls_percent_reflns_obs                    99.68 
_refine.ls_R_factor_obs                          0.22819 
_refine.ls_R_factor_all                          0.226 
_refine.ls_R_factor_R_work                       0.2263 
_refine.ls_R_factor_R_free                       0.26655 
_refine.ls_R_factor_R_free_error                 ? 
_refine.ls_R_factor_R_free_error_details         ? 
_refine.ls_percent_reflns_R_free                 4.9 
_refine.ls_number_reflns_R_free                  647 
_refine.ls_number_parameters                     ? 
_refine.ls_number_restraints                     ? 
_refine.occupancy_min                            ? 
_refine.occupancy_max                            ? 
_refine.correlation_coeff_Fo_to_Fc               0.918 
_refine.correlation_coeff_Fo_to_Fc_free          0.885 
_refine.B_iso_mean                               41.221 
_refine.aniso_B[1][1]                            ? 
_refine.aniso_B[2][2]                            ? 
_refine.aniso_B[3][3]                            ? 
_refine.aniso_B[1][2]                            ? 
_refine.aniso_B[1][3]                            ? 
_refine.aniso_B[2][3]                            ? 
_refine.solvent_model_details                    MASK 
_refine.solvent_model_param_ksol                 ? 
_refine.solvent_model_param_bsol                 ? 
_refine.pdbx_solvent_vdw_probe_radii             1.20 
_refine.pdbx_solvent_ion_probe_radii             0.80 
_refine.pdbx_solvent_shrinkage_radii             0.80 
_refine.pdbx_ls_cross_valid_method               THROUGHOUT 
_refine.details                                  'HYDROGENS HAVE BEEN ADDED IN THE RIDING POSITIONS' 
_refine.pdbx_starting_model                      ? 
_refine.pdbx_method_to_determine_struct          SAD 
_refine.pdbx_isotropic_thermal_model             ? 
_refine.pdbx_stereochemistry_target_values       'MAXIMUM LIKELIHOOD' 
_refine.pdbx_stereochem_target_val_spec_case     ? 
_refine.pdbx_R_Free_selection_details            RANDOM 
_refine.pdbx_overall_ESU_R                       0.313 
_refine.pdbx_overall_ESU_R_Free                  0.290 
_refine.overall_SU_ML                            0.211 
_refine.overall_SU_B                             24.914 
_refine.ls_redundancy_reflns_obs                 ? 
_refine.B_iso_min                                ? 
_refine.B_iso_max                                ? 
_refine.overall_SU_R_Cruickshank_DPI             ? 
_refine.overall_SU_R_free                        ? 
_refine.ls_wR_factor_R_free                      ? 
_refine.ls_wR_factor_R_work                      ? 
_refine.overall_FOM_free_R_set                   ? 
_refine.overall_FOM_work_R_set                   ? 
_refine.pdbx_refine_id                           'X-RAY DIFFRACTION' 
_refine.pdbx_TLS_residual_ADP_flag               'LIKELY RESIDUAL' 
_refine.pdbx_diffrn_id                           1 
_refine.pdbx_overall_phase_error                 ? 
_refine.pdbx_overall_SU_R_free_Cruickshank_DPI   ? 
_refine.pdbx_overall_SU_R_Blow_DPI               ? 
_refine.pdbx_overall_SU_R_free_Blow_DPI          ? 
# 
_refine_hist.pdbx_refine_id                   'X-RAY DIFFRACTION' 
_refine_hist.cycle_id                         LAST 
_refine_hist.pdbx_number_atoms_protein        1550 
_refine_hist.pdbx_number_atoms_nucleic_acid   0 
_refine_hist.pdbx_number_atoms_ligand         10 
_refine_hist.number_atoms_solvent             11 
_refine_hist.number_atoms_total               1571 
_refine_hist.d_res_high                       3.00 
_refine_hist.d_res_low                        20.00 
# 
loop_
_refine_ls_restr.type 
_refine_ls_restr.dev_ideal 
_refine_ls_restr.dev_ideal_target 
_refine_ls_restr.weight 
_refine_ls_restr.number 
_refine_ls_restr.pdbx_refine_id 
_refine_ls_restr.pdbx_restraint_function 
r_bond_refined_d             0.018  0.021  ? 1584 'X-RAY DIFFRACTION' ? 
r_bond_other_d               ?      ?      ? ?    'X-RAY DIFFRACTION' ? 
r_angle_refined_deg          1.890  1.948  ? 2145 'X-RAY DIFFRACTION' ? 
r_angle_other_deg            ?      ?      ? ?    'X-RAY DIFFRACTION' ? 
r_dihedral_angle_1_deg       8.239  5.000  ? 196  'X-RAY DIFFRACTION' ? 
r_dihedral_angle_2_deg       40.889 26.111 ? 72   'X-RAY DIFFRACTION' ? 
r_dihedral_angle_3_deg       23.238 15.000 ? 282  'X-RAY DIFFRACTION' ? 
r_dihedral_angle_4_deg       16.057 15.000 ? 7    'X-RAY DIFFRACTION' ? 
r_chiral_restr               0.137  0.200  ? 250  'X-RAY DIFFRACTION' ? 
r_gen_planes_refined         0.006  0.020  ? 1158 'X-RAY DIFFRACTION' ? 
r_gen_planes_other           ?      ?      ? ?    'X-RAY DIFFRACTION' ? 
r_nbd_refined                0.298  0.200  ? 823  'X-RAY DIFFRACTION' ? 
r_nbd_other                  ?      ?      ? ?    'X-RAY DIFFRACTION' ? 
r_nbtor_refined              0.324  0.200  ? 1114 'X-RAY DIFFRACTION' ? 
r_nbtor_other                ?      ?      ? ?    'X-RAY DIFFRACTION' ? 
r_xyhbond_nbd_refined        0.156  0.200  ? 59   'X-RAY DIFFRACTION' ? 
r_xyhbond_nbd_other          ?      ?      ? ?    'X-RAY DIFFRACTION' ? 
r_metal_ion_refined          ?      ?      ? ?    'X-RAY DIFFRACTION' ? 
r_metal_ion_other            ?      ?      ? ?    'X-RAY DIFFRACTION' ? 
r_symmetry_vdw_refined       0.192  0.200  ? 26   'X-RAY DIFFRACTION' ? 
r_symmetry_vdw_other         ?      ?      ? ?    'X-RAY DIFFRACTION' ? 
r_symmetry_hbond_refined     0.166  0.200  ? 2    'X-RAY DIFFRACTION' ? 
r_symmetry_hbond_other       ?      ?      ? ?    'X-RAY DIFFRACTION' ? 
r_symmetry_metal_ion_refined ?      ?      ? ?    'X-RAY DIFFRACTION' ? 
r_symmetry_metal_ion_other   ?      ?      ? ?    'X-RAY DIFFRACTION' ? 
r_mcbond_it                  ?      ?      ? ?    'X-RAY DIFFRACTION' ? 
r_mcbond_other               ?      ?      ? ?    'X-RAY DIFFRACTION' ? 
r_mcangle_it                 ?      ?      ? ?    'X-RAY DIFFRACTION' ? 
r_scbond_it                  ?      ?      ? ?    'X-RAY DIFFRACTION' ? 
r_scangle_it                 ?      ?      ? ?    'X-RAY DIFFRACTION' ? 
r_rigid_bond_restr           ?      ?      ? ?    'X-RAY DIFFRACTION' ? 
r_sphericity_free            ?      ?      ? ?    'X-RAY DIFFRACTION' ? 
r_sphericity_bonded          ?      ?      ? ?    'X-RAY DIFFRACTION' ? 
# 
_refine_ls_shell.pdbx_total_number_of_bins_used   20 
_refine_ls_shell.d_res_high                       3.00 
_refine_ls_shell.d_res_low                        ? 
_refine_ls_shell.number_reflns_R_work             892 
_refine_ls_shell.R_factor_R_work                  ? 
_refine_ls_shell.percent_reflns_obs               ? 
_refine_ls_shell.R_factor_R_free                  ? 
_refine_ls_shell.R_factor_R_free_error            ? 
_refine_ls_shell.percent_reflns_R_free            ? 
_refine_ls_shell.number_reflns_R_free             ? 
_refine_ls_shell.number_reflns_all                ? 
_refine_ls_shell.R_factor_all                     ? 
_refine_ls_shell.number_reflns_obs                ? 
_refine_ls_shell.redundancy_reflns_obs            ? 
_refine_ls_shell.pdbx_refine_id                   'X-RAY DIFFRACTION' 
# 
_struct.entry_id                  2IAK 
_struct.title                     
'Crystal Structure of a protease resistant fragment of the plakin domain of Bullous Pemphigoid Antigen1 (BPAG1)' 
_struct.pdbx_model_details        ? 
_struct.pdbx_CASP_flag            ? 
_struct.pdbx_model_type_details   ? 
# 
_struct_keywords.entry_id        2IAK 
_struct_keywords.pdbx_keywords   'CELL ADHESION' 
_struct_keywords.text            'Triple helical bundle, spectrin repeat, CELL ADHESION' 
# 
loop_
_struct_asym.id 
_struct_asym.pdbx_blank_PDB_chainid_flag 
_struct_asym.pdbx_modified 
_struct_asym.entity_id 
_struct_asym.details 
A N N 1 ? 
B N N 2 ? 
C N N 2 ? 
D N N 3 ? 
# 
_struct_ref.id                         1 
_struct_ref.db_name                    UNP 
_struct_ref.db_code                    BPAEA_MOUSE 
_struct_ref.pdbx_db_accession          Q91ZU8 
_struct_ref.entity_id                  1 
_struct_ref.pdbx_seq_one_letter_code   
;KLMQIRKPLLKSSLLDQNLTEEEVNMKFVQDLLNWVDEMQVQLDRTEWGSDLPSVESHLENHKNVHRAIEEFESSLKEAK
ISEIQMTAPLKLSYTDKLHRLESQYAKLLNTSRNQERHLDTLHNFVTRATNELIWLNEKEESEVAYDWSERNSSVARKKS
YHVELMRELEQKEESIKAVQEIAEQLLLENHPARLTIEAYRAAMQTQWSWILQLCQCVEQHIQE
;
_struct_ref.pdbx_align_begin           226 
_struct_ref.pdbx_db_isoform            ? 
# 
_struct_ref_seq.align_id                      1 
_struct_ref_seq.ref_id                        1 
_struct_ref_seq.pdbx_PDB_id_code              2IAK 
_struct_ref_seq.pdbx_strand_id                A 
_struct_ref_seq.seq_align_beg                 1 
_struct_ref_seq.pdbx_seq_align_beg_ins_code   ? 
_struct_ref_seq.seq_align_end                 224 
_struct_ref_seq.pdbx_seq_align_end_ins_code   ? 
_struct_ref_seq.pdbx_db_accession             Q91ZU8 
_struct_ref_seq.db_align_beg                  226 
_struct_ref_seq.pdbx_db_align_beg_ins_code    ? 
_struct_ref_seq.db_align_end                  449 
_struct_ref_seq.pdbx_db_align_end_ins_code    ? 
_struct_ref_seq.pdbx_auth_seq_align_beg       1 
_struct_ref_seq.pdbx_auth_seq_align_end       224 
# 
_struct_ref_seq_dif.align_id                     1 
_struct_ref_seq_dif.pdbx_pdb_id_code             2IAK 
_struct_ref_seq_dif.mon_id                       ALA 
_struct_ref_seq_dif.pdbx_pdb_strand_id           A 
_struct_ref_seq_dif.seq_num                      163 
_struct_ref_seq_dif.pdbx_pdb_ins_code            ? 
_struct_ref_seq_dif.pdbx_seq_db_name             UNP 
_struct_ref_seq_dif.pdbx_seq_db_accession_code   Q91ZU8 
_struct_ref_seq_dif.db_mon_id                    VAL 
_struct_ref_seq_dif.pdbx_seq_db_seq_num          388 
_struct_ref_seq_dif.details                      'engineered mutation' 
_struct_ref_seq_dif.pdbx_auth_seq_num            163 
_struct_ref_seq_dif.pdbx_ordinal                 1 
# 
loop_
_pdbx_struct_assembly.id 
_pdbx_struct_assembly.details 
_pdbx_struct_assembly.method_details 
_pdbx_struct_assembly.oligomeric_details 
_pdbx_struct_assembly.oligomeric_count 
1 author_defined_assembly   ?    monomeric 1 
2 software_defined_assembly PISA hexameric 6 
3 software_defined_assembly PQS  trimeric  3 
# 
loop_
_pdbx_struct_assembly_prop.biol_id 
_pdbx_struct_assembly_prop.type 
_pdbx_struct_assembly_prop.value 
_pdbx_struct_assembly_prop.details 
2 'ABSA (A^2)' 11020 ? 
2 MORE         -224  ? 
2 'SSA (A^2)'  60370 ? 
# 
loop_
_pdbx_struct_assembly_gen.assembly_id 
_pdbx_struct_assembly_gen.oper_expression 
_pdbx_struct_assembly_gen.asym_id_list 
1 1           A,B,C,D 
2 1,2,3,4,5,6 A,B,C,D 
3 1,2,3       A,B,C,D 
# 
loop_
_pdbx_struct_oper_list.id 
_pdbx_struct_oper_list.type 
_pdbx_struct_oper_list.name 
_pdbx_struct_oper_list.symmetry_operation 
_pdbx_struct_oper_list.matrix[1][1] 
_pdbx_struct_oper_list.matrix[1][2] 
_pdbx_struct_oper_list.matrix[1][3] 
_pdbx_struct_oper_list.vector[1] 
_pdbx_struct_oper_list.matrix[2][1] 
_pdbx_struct_oper_list.matrix[2][2] 
_pdbx_struct_oper_list.matrix[2][3] 
_pdbx_struct_oper_list.vector[2] 
_pdbx_struct_oper_list.matrix[3][1] 
_pdbx_struct_oper_list.matrix[3][2] 
_pdbx_struct_oper_list.matrix[3][3] 
_pdbx_struct_oper_list.vector[3] 
1 'identity operation'         1_555  x,y,z                1.0000000000  0.0000000000  0.0000000000  0.0000000000  0.0000000000  1.0000000000  0.0000000000  0.0000000000   0.0000000000  0.0000000000  1.0000000000  0.0000000000  
2 'crystal symmetry operation' 7_555  -z+1/2,-x,y+1/2      0.1390143976  0.9570305614  -0.2544946007 25.1386844515 0.3693956900  0.1883282313  0.9099886271  -23.0104949262 0.9188154447  -0.2205107295 -0.3273426290 -2.4178649365 
3 'crystal symmetry operation' 10_545 -y,z-1/2,-x+1/2      0.1390143976  0.3693956900  0.9188154447  7.2269102214  0.9570305614  0.1883282313  -0.2205107295 -20.2581286432 -0.2544946007 0.9099886271  -0.3273426290 26.5454778838 
4 'crystal symmetry operation' 37_545 y+1/4,x-1/4,-z+3/4   0.1102545190  -0.7342543713 -0.6698615225 28.4439881430 -0.7342543713 -0.5144091084 0.4430054034  7.4747743563   -0.6698615225 0.4430054034  -0.5958454105 38.9508573806 
5 'crystal symmetry operation' 43_555 -x+1/4,-z+1/4,-y+1/4 -0.8713825473 0.1149477701  -0.4769480752 49.7308328766 0.1149477701  -0.8972690754 -0.4262572187 -0.2177336421  -0.4769480752 -0.4262572187 0.7686516227  13.3583200791 
6 'crystal symmetry operation' 46_445 z-1/4,-y-1/4,x+1/4   -0.5169007669 -0.7071196502 0.4824887537  26.3336129323 -0.7071196502 0.0350217212  -0.7062260823 24.3491399674  0.4824887537  -0.7062260823 -0.5181209542 9.3183666779  
# 
_struct_biol.id                    1 
_struct_biol.details               ? 
_struct_biol.pdbx_parent_biol_id   ? 
# 
loop_
_struct_conf.conf_type_id 
_struct_conf.id 
_struct_conf.pdbx_PDB_helix_id 
_struct_conf.beg_label_comp_id 
_struct_conf.beg_label_asym_id 
_struct_conf.beg_label_seq_id 
_struct_conf.pdbx_beg_PDB_ins_code 
_struct_conf.end_label_comp_id 
_struct_conf.end_label_asym_id 
_struct_conf.end_label_seq_id 
_struct_conf.pdbx_end_PDB_ins_code 
_struct_conf.beg_auth_comp_id 
_struct_conf.beg_auth_asym_id 
_struct_conf.beg_auth_seq_id 
_struct_conf.end_auth_comp_id 
_struct_conf.end_auth_asym_id 
_struct_conf.end_auth_seq_id 
_struct_conf.pdbx_PDB_helix_class 
_struct_conf.details 
_struct_conf.pdbx_PDB_helix_length 
HELX_P HELX_P1 1 LEU A 10  ? LEU A 15  ? LEU A 10  LEU A 15  5 ? 6  
HELX_P HELX_P2 2 THR A 20  ? ARG A 45  ? THR A 20  ARG A 45  1 ? 26 
HELX_P HELX_P3 3 ASP A 51  ? PHE A 72  ? ASP A 51  PHE A 72  1 ? 22 
HELX_P HELX_P4 4 PHE A 72  ? GLU A 83  ? PHE A 72  GLU A 83  1 ? 12 
HELX_P HELX_P5 5 ILE A 84  ? MET A 86  ? ILE A 84  MET A 86  5 ? 3  
HELX_P HELX_P6 6 LEU A 90  ? LEU A 108 ? LEU A 90  LEU A 108 1 ? 19 
HELX_P HELX_P7 7 ASN A 110 ? VAL A 144 ? ASN A 110 VAL A 144 1 ? 35 
HELX_P HELX_P8 8 GLU A 164 ? GLU A 189 ? GLU A 164 GLU A 189 1 ? 26 
HELX_P HELX_P9 9 ALA A 193 ? GLN A 216 ? ALA A 193 GLN A 216 1 ? 24 
# 
_struct_conf_type.id          HELX_P 
_struct_conf_type.criteria    ? 
_struct_conf_type.reference   ? 
# 
loop_
_struct_mon_prot_cis.pdbx_id 
_struct_mon_prot_cis.label_comp_id 
_struct_mon_prot_cis.label_seq_id 
_struct_mon_prot_cis.label_asym_id 
_struct_mon_prot_cis.label_alt_id 
_struct_mon_prot_cis.pdbx_PDB_ins_code 
_struct_mon_prot_cis.auth_comp_id 
_struct_mon_prot_cis.auth_seq_id 
_struct_mon_prot_cis.auth_asym_id 
_struct_mon_prot_cis.pdbx_label_comp_id_2 
_struct_mon_prot_cis.pdbx_label_seq_id_2 
_struct_mon_prot_cis.pdbx_label_asym_id_2 
_struct_mon_prot_cis.pdbx_PDB_ins_code_2 
_struct_mon_prot_cis.pdbx_auth_comp_id_2 
_struct_mon_prot_cis.pdbx_auth_seq_id_2 
_struct_mon_prot_cis.pdbx_auth_asym_id_2 
_struct_mon_prot_cis.pdbx_PDB_model_num 
_struct_mon_prot_cis.pdbx_omega_angle 
1 ALA 88  A . ? ALA 88  A PRO 89  A ? PRO 89  A 1 1.94   
2 TYR 161 A . ? TYR 161 A HIS 162 A ? HIS 162 A 1 -19.97 
# 
loop_
_struct_site.id 
_struct_site.pdbx_evidence_code 
_struct_site.pdbx_auth_asym_id 
_struct_site.pdbx_auth_comp_id 
_struct_site.pdbx_auth_seq_id 
_struct_site.pdbx_auth_ins_code 
_struct_site.pdbx_num_residues 
_struct_site.details 
AC1 Software A SO4 225 ? 4 'BINDING SITE FOR RESIDUE SO4 A 225' 
AC2 Software A SO4 226 ? 2 'BINDING SITE FOR RESIDUE SO4 A 226' 
# 
loop_
_struct_site_gen.id 
_struct_site_gen.site_id 
_struct_site_gen.pdbx_num_res 
_struct_site_gen.label_comp_id 
_struct_site_gen.label_asym_id 
_struct_site_gen.label_seq_id 
_struct_site_gen.pdbx_auth_ins_code 
_struct_site_gen.auth_comp_id 
_struct_site_gen.auth_asym_id 
_struct_site_gen.auth_seq_id 
_struct_site_gen.label_atom_id 
_struct_site_gen.label_alt_id 
_struct_site_gen.symmetry 
_struct_site_gen.details 
1 AC1 4 ALA A 88  ? ALA A 88  . ? 30_555 ? 
2 AC1 4 ILE A 176 ? ILE A 176 . ? 1_555  ? 
3 AC1 4 GLN A 205 ? GLN A 205 . ? 1_555  ? 
4 AC1 4 TRP A 208 ? TRP A 208 . ? 1_555  ? 
5 AC2 2 LYS A 97  ? LYS A 97  . ? 1_555  ? 
6 AC2 2 LYS A 97  ? LYS A 97  . ? 37_545 ? 
# 
loop_
_pdbx_validate_close_contact.id 
_pdbx_validate_close_contact.PDB_model_num 
_pdbx_validate_close_contact.auth_atom_id_1 
_pdbx_validate_close_contact.auth_asym_id_1 
_pdbx_validate_close_contact.auth_comp_id_1 
_pdbx_validate_close_contact.auth_seq_id_1 
_pdbx_validate_close_contact.PDB_ins_code_1 
_pdbx_validate_close_contact.label_alt_id_1 
_pdbx_validate_close_contact.auth_atom_id_2 
_pdbx_validate_close_contact.auth_asym_id_2 
_pdbx_validate_close_contact.auth_comp_id_2 
_pdbx_validate_close_contact.auth_seq_id_2 
_pdbx_validate_close_contact.PDB_ins_code_2 
_pdbx_validate_close_contact.label_alt_id_2 
_pdbx_validate_close_contact.dist 
1 1 O  A LEU 15  ? ? O   A GLN 17  ? ? 1.79 
2 1 CB A ASN 18  ? ? O   A HOH 237 ? ? 1.98 
3 1 O  A GLU 141 ? ? O   A VAL 144 ? ? 2.12 
4 1 O  A LEU 43  ? ? OG1 A THR 46  ? ? 2.12 
# 
loop_
_pdbx_validate_rmsd_bond.id 
_pdbx_validate_rmsd_bond.PDB_model_num 
_pdbx_validate_rmsd_bond.auth_atom_id_1 
_pdbx_validate_rmsd_bond.auth_asym_id_1 
_pdbx_validate_rmsd_bond.auth_comp_id_1 
_pdbx_validate_rmsd_bond.auth_seq_id_1 
_pdbx_validate_rmsd_bond.PDB_ins_code_1 
_pdbx_validate_rmsd_bond.label_alt_id_1 
_pdbx_validate_rmsd_bond.auth_atom_id_2 
_pdbx_validate_rmsd_bond.auth_asym_id_2 
_pdbx_validate_rmsd_bond.auth_comp_id_2 
_pdbx_validate_rmsd_bond.auth_seq_id_2 
_pdbx_validate_rmsd_bond.PDB_ins_code_2 
_pdbx_validate_rmsd_bond.label_alt_id_2 
_pdbx_validate_rmsd_bond.bond_value 
_pdbx_validate_rmsd_bond.bond_target_value 
_pdbx_validate_rmsd_bond.bond_deviation 
_pdbx_validate_rmsd_bond.bond_standard_deviation 
_pdbx_validate_rmsd_bond.linker_flag 
1 1 CD A GLN 216 ? ? OE1 A GLN 216 ? ? 1.413 1.235 0.178 0.022 N 
2 1 CD A GLN 216 ? ? NE2 A GLN 216 ? ? 1.581 1.324 0.257 0.025 N 
# 
loop_
_pdbx_validate_rmsd_angle.id 
_pdbx_validate_rmsd_angle.PDB_model_num 
_pdbx_validate_rmsd_angle.auth_atom_id_1 
_pdbx_validate_rmsd_angle.auth_asym_id_1 
_pdbx_validate_rmsd_angle.auth_comp_id_1 
_pdbx_validate_rmsd_angle.auth_seq_id_1 
_pdbx_validate_rmsd_angle.PDB_ins_code_1 
_pdbx_validate_rmsd_angle.label_alt_id_1 
_pdbx_validate_rmsd_angle.auth_atom_id_2 
_pdbx_validate_rmsd_angle.auth_asym_id_2 
_pdbx_validate_rmsd_angle.auth_comp_id_2 
_pdbx_validate_rmsd_angle.auth_seq_id_2 
_pdbx_validate_rmsd_angle.PDB_ins_code_2 
_pdbx_validate_rmsd_angle.label_alt_id_2 
_pdbx_validate_rmsd_angle.auth_atom_id_3 
_pdbx_validate_rmsd_angle.auth_asym_id_3 
_pdbx_validate_rmsd_angle.auth_comp_id_3 
_pdbx_validate_rmsd_angle.auth_seq_id_3 
_pdbx_validate_rmsd_angle.PDB_ins_code_3 
_pdbx_validate_rmsd_angle.label_alt_id_3 
_pdbx_validate_rmsd_angle.angle_value 
_pdbx_validate_rmsd_angle.angle_target_value 
_pdbx_validate_rmsd_angle.angle_deviation 
_pdbx_validate_rmsd_angle.angle_standard_deviation 
_pdbx_validate_rmsd_angle.linker_flag 
1 1 CB A ASP 16  ? ? CA A ASP 16  ? ? C  A ASP 16  ? ? 95.79  110.40 -14.61 2.00 N 
2 1 N  A GLN 17  ? ? CA A GLN 17  ? ? CB A GLN 17  ? ? 96.41  110.60 -14.19 1.80 N 
3 1 CA A LEU 108 ? ? CB A LEU 108 ? ? CG A LEU 108 ? ? 131.83 115.30 16.53  2.30 N 
4 1 CB A LEU 109 ? ? CA A LEU 109 ? ? C  A LEU 109 ? ? 92.40  110.20 -17.80 1.90 N 
5 1 N  A ASN 110 ? ? CA A ASN 110 ? ? C  A ASN 110 ? ? 92.90  111.00 -18.10 2.70 N 
6 1 CB A GLU 141 ? ? CA A GLU 141 ? ? C  A GLU 141 ? ? 91.19  110.40 -19.21 2.00 N 
7 1 CB A ALA 163 ? ? CA A ALA 163 ? ? C  A ALA 163 ? ? 90.52  110.10 -19.58 1.50 N 
8 1 N  A ALA 163 ? ? CA A ALA 163 ? ? C  A ALA 163 ? ? 147.39 111.00 36.39  2.70 N 
# 
loop_
_pdbx_validate_torsion.id 
_pdbx_validate_torsion.PDB_model_num 
_pdbx_validate_torsion.auth_comp_id 
_pdbx_validate_torsion.auth_asym_id 
_pdbx_validate_torsion.auth_seq_id 
_pdbx_validate_torsion.PDB_ins_code 
_pdbx_validate_torsion.label_alt_id 
_pdbx_validate_torsion.phi 
_pdbx_validate_torsion.psi 
1 1 SER A 13  ? ? -59.13  -7.42  
2 1 LEU A 109 ? ? 82.19   -11.49 
3 1 SER A 142 ? ? -142.84 -60.08 
4 1 HIS A 162 ? ? -134.67 -68.07 
5 1 ALA A 163 ? ? 76.22   -58.65 
6 1 LYS A 177 ? ? -68.91  15.72  
7 1 ALA A 178 ? ? -137.29 -56.64 
8 1 ALA A 193 ? ? -95.17  32.21  
# 
loop_
_pdbx_validate_peptide_omega.id 
_pdbx_validate_peptide_omega.PDB_model_num 
_pdbx_validate_peptide_omega.auth_comp_id_1 
_pdbx_validate_peptide_omega.auth_asym_id_1 
_pdbx_validate_peptide_omega.auth_seq_id_1 
_pdbx_validate_peptide_omega.PDB_ins_code_1 
_pdbx_validate_peptide_omega.label_alt_id_1 
_pdbx_validate_peptide_omega.auth_comp_id_2 
_pdbx_validate_peptide_omega.auth_asym_id_2 
_pdbx_validate_peptide_omega.auth_seq_id_2 
_pdbx_validate_peptide_omega.PDB_ins_code_2 
_pdbx_validate_peptide_omega.label_alt_id_2 
_pdbx_validate_peptide_omega.omega 
1 1 ASP A 16  ? ? GLN A 17  ? ? 126.11  
2 1 GLU A 141 ? ? SER A 142 ? ? -107.88 
3 1 SER A 142 ? ? GLU A 143 ? ? 121.25  
4 1 HIS A 162 ? ? ALA A 163 ? ? 33.74   
5 1 LYS A 177 ? ? ALA A 178 ? ? -141.38 
# 
loop_
_pdbx_refine_tls.pdbx_refine_id 
_pdbx_refine_tls.id 
_pdbx_refine_tls.details 
_pdbx_refine_tls.method 
_pdbx_refine_tls.origin_x 
_pdbx_refine_tls.origin_y 
_pdbx_refine_tls.origin_z 
_pdbx_refine_tls.T[1][1] 
_pdbx_refine_tls.T[2][2] 
_pdbx_refine_tls.T[3][3] 
_pdbx_refine_tls.T[1][2] 
_pdbx_refine_tls.T[1][3] 
_pdbx_refine_tls.T[2][3] 
_pdbx_refine_tls.L[1][1] 
_pdbx_refine_tls.L[2][2] 
_pdbx_refine_tls.L[3][3] 
_pdbx_refine_tls.L[1][2] 
_pdbx_refine_tls.L[1][3] 
_pdbx_refine_tls.L[2][3] 
_pdbx_refine_tls.S[1][1] 
_pdbx_refine_tls.S[2][2] 
_pdbx_refine_tls.S[3][3] 
_pdbx_refine_tls.S[1][2] 
_pdbx_refine_tls.S[1][3] 
_pdbx_refine_tls.S[2][3] 
_pdbx_refine_tls.S[2][1] 
_pdbx_refine_tls.S[3][1] 
_pdbx_refine_tls.S[3][2] 
'X-RAY DIFFRACTION' 1 ? refined 5.2253  0.8779  28.2400  -0.2213 0.1068  0.0612  0.0946 -0.0099 0.1586 8.0844  6.4939  31.0126 -4.4520 -11.3098 7.1262   0.0084  -0.0533 0.0449 -0.4988 0.3274  -0.9917 0.1052  -0.1180 2.1301  
'X-RAY DIFFRACTION' 2 ? refined -2.6642 2.8261  16.1988  -0.0945 0.1432  -0.1501 0.2058 0.0019  0.0765 0.6177  0.2164  12.2349 -0.2445 -2.7224  1.2455   0.0892  -0.2250 0.1358 -0.0400 0.0170  -0.0015 -0.2893 -0.7820 0.0226  
'X-RAY DIFFRACTION' 3 ? refined 0.7609  -2.5137 -18.8429 0.0921  -0.1236 -0.1387 0.0204 -0.0444 0.0805 4.9768  3.9105  6.1873  -0.1316 1.6288   -2.1760  -0.1597 -0.0313 0.1910 0.2443  -0.4763 0.0987  -0.5262 0.5565  -0.4620 
'X-RAY DIFFRACTION' 4 ? refined 5.3654  -1.1545 -35.0765 0.5255  -0.0084 -0.1136 0.0761 -0.0326 0.0513 24.6026 27.2113 36.9930 22.5004 -14.4431 -13.9502 -1.0666 -0.2374 1.3040 1.7816  -0.9466 -1.3514 -2.6382 -0.1732 0.2011 
# 
loop_
_pdbx_refine_tls_group.pdbx_refine_id 
_pdbx_refine_tls_group.id 
_pdbx_refine_tls_group.refine_tls_id 
_pdbx_refine_tls_group.beg_auth_asym_id 
_pdbx_refine_tls_group.beg_auth_seq_id 
_pdbx_refine_tls_group.end_auth_asym_id 
_pdbx_refine_tls_group.end_auth_seq_id 
_pdbx_refine_tls_group.selection_details 
_pdbx_refine_tls_group.beg_label_asym_id 
_pdbx_refine_tls_group.beg_label_seq_id 
_pdbx_refine_tls_group.end_label_asym_id 
_pdbx_refine_tls_group.end_label_seq_id 
_pdbx_refine_tls_group.selection 
'X-RAY DIFFRACTION' 1 1 A 4   A 21  ? . . . . ? 
'X-RAY DIFFRACTION' 2 2 A 22  A 112 ? . . . . ? 
'X-RAY DIFFRACTION' 3 3 A 113 A 206 ? . . . . ? 
'X-RAY DIFFRACTION' 4 4 A 207 A 213 ? . . . . ? 
# 
loop_
_pdbx_unobs_or_zero_occ_residues.id 
_pdbx_unobs_or_zero_occ_residues.PDB_model_num 
_pdbx_unobs_or_zero_occ_residues.polymer_flag 
_pdbx_unobs_or_zero_occ_residues.occupancy_flag 
_pdbx_unobs_or_zero_occ_residues.auth_asym_id 
_pdbx_unobs_or_zero_occ_residues.auth_comp_id 
_pdbx_unobs_or_zero_occ_residues.auth_seq_id 
_pdbx_unobs_or_zero_occ_residues.PDB_ins_code 
_pdbx_unobs_or_zero_occ_residues.label_asym_id 
_pdbx_unobs_or_zero_occ_residues.label_comp_id 
_pdbx_unobs_or_zero_occ_residues.label_seq_id 
1  1 Y 1 A LYS 1   ? A LYS 1   
2  1 Y 1 A LEU 2   ? A LEU 2   
3  1 Y 1 A MET 3   ? A MET 3   
4  1 Y 1 A TYR 146 ? A TYR 146 
5  1 Y 1 A ASP 147 ? A ASP 147 
6  1 Y 1 A TRP 148 ? A TRP 148 
7  1 Y 1 A SER 149 ? A SER 149 
8  1 Y 1 A GLU 150 ? A GLU 150 
9  1 Y 1 A ARG 151 ? A ARG 151 
10 1 Y 1 A ASN 152 ? A ASN 152 
11 1 Y 1 A SER 153 ? A SER 153 
12 1 Y 1 A SER 154 ? A SER 154 
13 1 Y 1 A VAL 155 ? A VAL 155 
14 1 Y 1 A ALA 156 ? A ALA 156 
15 1 Y 1 A ARG 157 ? A ARG 157 
16 1 Y 1 A LYS 158 ? A LYS 158 
17 1 Y 1 A LYS 159 ? A LYS 159 
18 1 Y 1 A SER 160 ? A SER 160 
19 1 Y 1 A CYS 217 ? A CYS 217 
20 1 Y 1 A VAL 218 ? A VAL 218 
21 1 Y 1 A GLU 219 ? A GLU 219 
22 1 Y 1 A GLN 220 ? A GLN 220 
23 1 Y 1 A HIS 221 ? A HIS 221 
24 1 Y 1 A ILE 222 ? A ILE 222 
25 1 Y 1 A GLN 223 ? A GLN 223 
26 1 Y 1 A GLU 224 ? A GLU 224 
# 
loop_
_chem_comp_atom.comp_id 
_chem_comp_atom.atom_id 
_chem_comp_atom.type_symbol 
_chem_comp_atom.pdbx_aromatic_flag 
_chem_comp_atom.pdbx_stereo_config 
_chem_comp_atom.pdbx_ordinal 
ALA N    N N N 1   
ALA CA   C N S 2   
ALA C    C N N 3   
ALA O    O N N 4   
ALA CB   C N N 5   
ALA OXT  O N N 6   
ALA H    H N N 7   
ALA H2   H N N 8   
ALA HA   H N N 9   
ALA HB1  H N N 10  
ALA HB2  H N N 11  
ALA HB3  H N N 12  
ALA HXT  H N N 13  
ARG N    N N N 14  
ARG CA   C N S 15  
ARG C    C N N 16  
ARG O    O N N 17  
ARG CB   C N N 18  
ARG CG   C N N 19  
ARG CD   C N N 20  
ARG NE   N N N 21  
ARG CZ   C N N 22  
ARG NH1  N N N 23  
ARG NH2  N N N 24  
ARG OXT  O N N 25  
ARG H    H N N 26  
ARG H2   H N N 27  
ARG HA   H N N 28  
ARG HB2  H N N 29  
ARG HB3  H N N 30  
ARG HG2  H N N 31  
ARG HG3  H N N 32  
ARG HD2  H N N 33  
ARG HD3  H N N 34  
ARG HE   H N N 35  
ARG HH11 H N N 36  
ARG HH12 H N N 37  
ARG HH21 H N N 38  
ARG HH22 H N N 39  
ARG HXT  H N N 40  
ASN N    N N N 41  
ASN CA   C N S 42  
ASN C    C N N 43  
ASN O    O N N 44  
ASN CB   C N N 45  
ASN CG   C N N 46  
ASN OD1  O N N 47  
ASN ND2  N N N 48  
ASN OXT  O N N 49  
ASN H    H N N 50  
ASN H2   H N N 51  
ASN HA   H N N 52  
ASN HB2  H N N 53  
ASN HB3  H N N 54  
ASN HD21 H N N 55  
ASN HD22 H N N 56  
ASN HXT  H N N 57  
ASP N    N N N 58  
ASP CA   C N S 59  
ASP C    C N N 60  
ASP O    O N N 61  
ASP CB   C N N 62  
ASP CG   C N N 63  
ASP OD1  O N N 64  
ASP OD2  O N N 65  
ASP OXT  O N N 66  
ASP H    H N N 67  
ASP H2   H N N 68  
ASP HA   H N N 69  
ASP HB2  H N N 70  
ASP HB3  H N N 71  
ASP HD2  H N N 72  
ASP HXT  H N N 73  
CYS N    N N N 74  
CYS CA   C N R 75  
CYS C    C N N 76  
CYS O    O N N 77  
CYS CB   C N N 78  
CYS SG   S N N 79  
CYS OXT  O N N 80  
CYS H    H N N 81  
CYS H2   H N N 82  
CYS HA   H N N 83  
CYS HB2  H N N 84  
CYS HB3  H N N 85  
CYS HG   H N N 86  
CYS HXT  H N N 87  
GLN N    N N N 88  
GLN CA   C N S 89  
GLN C    C N N 90  
GLN O    O N N 91  
GLN CB   C N N 92  
GLN CG   C N N 93  
GLN CD   C N N 94  
GLN OE1  O N N 95  
GLN NE2  N N N 96  
GLN OXT  O N N 97  
GLN H    H N N 98  
GLN H2   H N N 99  
GLN HA   H N N 100 
GLN HB2  H N N 101 
GLN HB3  H N N 102 
GLN HG2  H N N 103 
GLN HG3  H N N 104 
GLN HE21 H N N 105 
GLN HE22 H N N 106 
GLN HXT  H N N 107 
GLU N    N N N 108 
GLU CA   C N S 109 
GLU C    C N N 110 
GLU O    O N N 111 
GLU CB   C N N 112 
GLU CG   C N N 113 
GLU CD   C N N 114 
GLU OE1  O N N 115 
GLU OE2  O N N 116 
GLU OXT  O N N 117 
GLU H    H N N 118 
GLU H2   H N N 119 
GLU HA   H N N 120 
GLU HB2  H N N 121 
GLU HB3  H N N 122 
GLU HG2  H N N 123 
GLU HG3  H N N 124 
GLU HE2  H N N 125 
GLU HXT  H N N 126 
GLY N    N N N 127 
GLY CA   C N N 128 
GLY C    C N N 129 
GLY O    O N N 130 
GLY OXT  O N N 131 
GLY H    H N N 132 
GLY H2   H N N 133 
GLY HA2  H N N 134 
GLY HA3  H N N 135 
GLY HXT  H N N 136 
HIS N    N N N 137 
HIS CA   C N S 138 
HIS C    C N N 139 
HIS O    O N N 140 
HIS CB   C N N 141 
HIS CG   C Y N 142 
HIS ND1  N Y N 143 
HIS CD2  C Y N 144 
HIS CE1  C Y N 145 
HIS NE2  N Y N 146 
HIS OXT  O N N 147 
HIS H    H N N 148 
HIS H2   H N N 149 
HIS HA   H N N 150 
HIS HB2  H N N 151 
HIS HB3  H N N 152 
HIS HD1  H N N 153 
HIS HD2  H N N 154 
HIS HE1  H N N 155 
HIS HE2  H N N 156 
HIS HXT  H N N 157 
HOH O    O N N 158 
HOH H1   H N N 159 
HOH H2   H N N 160 
ILE N    N N N 161 
ILE CA   C N S 162 
ILE C    C N N 163 
ILE O    O N N 164 
ILE CB   C N S 165 
ILE CG1  C N N 166 
ILE CG2  C N N 167 
ILE CD1  C N N 168 
ILE OXT  O N N 169 
ILE H    H N N 170 
ILE H2   H N N 171 
ILE HA   H N N 172 
ILE HB   H N N 173 
ILE HG12 H N N 174 
ILE HG13 H N N 175 
ILE HG21 H N N 176 
ILE HG22 H N N 177 
ILE HG23 H N N 178 
ILE HD11 H N N 179 
ILE HD12 H N N 180 
ILE HD13 H N N 181 
ILE HXT  H N N 182 
LEU N    N N N 183 
LEU CA   C N S 184 
LEU C    C N N 185 
LEU O    O N N 186 
LEU CB   C N N 187 
LEU CG   C N N 188 
LEU CD1  C N N 189 
LEU CD2  C N N 190 
LEU OXT  O N N 191 
LEU H    H N N 192 
LEU H2   H N N 193 
LEU HA   H N N 194 
LEU HB2  H N N 195 
LEU HB3  H N N 196 
LEU HG   H N N 197 
LEU HD11 H N N 198 
LEU HD12 H N N 199 
LEU HD13 H N N 200 
LEU HD21 H N N 201 
LEU HD22 H N N 202 
LEU HD23 H N N 203 
LEU HXT  H N N 204 
LYS N    N N N 205 
LYS CA   C N S 206 
LYS C    C N N 207 
LYS O    O N N 208 
LYS CB   C N N 209 
LYS CG   C N N 210 
LYS CD   C N N 211 
LYS CE   C N N 212 
LYS NZ   N N N 213 
LYS OXT  O N N 214 
LYS H    H N N 215 
LYS H2   H N N 216 
LYS HA   H N N 217 
LYS HB2  H N N 218 
LYS HB3  H N N 219 
LYS HG2  H N N 220 
LYS HG3  H N N 221 
LYS HD2  H N N 222 
LYS HD3  H N N 223 
LYS HE2  H N N 224 
LYS HE3  H N N 225 
LYS HZ1  H N N 226 
LYS HZ2  H N N 227 
LYS HZ3  H N N 228 
LYS HXT  H N N 229 
MET N    N N N 230 
MET CA   C N S 231 
MET C    C N N 232 
MET O    O N N 233 
MET CB   C N N 234 
MET CG   C N N 235 
MET SD   S N N 236 
MET CE   C N N 237 
MET OXT  O N N 238 
MET H    H N N 239 
MET H2   H N N 240 
MET HA   H N N 241 
MET HB2  H N N 242 
MET HB3  H N N 243 
MET HG2  H N N 244 
MET HG3  H N N 245 
MET HE1  H N N 246 
MET HE2  H N N 247 
MET HE3  H N N 248 
MET HXT  H N N 249 
PHE N    N N N 250 
PHE CA   C N S 251 
PHE C    C N N 252 
PHE O    O N N 253 
PHE CB   C N N 254 
PHE CG   C Y N 255 
PHE CD1  C Y N 256 
PHE CD2  C Y N 257 
PHE CE1  C Y N 258 
PHE CE2  C Y N 259 
PHE CZ   C Y N 260 
PHE OXT  O N N 261 
PHE H    H N N 262 
PHE H2   H N N 263 
PHE HA   H N N 264 
PHE HB2  H N N 265 
PHE HB3  H N N 266 
PHE HD1  H N N 267 
PHE HD2  H N N 268 
PHE HE1  H N N 269 
PHE HE2  H N N 270 
PHE HZ   H N N 271 
PHE HXT  H N N 272 
PRO N    N N N 273 
PRO CA   C N S 274 
PRO C    C N N 275 
PRO O    O N N 276 
PRO CB   C N N 277 
PRO CG   C N N 278 
PRO CD   C N N 279 
PRO OXT  O N N 280 
PRO H    H N N 281 
PRO HA   H N N 282 
PRO HB2  H N N 283 
PRO HB3  H N N 284 
PRO HG2  H N N 285 
PRO HG3  H N N 286 
PRO HD2  H N N 287 
PRO HD3  H N N 288 
PRO HXT  H N N 289 
SER N    N N N 290 
SER CA   C N S 291 
SER C    C N N 292 
SER O    O N N 293 
SER CB   C N N 294 
SER OG   O N N 295 
SER OXT  O N N 296 
SER H    H N N 297 
SER H2   H N N 298 
SER HA   H N N 299 
SER HB2  H N N 300 
SER HB3  H N N 301 
SER HG   H N N 302 
SER HXT  H N N 303 
SO4 S    S N N 304 
SO4 O1   O N N 305 
SO4 O2   O N N 306 
SO4 O3   O N N 307 
SO4 O4   O N N 308 
THR N    N N N 309 
THR CA   C N S 310 
THR C    C N N 311 
THR O    O N N 312 
THR CB   C N R 313 
THR OG1  O N N 314 
THR CG2  C N N 315 
THR OXT  O N N 316 
THR H    H N N 317 
THR H2   H N N 318 
THR HA   H N N 319 
THR HB   H N N 320 
THR HG1  H N N 321 
THR HG21 H N N 322 
THR HG22 H N N 323 
THR HG23 H N N 324 
THR HXT  H N N 325 
TRP N    N N N 326 
TRP CA   C N S 327 
TRP C    C N N 328 
TRP O    O N N 329 
TRP CB   C N N 330 
TRP CG   C Y N 331 
TRP CD1  C Y N 332 
TRP CD2  C Y N 333 
TRP NE1  N Y N 334 
TRP CE2  C Y N 335 
TRP CE3  C Y N 336 
TRP CZ2  C Y N 337 
TRP CZ3  C Y N 338 
TRP CH2  C Y N 339 
TRP OXT  O N N 340 
TRP H    H N N 341 
TRP H2   H N N 342 
TRP HA   H N N 343 
TRP HB2  H N N 344 
TRP HB3  H N N 345 
TRP HD1  H N N 346 
TRP HE1  H N N 347 
TRP HE3  H N N 348 
TRP HZ2  H N N 349 
TRP HZ3  H N N 350 
TRP HH2  H N N 351 
TRP HXT  H N N 352 
TYR N    N N N 353 
TYR CA   C N S 354 
TYR C    C N N 355 
TYR O    O N N 356 
TYR CB   C N N 357 
TYR CG   C Y N 358 
TYR CD1  C Y N 359 
TYR CD2  C Y N 360 
TYR CE1  C Y N 361 
TYR CE2  C Y N 362 
TYR CZ   C Y N 363 
TYR OH   O N N 364 
TYR OXT  O N N 365 
TYR H    H N N 366 
TYR H2   H N N 367 
TYR HA   H N N 368 
TYR HB2  H N N 369 
TYR HB3  H N N 370 
TYR HD1  H N N 371 
TYR HD2  H N N 372 
TYR HE1  H N N 373 
TYR HE2  H N N 374 
TYR HH   H N N 375 
TYR HXT  H N N 376 
VAL N    N N N 377 
VAL CA   C N S 378 
VAL C    C N N 379 
VAL O    O N N 380 
VAL CB   C N N 381 
VAL CG1  C N N 382 
VAL CG2  C N N 383 
VAL OXT  O N N 384 
VAL H    H N N 385 
VAL H2   H N N 386 
VAL HA   H N N 387 
VAL HB   H N N 388 
VAL HG11 H N N 389 
VAL HG12 H N N 390 
VAL HG13 H N N 391 
VAL HG21 H N N 392 
VAL HG22 H N N 393 
VAL HG23 H N N 394 
VAL HXT  H N N 395 
# 
loop_
_chem_comp_bond.comp_id 
_chem_comp_bond.atom_id_1 
_chem_comp_bond.atom_id_2 
_chem_comp_bond.value_order 
_chem_comp_bond.pdbx_aromatic_flag 
_chem_comp_bond.pdbx_stereo_config 
_chem_comp_bond.pdbx_ordinal 
ALA N   CA   sing N N 1   
ALA N   H    sing N N 2   
ALA N   H2   sing N N 3   
ALA CA  C    sing N N 4   
ALA CA  CB   sing N N 5   
ALA CA  HA   sing N N 6   
ALA C   O    doub N N 7   
ALA C   OXT  sing N N 8   
ALA CB  HB1  sing N N 9   
ALA CB  HB2  sing N N 10  
ALA CB  HB3  sing N N 11  
ALA OXT HXT  sing N N 12  
ARG N   CA   sing N N 13  
ARG N   H    sing N N 14  
ARG N   H2   sing N N 15  
ARG CA  C    sing N N 16  
ARG CA  CB   sing N N 17  
ARG CA  HA   sing N N 18  
ARG C   O    doub N N 19  
ARG C   OXT  sing N N 20  
ARG CB  CG   sing N N 21  
ARG CB  HB2  sing N N 22  
ARG CB  HB3  sing N N 23  
ARG CG  CD   sing N N 24  
ARG CG  HG2  sing N N 25  
ARG CG  HG3  sing N N 26  
ARG CD  NE   sing N N 27  
ARG CD  HD2  sing N N 28  
ARG CD  HD3  sing N N 29  
ARG NE  CZ   sing N N 30  
ARG NE  HE   sing N N 31  
ARG CZ  NH1  sing N N 32  
ARG CZ  NH2  doub N N 33  
ARG NH1 HH11 sing N N 34  
ARG NH1 HH12 sing N N 35  
ARG NH2 HH21 sing N N 36  
ARG NH2 HH22 sing N N 37  
ARG OXT HXT  sing N N 38  
ASN N   CA   sing N N 39  
ASN N   H    sing N N 40  
ASN N   H2   sing N N 41  
ASN CA  C    sing N N 42  
ASN CA  CB   sing N N 43  
ASN CA  HA   sing N N 44  
ASN C   O    doub N N 45  
ASN C   OXT  sing N N 46  
ASN CB  CG   sing N N 47  
ASN CB  HB2  sing N N 48  
ASN CB  HB3  sing N N 49  
ASN CG  OD1  doub N N 50  
ASN CG  ND2  sing N N 51  
ASN ND2 HD21 sing N N 52  
ASN ND2 HD22 sing N N 53  
ASN OXT HXT  sing N N 54  
ASP N   CA   sing N N 55  
ASP N   H    sing N N 56  
ASP N   H2   sing N N 57  
ASP CA  C    sing N N 58  
ASP CA  CB   sing N N 59  
ASP CA  HA   sing N N 60  
ASP C   O    doub N N 61  
ASP C   OXT  sing N N 62  
ASP CB  CG   sing N N 63  
ASP CB  HB2  sing N N 64  
ASP CB  HB3  sing N N 65  
ASP CG  OD1  doub N N 66  
ASP CG  OD2  sing N N 67  
ASP OD2 HD2  sing N N 68  
ASP OXT HXT  sing N N 69  
CYS N   CA   sing N N 70  
CYS N   H    sing N N 71  
CYS N   H2   sing N N 72  
CYS CA  C    sing N N 73  
CYS CA  CB   sing N N 74  
CYS CA  HA   sing N N 75  
CYS C   O    doub N N 76  
CYS C   OXT  sing N N 77  
CYS CB  SG   sing N N 78  
CYS CB  HB2  sing N N 79  
CYS CB  HB3  sing N N 80  
CYS SG  HG   sing N N 81  
CYS OXT HXT  sing N N 82  
GLN N   CA   sing N N 83  
GLN N   H    sing N N 84  
GLN N   H2   sing N N 85  
GLN CA  C    sing N N 86  
GLN CA  CB   sing N N 87  
GLN CA  HA   sing N N 88  
GLN C   O    doub N N 89  
GLN C   OXT  sing N N 90  
GLN CB  CG   sing N N 91  
GLN CB  HB2  sing N N 92  
GLN CB  HB3  sing N N 93  
GLN CG  CD   sing N N 94  
GLN CG  HG2  sing N N 95  
GLN CG  HG3  sing N N 96  
GLN CD  OE1  doub N N 97  
GLN CD  NE2  sing N N 98  
GLN NE2 HE21 sing N N 99  
GLN NE2 HE22 sing N N 100 
GLN OXT HXT  sing N N 101 
GLU N   CA   sing N N 102 
GLU N   H    sing N N 103 
GLU N   H2   sing N N 104 
GLU CA  C    sing N N 105 
GLU CA  CB   sing N N 106 
GLU CA  HA   sing N N 107 
GLU C   O    doub N N 108 
GLU C   OXT  sing N N 109 
GLU CB  CG   sing N N 110 
GLU CB  HB2  sing N N 111 
GLU CB  HB3  sing N N 112 
GLU CG  CD   sing N N 113 
GLU CG  HG2  sing N N 114 
GLU CG  HG3  sing N N 115 
GLU CD  OE1  doub N N 116 
GLU CD  OE2  sing N N 117 
GLU OE2 HE2  sing N N 118 
GLU OXT HXT  sing N N 119 
GLY N   CA   sing N N 120 
GLY N   H    sing N N 121 
GLY N   H2   sing N N 122 
GLY CA  C    sing N N 123 
GLY CA  HA2  sing N N 124 
GLY CA  HA3  sing N N 125 
GLY C   O    doub N N 126 
GLY C   OXT  sing N N 127 
GLY OXT HXT  sing N N 128 
HIS N   CA   sing N N 129 
HIS N   H    sing N N 130 
HIS N   H2   sing N N 131 
HIS CA  C    sing N N 132 
HIS CA  CB   sing N N 133 
HIS CA  HA   sing N N 134 
HIS C   O    doub N N 135 
HIS C   OXT  sing N N 136 
HIS CB  CG   sing N N 137 
HIS CB  HB2  sing N N 138 
HIS CB  HB3  sing N N 139 
HIS CG  ND1  sing Y N 140 
HIS CG  CD2  doub Y N 141 
HIS ND1 CE1  doub Y N 142 
HIS ND1 HD1  sing N N 143 
HIS CD2 NE2  sing Y N 144 
HIS CD2 HD2  sing N N 145 
HIS CE1 NE2  sing Y N 146 
HIS CE1 HE1  sing N N 147 
HIS NE2 HE2  sing N N 148 
HIS OXT HXT  sing N N 149 
HOH O   H1   sing N N 150 
HOH O   H2   sing N N 151 
ILE N   CA   sing N N 152 
ILE N   H    sing N N 153 
ILE N   H2   sing N N 154 
ILE CA  C    sing N N 155 
ILE CA  CB   sing N N 156 
ILE CA  HA   sing N N 157 
ILE C   O    doub N N 158 
ILE C   OXT  sing N N 159 
ILE CB  CG1  sing N N 160 
ILE CB  CG2  sing N N 161 
ILE CB  HB   sing N N 162 
ILE CG1 CD1  sing N N 163 
ILE CG1 HG12 sing N N 164 
ILE CG1 HG13 sing N N 165 
ILE CG2 HG21 sing N N 166 
ILE CG2 HG22 sing N N 167 
ILE CG2 HG23 sing N N 168 
ILE CD1 HD11 sing N N 169 
ILE CD1 HD12 sing N N 170 
ILE CD1 HD13 sing N N 171 
ILE OXT HXT  sing N N 172 
LEU N   CA   sing N N 173 
LEU N   H    sing N N 174 
LEU N   H2   sing N N 175 
LEU CA  C    sing N N 176 
LEU CA  CB   sing N N 177 
LEU CA  HA   sing N N 178 
LEU C   O    doub N N 179 
LEU C   OXT  sing N N 180 
LEU CB  CG   sing N N 181 
LEU CB  HB2  sing N N 182 
LEU CB  HB3  sing N N 183 
LEU CG  CD1  sing N N 184 
LEU CG  CD2  sing N N 185 
LEU CG  HG   sing N N 186 
LEU CD1 HD11 sing N N 187 
LEU CD1 HD12 sing N N 188 
LEU CD1 HD13 sing N N 189 
LEU CD2 HD21 sing N N 190 
LEU CD2 HD22 sing N N 191 
LEU CD2 HD23 sing N N 192 
LEU OXT HXT  sing N N 193 
LYS N   CA   sing N N 194 
LYS N   H    sing N N 195 
LYS N   H2   sing N N 196 
LYS CA  C    sing N N 197 
LYS CA  CB   sing N N 198 
LYS CA  HA   sing N N 199 
LYS C   O    doub N N 200 
LYS C   OXT  sing N N 201 
LYS CB  CG   sing N N 202 
LYS CB  HB2  sing N N 203 
LYS CB  HB3  sing N N 204 
LYS CG  CD   sing N N 205 
LYS CG  HG2  sing N N 206 
LYS CG  HG3  sing N N 207 
LYS CD  CE   sing N N 208 
LYS CD  HD2  sing N N 209 
LYS CD  HD3  sing N N 210 
LYS CE  NZ   sing N N 211 
LYS CE  HE2  sing N N 212 
LYS CE  HE3  sing N N 213 
LYS NZ  HZ1  sing N N 214 
LYS NZ  HZ2  sing N N 215 
LYS NZ  HZ3  sing N N 216 
LYS OXT HXT  sing N N 217 
MET N   CA   sing N N 218 
MET N   H    sing N N 219 
MET N   H2   sing N N 220 
MET CA  C    sing N N 221 
MET CA  CB   sing N N 222 
MET CA  HA   sing N N 223 
MET C   O    doub N N 224 
MET C   OXT  sing N N 225 
MET CB  CG   sing N N 226 
MET CB  HB2  sing N N 227 
MET CB  HB3  sing N N 228 
MET CG  SD   sing N N 229 
MET CG  HG2  sing N N 230 
MET CG  HG3  sing N N 231 
MET SD  CE   sing N N 232 
MET CE  HE1  sing N N 233 
MET CE  HE2  sing N N 234 
MET CE  HE3  sing N N 235 
MET OXT HXT  sing N N 236 
PHE N   CA   sing N N 237 
PHE N   H    sing N N 238 
PHE N   H2   sing N N 239 
PHE CA  C    sing N N 240 
PHE CA  CB   sing N N 241 
PHE CA  HA   sing N N 242 
PHE C   O    doub N N 243 
PHE C   OXT  sing N N 244 
PHE CB  CG   sing N N 245 
PHE CB  HB2  sing N N 246 
PHE CB  HB3  sing N N 247 
PHE CG  CD1  doub Y N 248 
PHE CG  CD2  sing Y N 249 
PHE CD1 CE1  sing Y N 250 
PHE CD1 HD1  sing N N 251 
PHE CD2 CE2  doub Y N 252 
PHE CD2 HD2  sing N N 253 
PHE CE1 CZ   doub Y N 254 
PHE CE1 HE1  sing N N 255 
PHE CE2 CZ   sing Y N 256 
PHE CE2 HE2  sing N N 257 
PHE CZ  HZ   sing N N 258 
PHE OXT HXT  sing N N 259 
PRO N   CA   sing N N 260 
PRO N   CD   sing N N 261 
PRO N   H    sing N N 262 
PRO CA  C    sing N N 263 
PRO CA  CB   sing N N 264 
PRO CA  HA   sing N N 265 
PRO C   O    doub N N 266 
PRO C   OXT  sing N N 267 
PRO CB  CG   sing N N 268 
PRO CB  HB2  sing N N 269 
PRO CB  HB3  sing N N 270 
PRO CG  CD   sing N N 271 
PRO CG  HG2  sing N N 272 
PRO CG  HG3  sing N N 273 
PRO CD  HD2  sing N N 274 
PRO CD  HD3  sing N N 275 
PRO OXT HXT  sing N N 276 
SER N   CA   sing N N 277 
SER N   H    sing N N 278 
SER N   H2   sing N N 279 
SER CA  C    sing N N 280 
SER CA  CB   sing N N 281 
SER CA  HA   sing N N 282 
SER C   O    doub N N 283 
SER C   OXT  sing N N 284 
SER CB  OG   sing N N 285 
SER CB  HB2  sing N N 286 
SER CB  HB3  sing N N 287 
SER OG  HG   sing N N 288 
SER OXT HXT  sing N N 289 
SO4 S   O1   doub N N 290 
SO4 S   O2   doub N N 291 
SO4 S   O3   sing N N 292 
SO4 S   O4   sing N N 293 
THR N   CA   sing N N 294 
THR N   H    sing N N 295 
THR N   H2   sing N N 296 
THR CA  C    sing N N 297 
THR CA  CB   sing N N 298 
THR CA  HA   sing N N 299 
THR C   O    doub N N 300 
THR C   OXT  sing N N 301 
THR CB  OG1  sing N N 302 
THR CB  CG2  sing N N 303 
THR CB  HB   sing N N 304 
THR OG1 HG1  sing N N 305 
THR CG2 HG21 sing N N 306 
THR CG2 HG22 sing N N 307 
THR CG2 HG23 sing N N 308 
THR OXT HXT  sing N N 309 
TRP N   CA   sing N N 310 
TRP N   H    sing N N 311 
TRP N   H2   sing N N 312 
TRP CA  C    sing N N 313 
TRP CA  CB   sing N N 314 
TRP CA  HA   sing N N 315 
TRP C   O    doub N N 316 
TRP C   OXT  sing N N 317 
TRP CB  CG   sing N N 318 
TRP CB  HB2  sing N N 319 
TRP CB  HB3  sing N N 320 
TRP CG  CD1  doub Y N 321 
TRP CG  CD2  sing Y N 322 
TRP CD1 NE1  sing Y N 323 
TRP CD1 HD1  sing N N 324 
TRP CD2 CE2  doub Y N 325 
TRP CD2 CE3  sing Y N 326 
TRP NE1 CE2  sing Y N 327 
TRP NE1 HE1  sing N N 328 
TRP CE2 CZ2  sing Y N 329 
TRP CE3 CZ3  doub Y N 330 
TRP CE3 HE3  sing N N 331 
TRP CZ2 CH2  doub Y N 332 
TRP CZ2 HZ2  sing N N 333 
TRP CZ3 CH2  sing Y N 334 
TRP CZ3 HZ3  sing N N 335 
TRP CH2 HH2  sing N N 336 
TRP OXT HXT  sing N N 337 
TYR N   CA   sing N N 338 
TYR N   H    sing N N 339 
TYR N   H2   sing N N 340 
TYR CA  C    sing N N 341 
TYR CA  CB   sing N N 342 
TYR CA  HA   sing N N 343 
TYR C   O    doub N N 344 
TYR C   OXT  sing N N 345 
TYR CB  CG   sing N N 346 
TYR CB  HB2  sing N N 347 
TYR CB  HB3  sing N N 348 
TYR CG  CD1  doub Y N 349 
TYR CG  CD2  sing Y N 350 
TYR CD1 CE1  sing Y N 351 
TYR CD1 HD1  sing N N 352 
TYR CD2 CE2  doub Y N 353 
TYR CD2 HD2  sing N N 354 
TYR CE1 CZ   doub Y N 355 
TYR CE1 HE1  sing N N 356 
TYR CE2 CZ   sing Y N 357 
TYR CE2 HE2  sing N N 358 
TYR CZ  OH   sing N N 359 
TYR OH  HH   sing N N 360 
TYR OXT HXT  sing N N 361 
VAL N   CA   sing N N 362 
VAL N   H    sing N N 363 
VAL N   H2   sing N N 364 
VAL CA  C    sing N N 365 
VAL CA  CB   sing N N 366 
VAL CA  HA   sing N N 367 
VAL C   O    doub N N 368 
VAL C   OXT  sing N N 369 
VAL CB  CG1  sing N N 370 
VAL CB  CG2  sing N N 371 
VAL CB  HB   sing N N 372 
VAL CG1 HG11 sing N N 373 
VAL CG1 HG12 sing N N 374 
VAL CG1 HG13 sing N N 375 
VAL CG2 HG21 sing N N 376 
VAL CG2 HG22 sing N N 377 
VAL CG2 HG23 sing N N 378 
VAL OXT HXT  sing N N 379 
# 
_atom_sites.entry_id                    2IAK 
_atom_sites.fract_transf_matrix[1][1]   -0.00490142 
_atom_sites.fract_transf_matrix[1][2]   0.00092078 
_atom_sites.fract_transf_matrix[1][3]   -0.00109984 
_atom_sites.fract_transf_matrix[2][1]   -0.00047975 
_atom_sites.fract_transf_matrix[2][2]   0.00263800 
_atom_sites.fract_transf_matrix[2][3]   0.00434652 
_atom_sites.fract_transf_matrix[3][1]   0.00135179 
_atom_sites.fract_transf_matrix[3][2]   0.00427488 
_atom_sites.fract_transf_matrix[3][3]   -0.00244531 
_atom_sites.fract_transf_vector[1]      0.254316 
_atom_sites.fract_transf_vector[2]      -0.171045 
_atom_sites.fract_transf_vector[3]      0.387403 
# 
loop_
_atom_type.symbol 
C 
N 
O 
S 
# 
loop_
_atom_site.group_PDB 
_atom_site.id 
_atom_site.type_symbol 
_atom_site.label_atom_id 
_atom_site.label_alt_id 
_atom_site.label_comp_id 
_atom_site.label_asym_id 
_atom_site.label_entity_id 
_atom_site.label_seq_id 
_atom_site.pdbx_PDB_ins_code 
_atom_site.Cartn_x 
_atom_site.Cartn_y 
_atom_site.Cartn_z 
_atom_site.occupancy 
_atom_site.B_iso_or_equiv 
_atom_site.pdbx_formal_charge 
_atom_site.auth_seq_id 
_atom_site.auth_comp_id 
_atom_site.auth_asym_id 
_atom_site.auth_atom_id 
_atom_site.pdbx_PDB_model_num 
ATOM   1    N N   . GLN A 1 4   ? 11.975  0.454   10.894  1.00 41.77 ? 4   GLN A N   1 
ATOM   2    C CA  . GLN A 1 4   ? 11.147  1.624   10.421  1.00 41.77 ? 4   GLN A CA  1 
ATOM   3    C C   . GLN A 1 4   ? 9.825   1.886   11.253  1.00 41.77 ? 4   GLN A C   1 
ATOM   4    O O   . GLN A 1 4   ? 9.127   2.882   10.994  1.00 41.77 ? 4   GLN A O   1 
ATOM   5    C CB  . GLN A 1 4   ? 10.886  1.519   8.887   1.00 41.77 ? 4   GLN A CB  1 
ATOM   6    C CG  . GLN A 1 4   ? 10.602  2.855   8.155   1.00 41.77 ? 4   GLN A CG  1 
ATOM   7    C CD  . GLN A 1 4   ? 9.103   3.119   7.804   1.00 41.77 ? 4   GLN A CD  1 
ATOM   8    O OE1 . GLN A 1 4   ? 8.236   3.244   8.683   1.00 41.77 ? 4   GLN A OE1 1 
ATOM   9    N NE2 . GLN A 1 4   ? 8.821   3.250   6.503   1.00 41.77 ? 4   GLN A NE2 1 
ATOM   10   N N   . ILE A 1 5   ? 9.495   1.023   12.237  1.00 41.77 ? 5   ILE A N   1 
ATOM   11   C CA  . ILE A 1 5   ? 8.301   1.229   13.116  1.00 41.77 ? 5   ILE A CA  1 
ATOM   12   C C   . ILE A 1 5   ? 8.376   0.699   14.562  1.00 41.77 ? 5   ILE A C   1 
ATOM   13   O O   . ILE A 1 5   ? 8.802   -0.417  14.799  1.00 41.77 ? 5   ILE A O   1 
ATOM   14   C CB  . ILE A 1 5   ? 6.963   0.741   12.490  1.00 41.77 ? 5   ILE A CB  1 
ATOM   15   C CG1 . ILE A 1 5   ? 7.011   -0.738  12.088  1.00 41.77 ? 5   ILE A CG1 1 
ATOM   16   C CG2 . ILE A 1 5   ? 6.564   1.654   11.313  1.00 41.77 ? 5   ILE A CG2 1 
ATOM   17   C CD1 . ILE A 1 5   ? 7.122   -0.968  10.578  1.00 41.77 ? 5   ILE A CD1 1 
ATOM   18   N N   . ARG A 1 6   ? 7.922   1.511   15.511  1.00 41.77 ? 6   ARG A N   1 
ATOM   19   C CA  . ARG A 1 6   ? 8.059   1.212   16.926  1.00 41.77 ? 6   ARG A CA  1 
ATOM   20   C C   . ARG A 1 6   ? 6.928   0.350   17.464  1.00 41.77 ? 6   ARG A C   1 
ATOM   21   O O   . ARG A 1 6   ? 5.800   0.412   16.983  1.00 41.77 ? 6   ARG A O   1 
ATOM   22   C CB  . ARG A 1 6   ? 8.190   2.511   17.736  1.00 41.77 ? 6   ARG A CB  1 
ATOM   23   C CG  . ARG A 1 6   ? 6.890   3.179   18.209  1.00 41.77 ? 6   ARG A CG  1 
ATOM   24   C CD  . ARG A 1 6   ? 7.163   4.077   19.415  1.00 41.77 ? 6   ARG A CD  1 
ATOM   25   N NE  . ARG A 1 6   ? 6.095   5.042   19.688  1.00 41.77 ? 6   ARG A NE  1 
ATOM   26   C CZ  . ARG A 1 6   ? 5.038   4.833   20.478  1.00 41.77 ? 6   ARG A CZ  1 
ATOM   27   N NH1 . ARG A 1 6   ? 4.839   3.675   21.098  1.00 41.77 ? 6   ARG A NH1 1 
ATOM   28   N NH2 . ARG A 1 6   ? 4.158   5.805   20.642  1.00 41.77 ? 6   ARG A NH2 1 
ATOM   29   N N   . LYS A 1 7   ? 7.246   -0.463  18.472  1.00 41.77 ? 7   LYS A N   1 
ATOM   30   C CA  . LYS A 1 7   ? 6.217   -1.182  19.220  1.00 41.77 ? 7   LYS A CA  1 
ATOM   31   C C   . LYS A 1 7   ? 5.487   -0.250  20.171  1.00 41.77 ? 7   LYS A C   1 
ATOM   32   O O   . LYS A 1 7   ? 6.113   0.613   20.794  1.00 41.77 ? 7   LYS A O   1 
ATOM   33   C CB  . LYS A 1 7   ? 6.824   -2.319  20.014  1.00 41.77 ? 7   LYS A CB  1 
ATOM   34   C CG  . LYS A 1 7   ? 6.662   -3.642  19.366  1.00 41.77 ? 7   LYS A CG  1 
ATOM   35   C CD  . LYS A 1 7   ? 7.835   -3.962  18.480  1.00 41.77 ? 7   LYS A CD  1 
ATOM   36   C CE  . LYS A 1 7   ? 7.392   -4.885  17.342  1.00 41.77 ? 7   LYS A CE  1 
ATOM   37   N NZ  . LYS A 1 7   ? 6.376   -5.890  17.813  1.00 41.77 ? 7   LYS A NZ  1 
ATOM   38   N N   . PRO A 1 8   ? 4.155   -0.411  20.287  1.00 41.77 ? 8   PRO A N   1 
ATOM   39   C CA  . PRO A 1 8   ? 3.426   0.363   21.292  1.00 41.77 ? 8   PRO A CA  1 
ATOM   40   C C   . PRO A 1 8   ? 3.929   -0.090  22.646  1.00 41.77 ? 8   PRO A C   1 
ATOM   41   O O   . PRO A 1 8   ? 4.364   -1.250  22.794  1.00 41.77 ? 8   PRO A O   1 
ATOM   42   C CB  . PRO A 1 8   ? 1.971   -0.040  21.071  1.00 41.77 ? 8   PRO A CB  1 
ATOM   43   C CG  . PRO A 1 8   ? 2.016   -1.302  20.333  1.00 41.77 ? 8   PRO A CG  1 
ATOM   44   C CD  . PRO A 1 8   ? 3.266   -1.309  19.531  1.00 41.77 ? 8   PRO A CD  1 
ATOM   45   N N   . LEU A 1 9   ? 3.930   0.812   23.613  1.00 41.77 ? 9   LEU A N   1 
ATOM   46   C CA  . LEU A 1 9   ? 4.638   0.498   24.831  1.00 41.77 ? 9   LEU A CA  1 
ATOM   47   C C   . LEU A 1 9   ? 3.892   -0.545  25.644  1.00 41.77 ? 9   LEU A C   1 
ATOM   48   O O   . LEU A 1 9   ? 2.662   -0.638  25.581  1.00 41.77 ? 9   LEU A O   1 
ATOM   49   C CB  . LEU A 1 9   ? 4.987   1.745   25.639  1.00 41.77 ? 9   LEU A CB  1 
ATOM   50   C CG  . LEU A 1 9   ? 4.041   2.349   26.665  1.00 41.77 ? 9   LEU A CG  1 
ATOM   51   C CD1 . LEU A 1 9   ? 4.027   1.505   27.912  1.00 41.77 ? 9   LEU A CD1 1 
ATOM   52   C CD2 . LEU A 1 9   ? 4.545   3.737   27.005  1.00 41.77 ? 9   LEU A CD2 1 
ATOM   53   N N   . LEU A 1 10  ? 4.655   -1.345  26.384  1.00 41.77 ? 10  LEU A N   1 
ATOM   54   C CA  . LEU A 1 10  ? 4.073   -2.401  27.190  1.00 41.77 ? 10  LEU A CA  1 
ATOM   55   C C   . LEU A 1 10  ? 3.829   -1.923  28.604  1.00 41.77 ? 10  LEU A C   1 
ATOM   56   O O   . LEU A 1 10  ? 4.760   -1.476  29.262  1.00 41.77 ? 10  LEU A O   1 
ATOM   57   C CB  . LEU A 1 10  ? 5.000   -3.605  27.228  1.00 41.77 ? 10  LEU A CB  1 
ATOM   58   C CG  . LEU A 1 10  ? 5.133   -4.410  25.948  1.00 41.77 ? 10  LEU A CG  1 
ATOM   59   C CD1 . LEU A 1 10  ? 6.198   -5.419  26.158  1.00 41.77 ? 10  LEU A CD1 1 
ATOM   60   C CD2 . LEU A 1 10  ? 3.839   -5.085  25.659  1.00 41.77 ? 10  LEU A CD2 1 
ATOM   61   N N   . LYS A 1 11  ? 2.585   -2.020  29.074  1.00 41.77 ? 11  LYS A N   1 
ATOM   62   C CA  . LYS A 1 11  ? 2.298   -1.685  30.453  1.00 41.77 ? 11  LYS A CA  1 
ATOM   63   C C   . LYS A 1 11  ? 3.434   -2.127  31.351  1.00 41.77 ? 11  LYS A C   1 
ATOM   64   O O   . LYS A 1 11  ? 3.985   -1.323  32.094  1.00 41.77 ? 11  LYS A O   1 
ATOM   65   C CB  . LYS A 1 11  ? 0.997   -2.321  30.894  1.00 41.77 ? 11  LYS A CB  1 
ATOM   66   C CG  . LYS A 1 11  ? -0.230  -1.474  30.622  1.00 41.77 ? 11  LYS A CG  1 
ATOM   67   C CD  . LYS A 1 11  ? -1.453  -2.286  30.888  1.00 41.77 ? 11  LYS A CD  1 
ATOM   68   C CE  . LYS A 1 11  ? -2.678  -1.427  30.906  1.00 41.77 ? 11  LYS A CE  1 
ATOM   69   N NZ  . LYS A 1 11  ? -3.712  -1.975  31.866  1.00 41.77 ? 11  LYS A NZ  1 
ATOM   70   N N   . SER A 1 12  ? 3.828   -3.393  31.249  1.00 41.77 ? 12  SER A N   1 
ATOM   71   C CA  . SER A 1 12  ? 4.865   -3.922  32.126  1.00 41.77 ? 12  SER A CA  1 
ATOM   72   C C   . SER A 1 12  ? 6.061   -2.970  32.215  1.00 41.77 ? 12  SER A C   1 
ATOM   73   O O   . SER A 1 12  ? 6.626   -2.788  33.277  1.00 41.77 ? 12  SER A O   1 
ATOM   74   C CB  . SER A 1 12  ? 5.297   -5.334  31.698  1.00 41.77 ? 12  SER A CB  1 
ATOM   75   O OG  . SER A 1 12  ? 6.212   -5.315  30.599  1.00 41.77 ? 12  SER A OG  1 
ATOM   76   N N   . SER A 1 13  ? 6.427   -2.338  31.109  1.00 41.77 ? 13  SER A N   1 
ATOM   77   C CA  . SER A 1 13  ? 7.594   -1.455  31.065  1.00 41.77 ? 13  SER A CA  1 
ATOM   78   C C   . SER A 1 13  ? 7.534   -0.278  32.036  1.00 41.77 ? 13  SER A C   1 
ATOM   79   O O   . SER A 1 13  ? 8.500   0.451   32.171  1.00 41.77 ? 13  SER A O   1 
ATOM   80   C CB  . SER A 1 13  ? 7.763   -0.895  29.656  1.00 41.77 ? 13  SER A CB  1 
ATOM   81   O OG  . SER A 1 13  ? 6.839   0.172   29.429  1.00 41.77 ? 13  SER A OG  1 
ATOM   82   N N   . LEU A 1 14  ? 6.400   -0.084  32.698  1.00 41.77 ? 14  LEU A N   1 
ATOM   83   C CA  . LEU A 1 14  ? 6.217   1.082   33.554  1.00 41.77 ? 14  LEU A CA  1 
ATOM   84   C C   . LEU A 1 14  ? 6.174   0.746   35.037  1.00 41.77 ? 14  LEU A C   1 
ATOM   85   O O   . LEU A 1 14  ? 5.846   1.597   35.875  1.00 41.77 ? 14  LEU A O   1 
ATOM   86   C CB  . LEU A 1 14  ? 4.939   1.820   33.157  1.00 41.77 ? 14  LEU A CB  1 
ATOM   87   C CG  . LEU A 1 14  ? 4.981   2.608   31.845  1.00 41.77 ? 14  LEU A CG  1 
ATOM   88   C CD1 . LEU A 1 14  ? 3.638   3.262   31.519  1.00 41.77 ? 14  LEU A CD1 1 
ATOM   89   C CD2 . LEU A 1 14  ? 6.089   3.646   31.898  1.00 41.77 ? 14  LEU A CD2 1 
ATOM   90   N N   . LEU A 1 15  ? 6.520   -0.488  35.376  1.00 41.77 ? 15  LEU A N   1 
ATOM   91   C CA  . LEU A 1 15  ? 6.389   -0.940  36.762  1.00 41.77 ? 15  LEU A CA  1 
ATOM   92   C C   . LEU A 1 15  ? 7.372   -0.258  37.671  1.00 41.77 ? 15  LEU A C   1 
ATOM   93   O O   . LEU A 1 15  ? 6.980   0.285   38.705  1.00 41.77 ? 15  LEU A O   1 
ATOM   94   C CB  . LEU A 1 15  ? 6.495   -2.467  36.888  1.00 41.77 ? 15  LEU A CB  1 
ATOM   95   C CG  . LEU A 1 15  ? 5.264   -3.225  36.349  1.00 41.77 ? 15  LEU A CG  1 
ATOM   96   C CD1 . LEU A 1 15  ? 5.127   -4.577  37.068  1.00 41.77 ? 15  LEU A CD1 1 
ATOM   97   C CD2 . LEU A 1 15  ? 3.929   -2.389  36.397  1.00 41.77 ? 15  LEU A CD2 1 
ATOM   98   N N   . ASP A 1 16  ? 8.647   -0.281  37.295  1.00 41.77 ? 16  ASP A N   1 
ATOM   99   C CA  . ASP A 1 16  ? 9.721   0.081   38.212  1.00 41.77 ? 16  ASP A CA  1 
ATOM   100  C C   . ASP A 1 16  ? 9.899   1.596   38.213  1.00 41.77 ? 16  ASP A C   1 
ATOM   101  O O   . ASP A 1 16  ? 10.636  2.144   39.032  1.00 41.77 ? 16  ASP A O   1 
ATOM   102  C CB  . ASP A 1 16  ? 11.084  -0.234  37.591  1.00 41.77 ? 16  ASP A CB  1 
ATOM   103  C CG  . ASP A 1 16  ? 11.546  -1.648  37.888  1.00 41.77 ? 16  ASP A CG  1 
ATOM   104  O OD1 . ASP A 1 16  ? 10.983  -2.595  37.299  1.00 41.77 ? 16  ASP A OD1 1 
ATOM   105  O OD2 . ASP A 1 16  ? 12.471  -1.812  38.710  1.00 41.77 ? 16  ASP A OD2 1 
ATOM   106  N N   . GLN A 1 17  ? 9.219   2.267   37.289  1.00 41.77 ? 17  GLN A N   1 
ATOM   107  C CA  . GLN A 1 17  ? 8.335   3.371   37.640  1.00 41.77 ? 17  GLN A CA  1 
ATOM   108  C C   . GLN A 1 17  ? 7.263   2.944   38.637  1.00 41.77 ? 17  GLN A C   1 
ATOM   109  O O   . GLN A 1 17  ? 6.524   1.988   38.398  1.00 41.77 ? 17  GLN A O   1 
ATOM   110  C CB  . GLN A 1 17  ? 7.719   3.545   36.250  1.00 41.77 ? 17  GLN A CB  1 
ATOM   111  C CG  . GLN A 1 17  ? 8.721   3.923   35.170  1.00 41.77 ? 17  GLN A CG  1 
ATOM   112  C CD  . GLN A 1 17  ? 8.289   5.139   34.374  1.00 41.77 ? 17  GLN A CD  1 
ATOM   113  O OE1 . GLN A 1 17  ? 7.100   5.351   34.139  1.00 41.77 ? 17  GLN A OE1 1 
ATOM   114  N NE2 . GLN A 1 17  ? 9.257   5.945   33.954  1.00 41.77 ? 17  GLN A NE2 1 
ATOM   115  N N   . ASN A 1 18  ? 7.184   3.657   39.756  1.00 41.77 ? 18  ASN A N   1 
ATOM   116  C CA  . ASN A 1 18  ? 6.014   3.596   40.623  1.00 41.77 ? 18  ASN A CA  1 
ATOM   117  C C   . ASN A 1 18  ? 4.946   4.607   40.222  1.00 41.77 ? 18  ASN A C   1 
ATOM   118  O O   . ASN A 1 18  ? 5.096   5.807   40.451  1.00 41.77 ? 18  ASN A O   1 
ATOM   119  C CB  . ASN A 1 18  ? 6.419   3.809   42.083  1.00 41.77 ? 18  ASN A CB  1 
ATOM   120  C CG  . ASN A 1 18  ? 5.505   4.780   42.805  1.00 41.77 ? 18  ASN A CG  1 
ATOM   121  O OD1 . ASN A 1 18  ? 4.286   4.750   42.632  1.00 41.77 ? 18  ASN A OD1 1 
ATOM   122  N ND2 . ASN A 1 18  ? 6.091   5.649   43.620  1.00 41.77 ? 18  ASN A ND2 1 
ATOM   123  N N   . LEU A 1 19  ? 3.867   4.114   39.622  1.00 41.77 ? 19  LEU A N   1 
ATOM   124  C CA  . LEU A 1 19  ? 2.574   4.785   39.699  1.00 41.77 ? 19  LEU A CA  1 
ATOM   125  C C   . LEU A 1 19  ? 1.434   3.777   39.784  1.00 41.77 ? 19  LEU A C   1 
ATOM   126  O O   . LEU A 1 19  ? 1.645   2.573   39.637  1.00 41.77 ? 19  LEU A O   1 
ATOM   127  C CB  . LEU A 1 19  ? 2.376   5.703   38.490  1.00 41.77 ? 19  LEU A CB  1 
ATOM   128  C CG  . LEU A 1 19  ? 3.636   6.071   37.703  1.00 41.77 ? 19  LEU A CG  1 
ATOM   129  C CD1 . LEU A 1 19  ? 3.289   6.402   36.260  1.00 41.77 ? 19  LEU A CD1 1 
ATOM   130  C CD2 . LEU A 1 19  ? 4.361   7.233   38.364  1.00 41.77 ? 19  LEU A CD2 1 
ATOM   131  N N   . THR A 1 20  ? 0.226   4.277   40.024  1.00 41.77 ? 20  THR A N   1 
ATOM   132  C CA  . THR A 1 20  ? -0.900  3.425   40.347  1.00 41.77 ? 20  THR A CA  1 
ATOM   133  C C   . THR A 1 20  ? -1.382  2.705   39.092  1.00 41.77 ? 20  THR A C   1 
ATOM   134  O O   . THR A 1 20  ? -1.061  3.105   37.980  1.00 41.77 ? 20  THR A O   1 
ATOM   135  C CB  . THR A 1 20  ? -2.026  4.275   40.937  1.00 41.77 ? 20  THR A CB  1 
ATOM   136  O OG1 . THR A 1 20  ? -2.563  5.145   39.931  1.00 41.77 ? 20  THR A OG1 1 
ATOM   137  C CG2 . THR A 1 20  ? -1.495  5.121   42.076  1.00 41.77 ? 20  THR A CG2 1 
ATOM   138  N N   . GLU A 1 21  ? -2.148  1.642   39.257  1.00 41.77 ? 21  GLU A N   1 
ATOM   139  C CA  . GLU A 1 21  ? -2.684  0.935   38.099  1.00 41.77 ? 21  GLU A CA  1 
ATOM   140  C C   . GLU A 1 21  ? -3.300  1.924   37.095  1.00 41.77 ? 21  GLU A C   1 
ATOM   141  O O   . GLU A 1 21  ? -2.957  1.919   35.908  1.00 41.77 ? 21  GLU A O   1 
ATOM   142  C CB  . GLU A 1 21  ? -3.731  -0.047  38.568  1.00 41.77 ? 21  GLU A CB  1 
ATOM   143  C CG  . GLU A 1 21  ? -4.009  -1.158  37.637  1.00 41.77 ? 21  GLU A CG  1 
ATOM   144  C CD  . GLU A 1 21  ? -5.206  -1.983  38.088  1.00 41.77 ? 21  GLU A CD  1 
ATOM   145  O OE1 . GLU A 1 21  ? -5.748  -2.764  37.279  1.00 41.77 ? 21  GLU A OE1 1 
ATOM   146  O OE2 . GLU A 1 21  ? -5.631  -1.848  39.251  1.00 41.77 ? 21  GLU A OE2 1 
ATOM   147  N N   . GLU A 1 22  ? -4.192  2.791   37.583  1.00 41.77 ? 22  GLU A N   1 
ATOM   148  C CA  . GLU A 1 22  ? -4.830  3.799   36.740  1.00 41.77 ? 22  GLU A CA  1 
ATOM   149  C C   . GLU A 1 22  ? -3.801  4.745   36.133  1.00 41.77 ? 22  GLU A C   1 
ATOM   150  O O   . GLU A 1 22  ? -3.810  4.987   34.925  1.00 41.77 ? 22  GLU A O   1 
ATOM   151  C CB  . GLU A 1 22  ? -5.911  4.564   37.503  1.00 41.77 ? 22  GLU A CB  1 
ATOM   152  C CG  . GLU A 1 22  ? -6.981  3.639   37.996  1.00 41.77 ? 22  GLU A CG  1 
ATOM   153  C CD  . GLU A 1 22  ? -8.216  4.332   38.554  1.00 41.77 ? 22  GLU A CD  1 
ATOM   154  O OE1 . GLU A 1 22  ? -8.730  5.304   37.935  1.00 41.77 ? 22  GLU A OE1 1 
ATOM   155  O OE2 . GLU A 1 22  ? -8.699  3.881   39.623  1.00 41.77 ? 22  GLU A OE2 1 
ATOM   156  N N   . GLU A 1 23  ? -2.897  5.258   36.954  1.00 41.77 ? 23  GLU A N   1 
ATOM   157  C CA  . GLU A 1 23  ? -1.875  6.127   36.426  1.00 41.77 ? 23  GLU A CA  1 
ATOM   158  C C   . GLU A 1 23  ? -1.150  5.520   35.234  1.00 41.77 ? 23  GLU A C   1 
ATOM   159  O O   . GLU A 1 23  ? -0.937  6.238   34.256  1.00 41.77 ? 23  GLU A O   1 
ATOM   160  C CB  . GLU A 1 23  ? -0.893  6.549   37.496  1.00 41.77 ? 23  GLU A CB  1 
ATOM   161  C CG  . GLU A 1 23  ? -1.285  7.810   38.176  1.00 41.77 ? 23  GLU A CG  1 
ATOM   162  C CD  . GLU A 1 23  ? -0.621  7.955   39.507  1.00 41.77 ? 23  GLU A CD  1 
ATOM   163  O OE1 . GLU A 1 23  ? 0.485   7.426   39.712  1.00 41.77 ? 23  GLU A OE1 1 
ATOM   164  O OE2 . GLU A 1 23  ? -1.223  8.602   40.370  1.00 41.77 ? 23  GLU A OE2 1 
ATOM   165  N N   . VAL A 1 24  ? -0.797  4.226   35.276  1.00 41.77 ? 24  VAL A N   1 
ATOM   166  C CA  . VAL A 1 24  ? -0.159  3.621   34.097  1.00 41.77 ? 24  VAL A CA  1 
ATOM   167  C C   . VAL A 1 24  ? -1.138  3.520   32.927  1.00 41.77 ? 24  VAL A C   1 
ATOM   168  O O   . VAL A 1 24  ? -0.788  3.787   31.779  1.00 41.77 ? 24  VAL A O   1 
ATOM   169  C CB  . VAL A 1 24  ? 0.588   2.263   34.335  1.00 41.77 ? 24  VAL A CB  1 
ATOM   170  C CG1 . VAL A 1 24  ? 1.213   2.192   35.702  1.00 41.77 ? 24  VAL A CG1 1 
ATOM   171  C CG2 . VAL A 1 24  ? -0.316  1.078   34.086  1.00 41.77 ? 24  VAL A CG2 1 
ATOM   172  N N   . ASN A 1 25  ? -2.380  3.184   33.213  1.00 41.77 ? 25  ASN A N   1 
ATOM   173  C CA  . ASN A 1 25  ? -3.343  3.154   32.141  1.00 41.77 ? 25  ASN A CA  1 
ATOM   174  C C   . ASN A 1 25  ? -3.378  4.446   31.318  1.00 41.77 ? 25  ASN A C   1 
ATOM   175  O O   . ASN A 1 25  ? -3.420  4.408   30.082  1.00 41.77 ? 25  ASN A O   1 
ATOM   176  C CB  . ASN A 1 25  ? -4.703  2.757   32.681  1.00 41.77 ? 25  ASN A CB  1 
ATOM   177  C CG  . ASN A 1 25  ? -4.801  1.277   32.872  1.00 41.77 ? 25  ASN A CG  1 
ATOM   178  O OD1 . ASN A 1 25  ? -5.628  0.763   33.614  1.00 41.77 ? 25  ASN A OD1 1 
ATOM   179  N ND2 . ASN A 1 25  ? -3.931  0.570   32.196  1.00 41.77 ? 25  ASN A ND2 1 
ATOM   180  N N   . MET A 1 26  ? -3.316  5.580   32.010  1.00 41.77 ? 26  MET A N   1 
ATOM   181  C CA  . MET A 1 26  ? -3.289  6.882   31.371  1.00 41.77 ? 26  MET A CA  1 
ATOM   182  C C   . MET A 1 26  ? -2.114  7.038   30.413  1.00 41.77 ? 26  MET A C   1 
ATOM   183  O O   . MET A 1 26  ? -2.322  7.454   29.266  1.00 41.77 ? 26  MET A O   1 
ATOM   184  C CB  . MET A 1 26  ? -3.255  7.983   32.413  1.00 41.77 ? 26  MET A CB  1 
ATOM   185  C CG  . MET A 1 26  ? -4.475  8.029   33.269  1.00 41.77 ? 26  MET A CG  1 
ATOM   186  S SD  . MET A 1 26  ? -5.911  8.358   32.243  1.00 41.77 ? 26  MET A SD  1 
ATOM   187  N N   . LYS A 1 27  ? -0.897  6.701   30.853  1.00 41.77 ? 27  LYS A N   1 
ATOM   188  C CA  . LYS A 1 27  ? 0.286   6.787   29.969  1.00 41.77 ? 27  LYS A CA  1 
ATOM   189  C C   . LYS A 1 27  ? 0.170   5.889   28.737  1.00 41.77 ? 27  LYS A C   1 
ATOM   190  C CB  . LYS A 1 27  ? 1.528   6.393   30.740  1.00 41.77 ? 27  LYS A CB  1 
ATOM   191  C CG  . LYS A 1 27  ? 1.918   7.344   31.830  1.00 41.77 ? 27  LYS A CG  1 
ATOM   192  C CD  . LYS A 1 27  ? 3.389   7.650   31.675  1.00 41.77 ? 27  LYS A CD  1 
ATOM   193  C CE  . LYS A 1 27  ? 3.860   8.577   32.742  1.00 41.77 ? 27  LYS A CE  1 
ATOM   194  N NZ  . LYS A 1 27  ? 5.180   9.099   32.302  1.00 41.77 ? 27  LYS A NZ  1 
ATOM   195  N N   . PHE A 1 28  ? -0.412  4.735   29.042  1.00 41.77 ? 28  PHE A N   1 
ATOM   196  C CA  . PHE A 1 28  ? -0.629  3.662   28.108  1.00 41.77 ? 28  PHE A CA  1 
ATOM   197  C C   . PHE A 1 28  ? -1.543  4.125   26.995  1.00 41.77 ? 28  PHE A C   1 
ATOM   198  O O   . PHE A 1 28  ? -1.187  4.087   25.811  1.00 41.77 ? 28  PHE A O   1 
ATOM   199  C CB  . PHE A 1 28  ? -1.233  2.433   28.814  1.00 41.77 ? 28  PHE A CB  1 
ATOM   200  C CG  . PHE A 1 28  ? -1.488  1.268   27.886  1.00 41.77 ? 28  PHE A CG  1 
ATOM   201  C CD1 . PHE A 1 28  ? -0.434  0.623   27.240  1.00 41.77 ? 28  PHE A CD1 1 
ATOM   202  C CD2 . PHE A 1 28  ? -2.786  0.825   27.634  1.00 41.77 ? 28  PHE A CD2 1 
ATOM   203  C CE1 . PHE A 1 28  ? -0.676  -0.427  26.342  1.00 41.77 ? 28  PHE A CE1 1 
ATOM   204  C CE2 . PHE A 1 28  ? -3.030  -0.254  26.753  1.00 41.77 ? 28  PHE A CE2 1 
ATOM   205  C CZ  . PHE A 1 28  ? -1.980  -0.868  26.111  1.00 41.77 ? 28  PHE A CZ  1 
ATOM   206  N N   . VAL A 1 29  ? -2.727  4.579   27.366  1.00 41.77 ? 29  VAL A N   1 
ATOM   207  C CA  . VAL A 1 29  ? -3.628  5.016   26.343  1.00 41.77 ? 29  VAL A CA  1 
ATOM   208  C C   . VAL A 1 29  ? -3.006  6.173   25.564  1.00 41.77 ? 29  VAL A C   1 
ATOM   209  O O   . VAL A 1 29  ? -3.176  6.269   24.365  1.00 41.77 ? 29  VAL A O   1 
ATOM   210  C CB  . VAL A 1 29  ? -5.010  5.318   26.886  1.00 41.77 ? 29  VAL A CB  1 
ATOM   211  C CG1 . VAL A 1 29  ? -5.033  6.635   27.600  1.00 41.77 ? 29  VAL A CG1 1 
ATOM   212  C CG2 . VAL A 1 29  ? -5.992  5.311   25.753  1.00 41.77 ? 29  VAL A CG2 1 
ATOM   213  N N   . GLN A 1 30  ? -2.231  7.012   26.234  1.00 41.77 ? 30  GLN A N   1 
ATOM   214  C CA  . GLN A 1 30  ? -1.590  8.123   25.553  1.00 41.77 ? 30  GLN A CA  1 
ATOM   215  C C   . GLN A 1 30  ? -0.550  7.653   24.534  1.00 41.77 ? 30  GLN A C   1 
ATOM   216  O O   . GLN A 1 30  ? -0.515  8.138   23.402  1.00 41.77 ? 30  GLN A O   1 
ATOM   217  C CB  . GLN A 1 30  ? -0.969  9.089   26.564  1.00 41.77 ? 30  GLN A CB  1 
ATOM   218  C CG  . GLN A 1 30  ? -0.489  10.410  25.965  1.00 41.77 ? 30  GLN A CG  1 
ATOM   219  C CD  . GLN A 1 30  ? -1.542  11.095  25.138  1.00 41.77 ? 30  GLN A CD  1 
ATOM   220  O OE1 . GLN A 1 30  ? -2.509  11.653  25.653  1.00 41.77 ? 30  GLN A OE1 1 
ATOM   221  N NE2 . GLN A 1 30  ? -1.355  11.059  23.839  1.00 41.77 ? 30  GLN A NE2 1 
ATOM   222  N N   . ASP A 1 31  ? 0.279   6.694   24.924  1.00 41.77 ? 31  ASP A N   1 
ATOM   223  C CA  . ASP A 1 31  ? 1.322   6.208   24.045  1.00 41.77 ? 31  ASP A CA  1 
ATOM   224  C C   . ASP A 1 31  ? 0.669   5.596   22.842  1.00 41.77 ? 31  ASP A C   1 
ATOM   225  O O   . ASP A 1 31  ? 1.197   5.659   21.750  1.00 41.77 ? 31  ASP A O   1 
ATOM   226  C CB  . ASP A 1 31  ? 2.175   5.154   24.745  1.00 41.77 ? 31  ASP A CB  1 
ATOM   227  C CG  . ASP A 1 31  ? 3.287   4.645   23.857  1.00 41.77 ? 31  ASP A CG  1 
ATOM   228  O OD1 . ASP A 1 31  ? 3.197   3.506   23.335  1.00 41.77 ? 31  ASP A OD1 1 
ATOM   229  O OD2 . ASP A 1 31  ? 4.246   5.412   23.639  1.00 41.77 ? 31  ASP A OD2 1 
ATOM   230  N N   . LEU A 1 32  ? -0.487  4.990   23.059  1.00 41.77 ? 32  LEU A N   1 
ATOM   231  C CA  . LEU A 1 32  ? -1.216  4.354   21.989  1.00 41.77 ? 32  LEU A CA  1 
ATOM   232  C C   . LEU A 1 32  ? -1.705  5.394   21.001  1.00 41.77 ? 32  LEU A C   1 
ATOM   233  O O   . LEU A 1 32  ? -1.428  5.303   19.797  1.00 41.77 ? 32  LEU A O   1 
ATOM   234  C CB  . LEU A 1 32  ? -2.384  3.576   22.561  1.00 41.77 ? 32  LEU A CB  1 
ATOM   235  C CG  . LEU A 1 32  ? -2.161  2.068   22.697  1.00 41.77 ? 32  LEU A CG  1 
ATOM   236  C CD1 . LEU A 1 32  ? -0.735  1.709   23.046  1.00 41.77 ? 32  LEU A CD1 1 
ATOM   237  C CD2 . LEU A 1 32  ? -3.137  1.463   23.686  1.00 41.77 ? 32  LEU A CD2 1 
ATOM   238  N N   . LEU A 1 33  ? -2.419  6.391   21.519  1.00 41.77 ? 33  LEU A N   1 
ATOM   239  C CA  . LEU A 1 33  ? -2.805  7.543   20.729  1.00 41.77 ? 33  LEU A CA  1 
ATOM   240  C C   . LEU A 1 33  ? -1.620  8.071   19.937  1.00 41.77 ? 33  LEU A C   1 
ATOM   241  O O   . LEU A 1 33  ? -1.716  8.220   18.716  1.00 41.77 ? 33  LEU A O   1 
ATOM   242  C CB  . LEU A 1 33  ? -3.361  8.638   21.614  1.00 41.77 ? 33  LEU A CB  1 
ATOM   243  C CG  . LEU A 1 33  ? -4.837  8.531   21.951  1.00 41.77 ? 33  LEU A CG  1 
ATOM   244  C CD1 . LEU A 1 33  ? -5.152  9.595   22.953  1.00 41.77 ? 33  LEU A CD1 1 
ATOM   245  C CD2 . LEU A 1 33  ? -5.696  8.697   20.729  1.00 41.77 ? 33  LEU A CD2 1 
ATOM   246  N N   . ASN A 1 34  ? -0.500  8.334   20.613  1.00 41.77 ? 34  ASN A N   1 
ATOM   247  C CA  . ASN A 1 34  ? 0.702   8.791   19.918  1.00 41.77 ? 34  ASN A CA  1 
ATOM   248  C C   . ASN A 1 34  ? 1.113   7.859   18.769  1.00 41.77 ? 34  ASN A C   1 
ATOM   249  O O   . ASN A 1 34  ? 1.405   8.312   17.663  1.00 41.77 ? 34  ASN A O   1 
ATOM   250  C CB  . ASN A 1 34  ? 1.852   8.959   20.896  1.00 41.77 ? 34  ASN A CB  1 
ATOM   251  C CG  . ASN A 1 34  ? 1.638   10.090  21.849  1.00 41.77 ? 34  ASN A CG  1 
ATOM   252  O OD1 . ASN A 1 34  ? 0.967   11.053  21.531  1.00 41.77 ? 34  ASN A OD1 1 
ATOM   253  N ND2 . ASN A 1 34  ? 2.233   9.994   23.024  1.00 41.77 ? 34  ASN A ND2 1 
ATOM   254  N N   . TRP A 1 35  ? 1.102   6.555   19.040  1.00 41.77 ? 35  TRP A N   1 
ATOM   255  C CA  . TRP A 1 35  ? 1.495   5.555   18.068  1.00 41.77 ? 35  TRP A CA  1 
ATOM   256  C C   . TRP A 1 35  ? 0.648   5.759   16.836  1.00 41.77 ? 35  TRP A C   1 
ATOM   257  O O   . TRP A 1 35  ? 1.174   6.011   15.773  1.00 41.77 ? 35  TRP A O   1 
ATOM   258  C CB  . TRP A 1 35  ? 1.284   4.160   18.634  1.00 41.77 ? 35  TRP A CB  1 
ATOM   259  C CG  . TRP A 1 35  ? 1.956   3.087   17.857  1.00 41.77 ? 35  TRP A CG  1 
ATOM   260  C CD1 . TRP A 1 35  ? 3.217   2.608   18.053  1.00 41.77 ? 35  TRP A CD1 1 
ATOM   261  C CD2 . TRP A 1 35  ? 1.411   2.345   16.760  1.00 41.77 ? 35  TRP A CD2 1 
ATOM   262  N NE1 . TRP A 1 35  ? 3.494   1.617   17.150  1.00 41.77 ? 35  TRP A NE1 1 
ATOM   263  C CE2 . TRP A 1 35  ? 2.404   1.440   16.337  1.00 41.77 ? 35  TRP A CE2 1 
ATOM   264  C CE3 . TRP A 1 35  ? 0.194   2.370   16.086  1.00 41.77 ? 35  TRP A CE3 1 
ATOM   265  C CZ2 . TRP A 1 35  ? 2.208   0.554   15.276  1.00 41.77 ? 35  TRP A CZ2 1 
ATOM   266  C CZ3 . TRP A 1 35  ? 0.007   1.487   15.044  1.00 41.77 ? 35  TRP A CZ3 1 
ATOM   267  C CH2 . TRP A 1 35  ? 1.012   0.592   14.643  1.00 41.77 ? 35  TRP A CH2 1 
ATOM   268  N N   . VAL A 1 36  ? -0.667  5.704   17.001  1.00 41.77 ? 36  VAL A N   1 
ATOM   269  C CA  . VAL A 1 36  ? -1.600  5.905   15.899  1.00 41.77 ? 36  VAL A CA  1 
ATOM   270  C C   . VAL A 1 36  ? -1.366  7.220   15.099  1.00 41.77 ? 36  VAL A C   1 
ATOM   271  O O   . VAL A 1 36  ? -1.410  7.219   13.857  1.00 41.77 ? 36  VAL A O   1 
ATOM   272  C CB  . VAL A 1 36  ? -3.051  5.752   16.385  1.00 41.77 ? 36  VAL A CB  1 
ATOM   273  C CG1 . VAL A 1 36  ? -4.025  6.056   15.282  1.00 41.77 ? 36  VAL A CG1 1 
ATOM   274  C CG2 . VAL A 1 36  ? -3.278  4.343   16.887  1.00 41.77 ? 36  VAL A CG2 1 
ATOM   275  N N   . ASP A 1 37  ? -1.076  8.320   15.791  1.00 41.77 ? 37  ASP A N   1 
ATOM   276  C CA  . ASP A 1 37  ? -0.725  9.555   15.100  1.00 41.77 ? 37  ASP A CA  1 
ATOM   277  C C   . ASP A 1 37  ? 0.492   9.374   14.237  1.00 41.77 ? 37  ASP A C   1 
ATOM   278  O O   . ASP A 1 37  ? 0.407   9.574   13.037  1.00 41.77 ? 37  ASP A O   1 
ATOM   279  C CB  . ASP A 1 37  ? -0.457  10.687  16.070  1.00 41.77 ? 37  ASP A CB  1 
ATOM   280  C CG  . ASP A 1 37  ? -1.725  11.274  16.631  1.00 41.77 ? 37  ASP A CG  1 
ATOM   281  O OD1 . ASP A 1 37  ? -2.734  11.233  15.877  1.00 41.77 ? 37  ASP A OD1 1 
ATOM   282  O OD2 . ASP A 1 37  ? -1.712  11.748  17.814  1.00 41.77 ? 37  ASP A OD2 1 
ATOM   283  N N   . GLU A 1 38  ? 1.622   8.981   14.833  1.00 41.77 ? 38  GLU A N   1 
ATOM   284  C CA  . GLU A 1 38  ? 2.866   8.894   14.069  1.00 41.77 ? 38  GLU A CA  1 
ATOM   285  C C   . GLU A 1 38  ? 2.766   7.871   12.950  1.00 41.77 ? 38  GLU A C   1 
ATOM   286  O O   . GLU A 1 38  ? 3.350   8.075   11.878  1.00 41.77 ? 38  GLU A O   1 
ATOM   287  C CB  . GLU A 1 38  ? 4.158   8.832   14.943  1.00 41.77 ? 38  GLU A CB  1 
ATOM   288  C CG  . GLU A 1 38  ? 4.408   7.600   15.822  1.00 41.77 ? 38  GLU A CG  1 
ATOM   289  C CD  . GLU A 1 38  ? 4.726   7.941   17.309  1.00 41.77 ? 38  GLU A CD  1 
ATOM   290  O OE1 . GLU A 1 38  ? 5.348   7.093   18.000  1.00 41.77 ? 38  GLU A OE1 1 
ATOM   291  O OE2 . GLU A 1 38  ? 4.327   9.031   17.815  1.00 41.77 ? 38  GLU A OE2 1 
ATOM   292  N N   . MET A 1 39  ? 1.956   6.832   13.142  1.00 41.77 ? 39  MET A N   1 
ATOM   293  C CA  . MET A 1 39  ? 1.717   5.885   12.055  1.00 41.77 ? 39  MET A CA  1 
ATOM   294  C C   . MET A 1 39  ? 0.866   6.451   10.940  1.00 41.77 ? 39  MET A C   1 
ATOM   295  O O   . MET A 1 39  ? 0.975   6.002   9.810   1.00 41.77 ? 39  MET A O   1 
ATOM   296  C CB  . MET A 1 39  ? 1.110   4.575   12.524  1.00 41.77 ? 39  MET A CB  1 
ATOM   297  C CG  . MET A 1 39  ? 2.115   3.670   13.261  1.00 41.77 ? 39  MET A CG  1 
ATOM   298  S SD  . MET A 1 39  ? 3.465   2.977   12.271  1.00 41.77 ? 39  MET A SD  1 
ATOM   299  C CE  . MET A 1 39  ? 2.580   2.702   10.746  1.00 41.77 ? 39  MET A CE  1 
ATOM   300  N N   . GLN A 1 40  ? 0.005   7.412   11.238  1.00 41.77 ? 40  GLN A N   1 
ATOM   301  C CA  . GLN A 1 40  ? -0.815  7.985   10.195  1.00 41.77 ? 40  GLN A CA  1 
ATOM   302  C C   . GLN A 1 40  ? 0.001   8.956   9.343   1.00 41.77 ? 40  GLN A C   1 
ATOM   303  O O   . GLN A 1 40  ? -0.272  9.099   8.149   1.00 41.77 ? 40  GLN A O   1 
ATOM   304  C CB  . GLN A 1 40  ? -2.042  8.663   10.790  1.00 41.77 ? 40  GLN A CB  1 
ATOM   305  C CG  . GLN A 1 40  ? -2.979  9.328   9.766   1.00 41.77 ? 40  GLN A CG  1 
ATOM   306  C CD  . GLN A 1 40  ? -4.046  8.383   9.219   1.00 41.77 ? 40  GLN A CD  1 
ATOM   307  O OE1 . GLN A 1 40  ? -4.294  8.355   8.017   1.00 41.77 ? 40  GLN A OE1 1 
ATOM   308  N NE2 . GLN A 1 40  ? -4.690  7.614   10.105  1.00 41.77 ? 40  GLN A NE2 1 
ATOM   309  N N   . VAL A 1 41  ? 0.998   9.614   9.931   1.00 41.77 ? 41  VAL A N   1 
ATOM   310  C CA  . VAL A 1 41  ? 1.823   10.530  9.138   1.00 41.77 ? 41  VAL A CA  1 
ATOM   311  C C   . VAL A 1 41  ? 2.657   9.754   8.129   1.00 41.77 ? 41  VAL A C   1 
ATOM   312  O O   . VAL A 1 41  ? 2.508   9.973   6.920   1.00 41.77 ? 41  VAL A O   1 
ATOM   313  C CB  . VAL A 1 41  ? 2.592   11.656  9.971   1.00 41.77 ? 41  VAL A CB  1 
ATOM   314  C CG1 . VAL A 1 41  ? 2.564   11.415  11.467  1.00 41.77 ? 41  VAL A CG1 1 
ATOM   315  C CG2 . VAL A 1 41  ? 4.017   11.908  9.476   1.00 41.77 ? 41  VAL A CG2 1 
ATOM   316  N N   . GLN A 1 42  ? 3.516   8.864   8.613   1.00 41.77 ? 42  GLN A N   1 
ATOM   317  C CA  . GLN A 1 42  ? 4.245   7.950   7.743   1.00 41.77 ? 42  GLN A CA  1 
ATOM   318  C C   . GLN A 1 42  ? 3.409   7.560   6.528   1.00 41.77 ? 42  GLN A C   1 
ATOM   319  O O   . GLN A 1 42  ? 3.896   7.571   5.398   1.00 41.77 ? 42  GLN A O   1 
ATOM   320  C CB  . GLN A 1 42  ? 4.667   6.698   8.515   1.00 41.77 ? 42  GLN A CB  1 
ATOM   321  C CG  . GLN A 1 42  ? 6.028   6.809   9.183   1.00 41.77 ? 42  GLN A CG  1 
ATOM   322  C CD  . GLN A 1 42  ? 6.388   5.573   9.983   1.00 41.77 ? 42  GLN A CD  1 
ATOM   323  N N   . LEU A 1 43  ? 2.127   7.335   6.777   1.00 41.77 ? 43  LEU A N   1 
ATOM   324  C CA  . LEU A 1 43  ? 1.220   6.689   5.843   1.00 41.77 ? 43  LEU A CA  1 
ATOM   325  C C   . LEU A 1 43  ? 0.692   7.645   4.779   1.00 41.77 ? 43  LEU A C   1 
ATOM   326  O O   . LEU A 1 43  ? 0.644   7.324   3.601   1.00 41.77 ? 43  LEU A O   1 
ATOM   327  C CB  . LEU A 1 43  ? 0.040   6.140   6.631   1.00 41.77 ? 43  LEU A CB  1 
ATOM   328  C CG  . LEU A 1 43  ? -0.626  4.852   6.175   1.00 41.77 ? 43  LEU A CG  1 
ATOM   329  C CD1 . LEU A 1 43  ? 0.384   3.760   6.005   1.00 41.77 ? 43  LEU A CD1 1 
ATOM   330  C CD2 . LEU A 1 43  ? -1.672  4.444   7.163   1.00 41.77 ? 43  LEU A CD2 1 
ATOM   331  N N   . ASP A 1 44  ? 0.253   8.806   5.235   1.00 41.77 ? 44  ASP A N   1 
ATOM   332  C CA  . ASP A 1 44  ? -0.012  9.984   4.438   1.00 41.77 ? 44  ASP A CA  1 
ATOM   333  C C   . ASP A 1 44  ? 1.192   10.263  3.561   1.00 41.77 ? 44  ASP A C   1 
ATOM   334  O O   . ASP A 1 44  ? 1.065   10.591  2.390   1.00 41.77 ? 44  ASP A O   1 
ATOM   335  C CB  . ASP A 1 44  ? -0.279  11.171  5.351   1.00 41.77 ? 44  ASP A CB  1 
ATOM   336  C CG  . ASP A 1 44  ? -1.595  11.058  6.078   1.00 41.77 ? 44  ASP A CG  1 
ATOM   337  O OD1 . ASP A 1 44  ? -2.416  10.199  5.699   1.00 41.77 ? 44  ASP A OD1 1 
ATOM   338  O OD2 . ASP A 1 44  ? -1.807  11.834  7.028   1.00 41.77 ? 44  ASP A OD2 1 
ATOM   339  N N   . ARG A 1 45  ? 2.365   10.123  4.149   1.00 41.77 ? 45  ARG A N   1 
ATOM   340  C CA  . ARG A 1 45  ? 3.619   10.309  3.444   1.00 41.77 ? 45  ARG A CA  1 
ATOM   341  C C   . ARG A 1 45  ? 3.867   9.275   2.336   1.00 41.77 ? 45  ARG A C   1 
ATOM   342  O O   . ARG A 1 45  ? 4.666   9.557   1.454   1.00 41.77 ? 45  ARG A O   1 
ATOM   343  C CB  . ARG A 1 45  ? 4.799   10.315  4.440   1.00 41.77 ? 45  ARG A CB  1 
ATOM   344  C CG  . ARG A 1 45  ? 4.934   11.592  5.333   1.00 41.77 ? 45  ARG A CG  1 
ATOM   345  N N   . THR A 1 46  ? 3.188   8.113   2.365   1.00 41.77 ? 46  THR A N   1 
ATOM   346  C CA  . THR A 1 46  ? 3.431   6.970   1.426   1.00 41.77 ? 46  THR A CA  1 
ATOM   347  C C   . THR A 1 46  ? 3.641   7.333   -0.024  1.00 41.77 ? 46  THR A C   1 
ATOM   348  O O   . THR A 1 46  ? 2.917   8.141   -0.576  1.00 41.77 ? 46  THR A O   1 
ATOM   349  C CB  . THR A 1 46  ? 2.268   5.945   1.374   1.00 41.77 ? 46  THR A CB  1 
ATOM   350  O OG1 . THR A 1 46  ? 1.726   5.749   2.674   1.00 41.77 ? 46  THR A OG1 1 
ATOM   351  C CG2 . THR A 1 46  ? 2.751   4.591   0.852   1.00 41.77 ? 46  THR A CG2 1 
ATOM   352  N N   . GLU A 1 47  ? 4.621   6.672   -0.626  1.00 41.77 ? 47  GLU A N   1 
ATOM   353  C CA  . GLU A 1 47  ? 4.953   6.789   -2.031  1.00 41.77 ? 47  GLU A CA  1 
ATOM   354  C C   . GLU A 1 47  ? 4.680   5.474   -2.733  1.00 41.77 ? 47  GLU A C   1 
ATOM   355  O O   . GLU A 1 47  ? 4.804   4.407   -2.137  1.00 41.77 ? 47  GLU A O   1 
ATOM   356  C CB  . GLU A 1 47  ? 6.435   7.054   -2.164  1.00 41.77 ? 47  GLU A CB  1 
ATOM   357  C CG  . GLU A 1 47  ? 6.853   8.503   -2.294  1.00 41.77 ? 47  GLU A CG  1 
ATOM   358  C CD  . GLU A 1 47  ? 8.380   8.606   -2.231  1.00 41.77 ? 47  GLU A CD  1 
ATOM   359  O OE1 . GLU A 1 47  ? 8.914   8.435   -1.102  1.00 41.77 ? 47  GLU A OE1 1 
ATOM   360  O OE2 . GLU A 1 47  ? 9.040   8.811   -3.295  1.00 41.77 ? 47  GLU A OE2 1 
ATOM   361  N N   . TRP A 1 48  ? 4.374   5.554   -4.020  1.00 41.77 ? 48  TRP A N   1 
ATOM   362  C CA  . TRP A 1 48  ? 4.003   4.374   -4.799  1.00 41.77 ? 48  TRP A CA  1 
ATOM   363  C C   . TRP A 1 48  ? 5.122   3.781   -5.649  1.00 41.77 ? 48  TRP A C   1 
ATOM   364  O O   . TRP A 1 48  ? 5.188   2.580   -5.816  1.00 41.77 ? 48  TRP A O   1 
ATOM   365  C CB  . TRP A 1 48  ? 2.813   4.720   -5.676  1.00 41.77 ? 48  TRP A CB  1 
ATOM   366  C CG  . TRP A 1 48  ? 1.780   5.456   -4.908  1.00 41.77 ? 48  TRP A CG  1 
ATOM   367  C CD1 . TRP A 1 48  ? 1.553   6.794   -4.921  1.00 41.77 ? 48  TRP A CD1 1 
ATOM   368  C CD2 . TRP A 1 48  ? 0.847   4.892   -3.972  1.00 41.77 ? 48  TRP A CD2 1 
ATOM   369  N NE1 . TRP A 1 48  ? 0.527   7.102   -4.067  1.00 41.77 ? 48  TRP A NE1 1 
ATOM   370  C CE2 . TRP A 1 48  ? 0.074   5.957   -3.467  1.00 41.77 ? 48  TRP A CE2 1 
ATOM   371  C CE3 . TRP A 1 48  ? 0.579   3.584   -3.527  1.00 41.77 ? 48  TRP A CE3 1 
ATOM   372  C CZ2 . TRP A 1 48  ? -0.940  5.771   -2.546  1.00 41.77 ? 48  TRP A CZ2 1 
ATOM   373  C CZ3 . TRP A 1 48  ? -0.441  3.399   -2.613  1.00 41.77 ? 48  TRP A CZ3 1 
ATOM   374  C CH2 . TRP A 1 48  ? -1.182  4.491   -2.132  1.00 41.77 ? 48  TRP A CH2 1 
ATOM   375  N N   . GLY A 1 49  ? 5.990   4.619   -6.190  1.00 41.77 ? 49  GLY A N   1 
ATOM   376  C CA  . GLY A 1 49  ? 7.090   4.125   -6.978  1.00 41.77 ? 49  GLY A CA  1 
ATOM   377  C C   . GLY A 1 49  ? 6.764   4.289   -8.433  1.00 41.77 ? 49  GLY A C   1 
ATOM   378  O O   . GLY A 1 49  ? 5.618   4.261   -8.818  1.00 41.77 ? 49  GLY A O   1 
ATOM   379  N N   . SER A 1 50  ? 7.784   4.469   -9.246  1.00 41.77 ? 50  SER A N   1 
ATOM   380  C CA  . SER A 1 50  ? 7.558   4.788   -10.625 1.00 41.77 ? 50  SER A CA  1 
ATOM   381  C C   . SER A 1 50  ? 8.164   3.758   -11.579 1.00 41.77 ? 50  SER A C   1 
ATOM   382  O O   . SER A 1 50  ? 8.084   3.899   -12.788 1.00 41.77 ? 50  SER A O   1 
ATOM   383  C CB  . SER A 1 50  ? 8.068   6.196   -10.910 1.00 41.77 ? 50  SER A CB  1 
ATOM   384  O OG  . SER A 1 50  ? 9.454   6.280   -10.678 1.00 41.77 ? 50  SER A OG  1 
ATOM   385  N N   . ASP A 1 51  ? 8.749   2.713   -11.019 1.00 41.77 ? 51  ASP A N   1 
ATOM   386  C CA  . ASP A 1 51  ? 9.176   1.569   -11.805 1.00 41.77 ? 51  ASP A CA  1 
ATOM   387  C C   . ASP A 1 51  ? 8.998   0.284   -11.006 1.00 41.77 ? 51  ASP A C   1 
ATOM   388  O O   . ASP A 1 51  ? 8.613   0.341   -9.836  1.00 41.77 ? 51  ASP A O   1 
ATOM   389  C CB  . ASP A 1 51  ? 10.613  1.736   -12.274 1.00 41.77 ? 51  ASP A CB  1 
ATOM   390  C CG  . ASP A 1 51  ? 11.555  2.044   -11.154 1.00 41.77 ? 51  ASP A CG  1 
ATOM   391  O OD1 . ASP A 1 51  ? 12.327  3.006   -11.284 1.00 41.77 ? 51  ASP A OD1 1 
ATOM   392  O OD2 . ASP A 1 51  ? 11.537  1.335   -10.142 1.00 41.77 ? 51  ASP A OD2 1 
ATOM   393  N N   . LEU A 1 52  ? 9.268   -0.868  -11.620 1.00 41.77 ? 52  LEU A N   1 
ATOM   394  C CA  . LEU A 1 52  ? 8.978   -2.133  -10.958 1.00 41.77 ? 52  LEU A CA  1 
ATOM   395  C C   . LEU A 1 52  ? 9.769   -2.312  -9.666  1.00 41.77 ? 52  LEU A C   1 
ATOM   396  O O   . LEU A 1 52  ? 9.177   -2.618  -8.644  1.00 41.77 ? 52  LEU A O   1 
ATOM   397  C CB  . LEU A 1 52  ? 9.156   -3.327  -11.904 1.00 41.77 ? 52  LEU A CB  1 
ATOM   398  C CG  . LEU A 1 52  ? 8.801   -4.710  -11.349 1.00 41.77 ? 52  LEU A CG  1 
ATOM   399  C CD1 . LEU A 1 52  ? 7.325   -4.828  -11.025 1.00 41.77 ? 52  LEU A CD1 1 
ATOM   400  C CD2 . LEU A 1 52  ? 9.209   -5.748  -12.330 1.00 41.77 ? 52  LEU A CD2 1 
ATOM   401  N N   . PRO A 1 53  ? 11.105  -2.125  -9.707  1.00 41.77 ? 53  PRO A N   1 
ATOM   402  C CA  . PRO A 1 53  ? 11.825  -2.271  -8.451  1.00 41.77 ? 53  PRO A CA  1 
ATOM   403  C C   . PRO A 1 53  ? 11.261  -1.372  -7.343  1.00 41.77 ? 53  PRO A C   1 
ATOM   404  O O   . PRO A 1 53  ? 10.978  -1.859  -6.259  1.00 41.77 ? 53  PRO A O   1 
ATOM   405  C CB  . PRO A 1 53  ? 13.267  -1.889  -8.821  1.00 41.77 ? 53  PRO A CB  1 
ATOM   406  C CG  . PRO A 1 53  ? 13.369  -2.158  -10.254 1.00 41.77 ? 53  PRO A CG  1 
ATOM   407  C CD  . PRO A 1 53  ? 12.024  -1.821  -10.822 1.00 41.77 ? 53  PRO A CD  1 
ATOM   408  N N   . SER A 1 54  ? 11.069  -0.086  -7.602  1.00 41.77 ? 54  SER A N   1 
ATOM   409  C CA  . SER A 1 54  ? 10.552  0.793   -6.564  1.00 41.77 ? 54  SER A CA  1 
ATOM   410  C C   . SER A 1 54  ? 9.153   0.386   -6.117  1.00 41.77 ? 54  SER A C   1 
ATOM   411  O O   . SER A 1 54  ? 8.845   0.425   -4.929  1.00 41.77 ? 54  SER A O   1 
ATOM   412  C CB  . SER A 1 54  ? 10.614  2.255   -6.975  1.00 41.77 ? 54  SER A CB  1 
ATOM   413  O OG  . SER A 1 54  ? 10.183  2.420   -8.303  1.00 41.77 ? 54  SER A OG  1 
ATOM   414  N N   . VAL A 1 55  ? 8.313   -0.046  -7.043  1.00 41.77 ? 55  VAL A N   1 
ATOM   415  C CA  . VAL A 1 55  ? 7.017   -0.522  -6.614  1.00 41.77 ? 55  VAL A CA  1 
ATOM   416  C C   . VAL A 1 55  ? 7.165   -1.702  -5.666  1.00 41.77 ? 55  VAL A C   1 
ATOM   417  O O   . VAL A 1 55  ? 6.601   -1.673  -4.596  1.00 41.77 ? 55  VAL A O   1 
ATOM   418  C CB  . VAL A 1 55  ? 6.078   -0.842  -7.754  1.00 41.77 ? 55  VAL A CB  1 
ATOM   419  C CG1 . VAL A 1 55  ? 4.807   -1.467  -7.225  1.00 41.77 ? 55  VAL A CG1 1 
ATOM   420  C CG2 . VAL A 1 55  ? 5.760   0.411   -8.503  1.00 41.77 ? 55  VAL A CG2 1 
ATOM   421  N N   . GLU A 1 56  ? 7.936   -2.724  -6.037  1.00 41.77 ? 56  GLU A N   1 
ATOM   422  C CA  . GLU A 1 56  ? 8.194   -3.852  -5.135  1.00 41.77 ? 56  GLU A CA  1 
ATOM   423  C C   . GLU A 1 56  ? 8.570   -3.350  -3.759  1.00 41.77 ? 56  GLU A C   1 
ATOM   424  O O   . GLU A 1 56  ? 8.074   -3.831  -2.747  1.00 41.77 ? 56  GLU A O   1 
ATOM   425  C CB  . GLU A 1 56  ? 9.358   -4.688  -5.624  1.00 41.77 ? 56  GLU A CB  1 
ATOM   426  C CG  . GLU A 1 56  ? 9.061   -5.655  -6.699  1.00 41.77 ? 56  GLU A CG  1 
ATOM   427  C CD  . GLU A 1 56  ? 10.332  -6.186  -7.308  1.00 41.77 ? 56  GLU A CD  1 
ATOM   428  O OE1 . GLU A 1 56  ? 11.410  -5.648  -6.981  1.00 41.77 ? 56  GLU A OE1 1 
ATOM   429  O OE2 . GLU A 1 56  ? 10.275  -7.141  -8.106  1.00 41.77 ? 56  GLU A OE2 1 
ATOM   430  N N   . SER A 1 57  ? 9.464   -2.370  -3.750  1.00 41.77 ? 57  SER A N   1 
ATOM   431  C CA  . SER A 1 57  ? 10.030  -1.835  -2.540  1.00 41.77 ? 57  SER A CA  1 
ATOM   432  C C   . SER A 1 57  ? 8.968   -1.206  -1.655  1.00 41.77 ? 57  SER A C   1 
ATOM   433  O O   . SER A 1 57  ? 8.809   -1.599  -0.513  1.00 41.77 ? 57  SER A O   1 
ATOM   434  C CB  . SER A 1 57  ? 11.085  -0.815  -2.896  1.00 41.77 ? 57  SER A CB  1 
ATOM   435  O OG  . SER A 1 57  ? 11.762  -0.417  -1.739  1.00 41.77 ? 57  SER A OG  1 
ATOM   436  N N   . HIS A 1 58  ? 8.221   -0.245  -2.188  1.00 41.77 ? 58  HIS A N   1 
ATOM   437  C CA  . HIS A 1 58  ? 7.165   0.386   -1.417  1.00 41.77 ? 58  HIS A CA  1 
ATOM   438  C C   . HIS A 1 58  ? 6.166   -0.659  -0.976  1.00 41.77 ? 58  HIS A C   1 
ATOM   439  O O   . HIS A 1 58  ? 5.767   -0.677  0.180   1.00 41.77 ? 58  HIS A O   1 
ATOM   440  C CB  . HIS A 1 58  ? 6.515   1.542   -2.185  1.00 41.77 ? 58  HIS A CB  1 
ATOM   441  C CG  . HIS A 1 58  ? 7.446   2.701   -2.422  1.00 41.77 ? 58  HIS A CG  1 
ATOM   442  N ND1 . HIS A 1 58  ? 8.142   3.322   -1.407  1.00 41.77 ? 58  HIS A ND1 1 
ATOM   443  C CD2 . HIS A 1 58  ? 7.805   3.342   -3.559  1.00 41.77 ? 58  HIS A CD2 1 
ATOM   444  C CE1 . HIS A 1 58  ? 8.888   4.292   -1.906  1.00 41.77 ? 58  HIS A CE1 1 
ATOM   445  N NE2 . HIS A 1 58  ? 8.699   4.327   -3.211  1.00 41.77 ? 58  HIS A NE2 1 
ATOM   446  N N   . LEU A 1 59  ? 5.819   -1.572  -1.878  1.00 41.77 ? 59  LEU A N   1 
ATOM   447  C CA  . LEU A 1 59  ? 4.922   -2.681  -1.546  1.00 41.77 ? 59  LEU A CA  1 
ATOM   448  C C   . LEU A 1 59  ? 5.404   -3.468  -0.333  1.00 41.77 ? 59  LEU A C   1 
ATOM   449  O O   . LEU A 1 59  ? 4.643   -3.679  0.620   1.00 41.77 ? 59  LEU A O   1 
ATOM   450  C CB  . LEU A 1 59  ? 4.727   -3.620  -2.735  1.00 41.77 ? 59  LEU A CB  1 
ATOM   451  C CG  . LEU A 1 59  ? 3.655   -4.695  -2.566  1.00 41.77 ? 59  LEU A CG  1 
ATOM   452  C CD1 . LEU A 1 59  ? 3.062   -5.014  -3.902  1.00 41.77 ? 59  LEU A CD1 1 
ATOM   453  C CD2 . LEU A 1 59  ? 4.201   -5.951  -1.948  1.00 41.77 ? 59  LEU A CD2 1 
ATOM   454  N N   . GLU A 1 60  ? 6.659   -3.912  -0.377  1.00 41.77 ? 60  GLU A N   1 
ATOM   455  C CA  . GLU A 1 60  ? 7.196   -4.679  0.731   1.00 41.77 ? 60  GLU A CA  1 
ATOM   456  C C   . GLU A 1 60  ? 7.161   -3.820  1.997   1.00 41.77 ? 60  GLU A C   1 
ATOM   457  O O   . GLU A 1 60  ? 6.645   -4.241  3.046   1.00 41.77 ? 60  GLU A O   1 
ATOM   458  C CB  . GLU A 1 60  ? 8.601   -5.198  0.456   1.00 41.77 ? 60  GLU A CB  1 
ATOM   459  C CG  . GLU A 1 60  ? 8.871   -6.520  1.175   1.00 41.77 ? 60  GLU A CG  1 
ATOM   460  C CD  . GLU A 1 60  ? 10.373  -6.828  1.385   1.00 41.77 ? 60  GLU A CD  1 
ATOM   461  N N   . ASN A 1 61  ? 7.668   -2.597  1.881   1.00 41.77 ? 61  ASN A N   1 
ATOM   462  C CA  . ASN A 1 61  ? 7.742   -1.690  3.016   1.00 41.77 ? 61  ASN A CA  1 
ATOM   463  C C   . ASN A 1 61  ? 6.383   -1.599  3.645   1.00 41.77 ? 61  ASN A C   1 
ATOM   464  O O   . ASN A 1 61  ? 6.221   -1.678  4.871   1.00 41.77 ? 61  ASN A O   1 
ATOM   465  C CB  . ASN A 1 61  ? 8.164   -0.307  2.549   1.00 41.77 ? 61  ASN A CB  1 
ATOM   466  C CG  . ASN A 1 61  ? 8.826   0.488   3.638   1.00 41.77 ? 61  ASN A CG  1 
ATOM   467  O OD1 . ASN A 1 61  ? 8.138   1.077   4.476   1.00 41.77 ? 61  ASN A OD1 1 
ATOM   468  N N   . HIS A 1 62  ? 5.392   -1.468  2.780   1.00 41.77 ? 62  HIS A N   1 
ATOM   469  C CA  . HIS A 1 62  ? 4.046   -1.305  3.258   1.00 41.77 ? 62  HIS A CA  1 
ATOM   470  C C   . HIS A 1 62  ? 3.513   -2.595  3.838   1.00 41.77 ? 62  HIS A C   1 
ATOM   471  O O   . HIS A 1 62  ? 2.595   -2.547  4.641   1.00 41.77 ? 62  HIS A O   1 
ATOM   472  C CB  . HIS A 1 62  ? 3.122   -0.797  2.165   1.00 41.77 ? 62  HIS A CB  1 
ATOM   473  C CG  . HIS A 1 62  ? 1.836   -0.266  2.697   1.00 41.77 ? 62  HIS A CG  1 
ATOM   474  N ND1 . HIS A 1 62  ? 0.855   -1.091  3.216   1.00 41.77 ? 62  HIS A ND1 1 
ATOM   475  C CD2 . HIS A 1 62  ? 1.375   1.005   2.825   1.00 41.77 ? 62  HIS A CD2 1 
ATOM   476  C CE1 . HIS A 1 62  ? -0.161  -0.347  3.634   1.00 41.77 ? 62  HIS A CE1 1 
ATOM   477  N NE2 . HIS A 1 62  ? 0.128   0.927   3.407   1.00 41.77 ? 62  HIS A NE2 1 
ATOM   478  N N   . LYS A 1 63  ? 4.074   -3.741  3.434   1.00 41.77 ? 63  LYS A N   1 
ATOM   479  C CA  . LYS A 1 63  ? 3.632   -5.014  4.011   1.00 41.77 ? 63  LYS A CA  1 
ATOM   480  C C   . LYS A 1 63  ? 3.816   -4.882  5.530   1.00 41.77 ? 63  LYS A C   1 
ATOM   481  O O   . LYS A 1 63  ? 2.835   -4.946  6.318   1.00 41.77 ? 63  LYS A O   1 
ATOM   482  C CB  . LYS A 1 63  ? 4.398   -6.234  3.425   1.00 41.77 ? 63  LYS A CB  1 
ATOM   483  N N   . ASN A 1 64  ? 5.065   -4.608  5.912   1.00 41.77 ? 64  ASN A N   1 
ATOM   484  C CA  . ASN A 1 64  ? 5.462   -4.451  7.306   1.00 41.77 ? 64  ASN A CA  1 
ATOM   485  C C   . ASN A 1 64  ? 4.730   -3.363  8.033   1.00 41.77 ? 64  ASN A C   1 
ATOM   486  O O   . ASN A 1 64  ? 4.421   -3.525  9.212   1.00 41.77 ? 64  ASN A O   1 
ATOM   487  C CB  . ASN A 1 64  ? 6.947   -4.197  7.384   1.00 41.77 ? 64  ASN A CB  1 
ATOM   488  C CG  . ASN A 1 64  ? 7.708   -5.298  6.751   1.00 41.77 ? 64  ASN A CG  1 
ATOM   489  O OD1 . ASN A 1 64  ? 7.350   -6.471  6.932   1.00 41.77 ? 64  ASN A OD1 1 
ATOM   490  N ND2 . ASN A 1 64  ? 8.726   -4.960  5.957   1.00 41.77 ? 64  ASN A ND2 1 
ATOM   491  N N   . VAL A 1 65  ? 4.442   -2.256  7.356   1.00 41.77 ? 65  VAL A N   1 
ATOM   492  C CA  . VAL A 1 65  ? 3.661   -1.252  8.027   1.00 41.77 ? 65  VAL A CA  1 
ATOM   493  C C   . VAL A 1 65  ? 2.296   -1.857  8.321   1.00 41.77 ? 65  VAL A C   1 
ATOM   494  O O   . VAL A 1 65  ? 1.852   -1.806  9.470   1.00 41.77 ? 65  VAL A O   1 
ATOM   495  C CB  . VAL A 1 65  ? 3.564   0.047   7.254   1.00 41.77 ? 65  VAL A CB  1 
ATOM   496  C CG1 . VAL A 1 65  ? 2.395   0.874   7.746   1.00 41.77 ? 65  VAL A CG1 1 
ATOM   497  C CG2 . VAL A 1 65  ? 4.852   0.818   7.398   1.00 41.77 ? 65  VAL A CG2 1 
ATOM   498  N N   . HIS A 1 66  ? 1.661   -2.486  7.329   1.00 41.77 ? 66  HIS A N   1 
ATOM   499  C CA  . HIS A 1 66  ? 0.294   -2.976  7.528   1.00 41.77 ? 66  HIS A CA  1 
ATOM   500  C C   . HIS A 1 66  ? 0.242   -4.012  8.655   1.00 41.77 ? 66  HIS A C   1 
ATOM   501  O O   . HIS A 1 66  ? -0.684  -3.993  9.504   1.00 41.77 ? 66  HIS A O   1 
ATOM   502  C CB  . HIS A 1 66  ? -0.284  -3.567  6.248   1.00 41.77 ? 66  HIS A CB  1 
ATOM   503  C CG  . HIS A 1 66  ? -1.704  -4.008  6.385   1.00 41.77 ? 66  HIS A CG  1 
ATOM   504  N ND1 . HIS A 1 66  ? -2.760  -3.121  6.381   1.00 41.77 ? 66  HIS A ND1 1 
ATOM   505  C CD2 . HIS A 1 66  ? -2.246  -5.238  6.550   1.00 41.77 ? 66  HIS A CD2 1 
ATOM   506  C CE1 . HIS A 1 66  ? -3.892  -3.785  6.542   1.00 41.77 ? 66  HIS A CE1 1 
ATOM   507  N NE2 . HIS A 1 66  ? -3.609  -5.072  6.652   1.00 41.77 ? 66  HIS A NE2 1 
ATOM   508  N N   . ARG A 1 67  ? 1.254   -4.889  8.664   1.00 41.77 ? 67  ARG A N   1 
ATOM   509  C CA  . ARG A 1 67  ? 1.321   -5.995  9.605   1.00 41.77 ? 67  ARG A CA  1 
ATOM   510  C C   . ARG A 1 67  ? 1.339   -5.391  10.988  1.00 41.77 ? 67  ARG A C   1 
ATOM   511  O O   . ARG A 1 67  ? 0.531   -5.762  11.836  1.00 41.77 ? 67  ARG A O   1 
ATOM   512  C CB  . ARG A 1 67  ? 2.566   -6.825  9.338   1.00 41.77 ? 67  ARG A CB  1 
ATOM   513  C CG  . ARG A 1 67  ? 2.792   -8.028  10.257  1.00 41.77 ? 67  ARG A CG  1 
ATOM   514  C CD  . ARG A 1 67  ? 3.735   -9.092  9.581   1.00 41.77 ? 67  ARG A CD  1 
ATOM   515  N NE  . ARG A 1 67  ? 4.954   -8.526  8.943   1.00 41.77 ? 67  ARG A NE  1 
ATOM   516  C CZ  . ARG A 1 67  ? 6.144   -8.410  9.548   1.00 41.77 ? 67  ARG A CZ  1 
ATOM   517  N N   . ALA A 1 68  ? 2.208   -4.405  11.195  1.00 41.77 ? 68  ALA A N   1 
ATOM   518  C CA  . ALA A 1 68  ? 2.303   -3.779  12.501  1.00 41.77 ? 68  ALA A CA  1 
ATOM   519  C C   . ALA A 1 68  ? 0.945   -3.174  12.899  1.00 41.77 ? 68  ALA A C   1 
ATOM   520  O O   . ALA A 1 68  ? 0.466   -3.384  14.016  1.00 41.77 ? 68  ALA A O   1 
ATOM   521  C CB  . ALA A 1 68  ? 3.419   -2.757  12.533  1.00 41.77 ? 68  ALA A CB  1 
ATOM   522  N N   . ILE A 1 69  ? 0.302   -2.471  11.977  1.00 41.77 ? 69  ILE A N   1 
ATOM   523  C CA  . ILE A 1 69  ? -0.995  -1.886  12.241  1.00 41.77 ? 69  ILE A CA  1 
ATOM   524  C C   . ILE A 1 69  ? -2.013  -2.949  12.669  1.00 41.77 ? 69  ILE A C   1 
ATOM   525  O O   . ILE A 1 69  ? -2.949  -2.656  13.418  1.00 41.77 ? 69  ILE A O   1 
ATOM   526  C CB  . ILE A 1 69  ? -1.547  -1.229  10.986  1.00 41.77 ? 69  ILE A CB  1 
ATOM   527  C CG1 . ILE A 1 69  ? -0.488  -0.340  10.323  1.00 41.77 ? 69  ILE A CG1 1 
ATOM   528  C CG2 . ILE A 1 69  ? -2.864  -0.510  11.289  1.00 41.77 ? 69  ILE A CG2 1 
ATOM   529  C CD1 . ILE A 1 69  ? -0.785  1.143   10.340  1.00 41.77 ? 69  ILE A CD1 1 
ATOM   530  N N   . GLU A 1 70  ? -1.854  -4.176  12.180  1.00 41.77 ? 70  GLU A N   1 
ATOM   531  C CA  . GLU A 1 70  ? -2.834  -5.221  12.497  1.00 41.77 ? 70  GLU A CA  1 
ATOM   532  C C   . GLU A 1 70  ? -2.605  -5.851  13.868  1.00 41.77 ? 70  GLU A C   1 
ATOM   533  O O   . GLU A 1 70  ? -3.556  -6.197  14.579  1.00 41.77 ? 70  GLU A O   1 
ATOM   534  C CB  . GLU A 1 70  ? -2.832  -6.313  11.448  1.00 41.77 ? 70  GLU A CB  1 
ATOM   535  C CG  . GLU A 1 70  ? -3.236  -5.852  10.098  1.00 41.77 ? 70  GLU A CG  1 
ATOM   536  C CD  . GLU A 1 70  ? -3.743  -7.006  9.249   1.00 41.77 ? 70  GLU A CD  1 
ATOM   537  O OE1 . GLU A 1 70  ? -2.909  -7.844  8.767   1.00 41.77 ? 70  GLU A OE1 1 
ATOM   538  O OE2 . GLU A 1 70  ? -4.993  -7.058  9.079   1.00 41.77 ? 70  GLU A OE2 1 
ATOM   539  N N   . GLU A 1 71  ? -1.337  -6.016  14.217  1.00 41.77 ? 71  GLU A N   1 
ATOM   540  C CA  . GLU A 1 71  ? -0.974  -6.574  15.503  1.00 41.77 ? 71  GLU A CA  1 
ATOM   541  C C   . GLU A 1 71  ? -1.234  -5.533  16.570  1.00 41.77 ? 71  GLU A C   1 
ATOM   542  O O   . GLU A 1 71  ? -1.423  -5.880  17.746  1.00 41.77 ? 71  GLU A O   1 
ATOM   543  C CB  . GLU A 1 71  ? 0.481   -6.980  15.501  1.00 41.77 ? 71  GLU A CB  1 
ATOM   544  C CG  . GLU A 1 71  ? 0.853   -7.517  14.169  1.00 41.77 ? 71  GLU A CG  1 
ATOM   545  C CD  . GLU A 1 71  ? 2.034   -8.438  14.204  1.00 41.77 ? 71  GLU A CD  1 
ATOM   546  O OE1 . GLU A 1 71  ? 2.928   -8.251  15.068  1.00 41.77 ? 71  GLU A OE1 1 
ATOM   547  O OE2 . GLU A 1 71  ? 2.074   -9.358  13.356  1.00 41.77 ? 71  GLU A OE2 1 
ATOM   548  N N   . PHE A 1 72  ? -1.281  -4.264  16.161  1.00 41.77 ? 72  PHE A N   1 
ATOM   549  C CA  . PHE A 1 72  ? -1.594  -3.202  17.099  1.00 41.77 ? 72  PHE A CA  1 
ATOM   550  C C   . PHE A 1 72  ? -2.923  -3.411  17.816  1.00 41.77 ? 72  PHE A C   1 
ATOM   551  O O   . PHE A 1 72  ? -3.143  -2.841  18.867  1.00 41.77 ? 72  PHE A O   1 
ATOM   552  C CB  . PHE A 1 72  ? -1.596  -1.851  16.414  1.00 41.77 ? 72  PHE A CB  1 
ATOM   553  C CG  . PHE A 1 72  ? -1.779  -0.702  17.360  1.00 41.77 ? 72  PHE A CG  1 
ATOM   554  C CD1 . PHE A 1 72  ? -0.695  -0.169  18.031  1.00 41.77 ? 72  PHE A CD1 1 
ATOM   555  C CD2 . PHE A 1 72  ? -3.040  -0.154  17.567  1.00 41.77 ? 72  PHE A CD2 1 
ATOM   556  C CE1 . PHE A 1 72  ? -0.871  0.881   18.894  1.00 41.77 ? 72  PHE A CE1 1 
ATOM   557  C CE2 . PHE A 1 72  ? -3.228  0.905   18.430  1.00 41.77 ? 72  PHE A CE2 1 
ATOM   558  C CZ  . PHE A 1 72  ? -2.154  1.426   19.099  1.00 41.77 ? 72  PHE A CZ  1 
ATOM   559  N N   . GLU A 1 73  ? -3.795  -4.232  17.243  1.00 41.77 ? 73  GLU A N   1 
ATOM   560  C CA  . GLU A 1 73  ? -5.091  -4.508  17.827  1.00 41.77 ? 73  GLU A CA  1 
ATOM   561  C C   . GLU A 1 73  ? -5.022  -5.053  19.252  1.00 41.77 ? 73  GLU A C   1 
ATOM   562  O O   . GLU A 1 73  ? -5.861  -4.745  20.085  1.00 41.77 ? 73  GLU A O   1 
ATOM   563  C CB  . GLU A 1 73  ? -5.862  -5.484  16.951  1.00 41.77 ? 73  GLU A CB  1 
ATOM   564  C CG  . GLU A 1 73  ? -7.357  -5.184  16.899  1.00 41.77 ? 73  GLU A CG  1 
ATOM   565  C CD  . GLU A 1 73  ? -8.202  -6.407  16.614  1.00 41.77 ? 73  GLU A CD  1 
ATOM   566  O OE1 . GLU A 1 73  ? -7.689  -7.353  15.979  1.00 41.77 ? 73  GLU A OE1 1 
ATOM   567  O OE2 . GLU A 1 73  ? -9.384  -6.427  17.031  1.00 41.77 ? 73  GLU A OE2 1 
ATOM   568  N N   . SER A 1 74  ? -4.026  -5.870  19.539  1.00 41.77 ? 74  SER A N   1 
ATOM   569  C CA  . SER A 1 74  ? -3.932  -6.468  20.857  1.00 41.77 ? 74  SER A CA  1 
ATOM   570  C C   . SER A 1 74  ? -3.853  -5.363  21.869  1.00 41.77 ? 74  SER A C   1 
ATOM   571  O O   . SER A 1 74  ? -4.401  -5.460  22.932  1.00 41.77 ? 74  SER A O   1 
ATOM   572  C CB  . SER A 1 74  ? -2.701  -7.359  20.961  1.00 41.77 ? 74  SER A CB  1 
ATOM   573  O OG  . SER A 1 74  ? -1.544  -6.649  20.558  1.00 41.77 ? 74  SER A OG  1 
ATOM   574  N N   . SER A 1 75  ? -3.176  -4.291  21.523  1.00 41.77 ? 75  SER A N   1 
ATOM   575  C CA  . SER A 1 75  ? -3.002  -3.212  22.458  1.00 41.77 ? 75  SER A CA  1 
ATOM   576  C C   . SER A 1 75  ? -4.272  -2.391  22.506  1.00 41.77 ? 75  SER A C   1 
ATOM   577  O O   . SER A 1 75  ? -4.640  -1.896  23.558  1.00 41.77 ? 75  SER A O   1 
ATOM   578  C CB  . SER A 1 75  ? -1.764  -2.394  22.098  1.00 41.77 ? 75  SER A CB  1 
ATOM   579  O OG  . SER A 1 75  ? -0.661  -3.271  21.811  1.00 41.77 ? 75  SER A OG  1 
ATOM   580  N N   . LEU A 1 76  ? -4.983  -2.288  21.388  1.00 41.77 ? 76  LEU A N   1 
ATOM   581  C CA  . LEU A 1 76  ? -6.280  -1.630  21.394  1.00 41.77 ? 76  LEU A CA  1 
ATOM   582  C C   . LEU A 1 76  ? -7.219  -2.364  22.353  1.00 41.77 ? 76  LEU A C   1 
ATOM   583  O O   . LEU A 1 76  ? -7.922  -1.731  23.141  1.00 41.77 ? 76  LEU A O   1 
ATOM   584  C CB  . LEU A 1 76  ? -6.887  -1.621  20.006  1.00 41.77 ? 76  LEU A CB  1 
ATOM   585  C CG  . LEU A 1 76  ? -7.861  -0.533  19.499  1.00 41.77 ? 76  LEU A CG  1 
ATOM   586  C CD1 . LEU A 1 76  ? -8.997  -1.172  18.686  1.00 41.77 ? 76  LEU A CD1 1 
ATOM   587  C CD2 . LEU A 1 76  ? -8.436  0.376   20.552  1.00 41.77 ? 76  LEU A CD2 1 
ATOM   588  N N   . LYS A 1 77  ? -7.214  -3.694  22.298  1.00 41.77 ? 77  LYS A N   1 
ATOM   589  C CA  . LYS A 1 77  ? -8.073  -4.484  23.161  1.00 41.77 ? 77  LYS A CA  1 
ATOM   590  C C   . LYS A 1 77  ? -7.707  -4.275  24.625  1.00 41.77 ? 77  LYS A C   1 
ATOM   591  O O   . LYS A 1 77  ? -8.584  -4.143  25.467  1.00 41.77 ? 77  LYS A O   1 
ATOM   592  C CB  . LYS A 1 77  ? -8.004  -5.961  22.810  1.00 41.77 ? 77  LYS A CB  1 
ATOM   593  C CG  . LYS A 1 77  ? -8.409  -6.283  21.414  1.00 41.77 ? 77  LYS A CG  1 
ATOM   594  C CD  . LYS A 1 77  ? -8.581  -7.767  21.245  1.00 41.77 ? 77  LYS A CD  1 
ATOM   595  C CE  . LYS A 1 77  ? -9.320  -8.102  19.968  1.00 41.77 ? 77  LYS A CE  1 
ATOM   596  N NZ  . LYS A 1 77  ? -9.382  -9.573  19.800  1.00 41.77 ? 77  LYS A NZ  1 
ATOM   597  N N   . GLU A 1 78  ? -6.415  -4.225  24.928  1.00 41.77 ? 78  GLU A N   1 
ATOM   598  C CA  . GLU A 1 78  ? -6.001  -3.971  26.290  1.00 41.77 ? 78  GLU A CA  1 
ATOM   599  C C   . GLU A 1 78  ? -6.478  -2.601  26.717  1.00 41.77 ? 78  GLU A C   1 
ATOM   600  O O   . GLU A 1 78  ? -6.912  -2.426  27.848  1.00 41.77 ? 78  GLU A O   1 
ATOM   601  C CB  . GLU A 1 78  ? -4.490  -4.053  26.462  1.00 41.77 ? 78  GLU A CB  1 
ATOM   602  C CG  . GLU A 1 78  ? -4.015  -3.770  27.900  1.00 41.77 ? 78  GLU A CG  1 
ATOM   603  C CD  . GLU A 1 78  ? -4.445  -4.838  28.912  1.00 41.77 ? 78  GLU A CD  1 
ATOM   604  O OE1 . GLU A 1 78  ? -4.866  -5.957  28.502  1.00 41.77 ? 78  GLU A OE1 1 
ATOM   605  O OE2 . GLU A 1 78  ? -4.337  -4.569  30.127  1.00 41.77 ? 78  GLU A OE2 1 
ATOM   606  N N   . ALA A 1 79  ? -6.399  -1.623  25.825  1.00 41.77 ? 79  ALA A N   1 
ATOM   607  C CA  . ALA A 1 79  ? -6.895  -0.324  26.196  1.00 41.77 ? 79  ALA A CA  1 
ATOM   608  C C   . ALA A 1 79  ? -8.392  -0.430  26.466  1.00 41.77 ? 79  ALA A C   1 
ATOM   609  O O   . ALA A 1 79  ? -8.873  0.097   27.465  1.00 41.77 ? 79  ALA A O   1 
ATOM   610  C CB  . ALA A 1 79  ? -6.610  0.679   25.140  1.00 41.77 ? 79  ALA A CB  1 
ATOM   611  N N   . LYS A 1 80  ? -9.124  -1.139  25.603  1.00 41.77 ? 80  LYS A N   1 
ATOM   612  C CA  . LYS A 1 80  ? -10.580 -1.247  25.762  1.00 41.77 ? 80  LYS A CA  1 
ATOM   613  C C   . LYS A 1 80  ? -10.914 -1.816  27.126  1.00 41.77 ? 80  LYS A C   1 
ATOM   614  O O   . LYS A 1 80  ? -11.666 -1.204  27.881  1.00 41.77 ? 80  LYS A O   1 
ATOM   615  C CB  . LYS A 1 80  ? -11.232 -2.098  24.671  1.00 41.77 ? 80  LYS A CB  1 
ATOM   616  C CG  . LYS A 1 80  ? -11.299 -1.474  23.294  1.00 41.77 ? 80  LYS A CG  1 
ATOM   617  C CD  . LYS A 1 80  ? -12.241 -2.296  22.437  1.00 41.77 ? 80  LYS A CD  1 
ATOM   618  C CE  . LYS A 1 80  ? -11.883 -2.297  20.962  1.00 41.77 ? 80  LYS A CE  1 
ATOM   619  N NZ  . LYS A 1 80  ? -12.752 -1.389  20.183  1.00 41.77 ? 80  LYS A NZ  1 
ATOM   620  N N   . ILE A 1 81  ? -10.332 -2.966  27.460  1.00 41.77 ? 81  ILE A N   1 
ATOM   621  C CA  . ILE A 1 81  ? -10.669 -3.631  28.719  1.00 41.77 ? 81  ILE A CA  1 
ATOM   622  C C   . ILE A 1 81  ? -10.173 -2.881  29.952  1.00 41.77 ? 81  ILE A C   1 
ATOM   623  O O   . ILE A 1 81  ? -10.679 -3.105  31.061  1.00 41.77 ? 81  ILE A O   1 
ATOM   624  C CB  . ILE A 1 81  ? -10.232 -5.099  28.789  1.00 41.77 ? 81  ILE A CB  1 
ATOM   625  C CG1 . ILE A 1 81  ? -8.714  -5.212  28.851  1.00 41.77 ? 81  ILE A CG1 1 
ATOM   626  C CG2 . ILE A 1 81  ? -10.842 -5.894  27.669  1.00 41.77 ? 81  ILE A CG2 1 
ATOM   627  C CD1 . ILE A 1 81  ? -8.251  -6.568  29.288  1.00 41.77 ? 81  ILE A CD1 1 
ATOM   628  N N   . SER A 1 82  ? -9.220  -1.973  29.760  1.00 41.77 ? 82  SER A N   1 
ATOM   629  C CA  . SER A 1 82  ? -8.684  -1.199  30.873  1.00 41.77 ? 82  SER A CA  1 
ATOM   630  C C   . SER A 1 82  ? -9.683  -0.186  31.438  1.00 41.77 ? 82  SER A C   1 
ATOM   631  O O   . SER A 1 82  ? -9.618  0.177   32.613  1.00 41.77 ? 82  SER A O   1 
ATOM   632  C CB  . SER A 1 82  ? -7.384  -0.515  30.474  1.00 41.77 ? 82  SER A CB  1 
ATOM   633  O OG  . SER A 1 82  ? -6.330  -1.465  30.304  1.00 41.77 ? 82  SER A OG  1 
ATOM   634  N N   . GLU A 1 83  ? -10.630 0.253   30.626  1.00 41.77 ? 83  GLU A N   1 
ATOM   635  C CA  . GLU A 1 83  ? -11.603 1.190   31.122  1.00 41.77 ? 83  GLU A CA  1 
ATOM   636  C C   . GLU A 1 83  ? -12.276 0.664   32.389  1.00 41.77 ? 83  GLU A C   1 
ATOM   637  O O   . GLU A 1 83  ? -12.716 1.434   33.255  1.00 41.77 ? 83  GLU A O   1 
ATOM   638  C CB  . GLU A 1 83  ? -12.650 1.426   30.063  1.00 41.77 ? 83  GLU A CB  1 
ATOM   639  C CG  . GLU A 1 83  ? -13.472 2.671   30.245  1.00 41.77 ? 83  GLU A CG  1 
ATOM   640  C CD  . GLU A 1 83  ? -14.490 2.781   29.156  1.00 41.77 ? 83  GLU A CD  1 
ATOM   641  O OE1 . GLU A 1 83  ? -15.143 3.834   29.045  1.00 41.77 ? 83  GLU A OE1 1 
ATOM   642  O OE2 . GLU A 1 83  ? -14.646 1.802   28.393  1.00 41.77 ? 83  GLU A OE2 1 
ATOM   643  N N   . ILE A 1 84  ? -12.374 -0.655  32.501  1.00 41.77 ? 84  ILE A N   1 
ATOM   644  C CA  . ILE A 1 84  ? -13.040 -1.253  33.650  1.00 41.77 ? 84  ILE A CA  1 
ATOM   645  C C   . ILE A 1 84  ? -12.218 -0.960  34.906  1.00 41.77 ? 84  ILE A C   1 
ATOM   646  O O   . ILE A 1 84  ? -12.780 -0.658  35.964  1.00 41.77 ? 84  ILE A O   1 
ATOM   647  C CB  . ILE A 1 84  ? -13.277 -2.761  33.436  1.00 41.77 ? 84  ILE A CB  1 
ATOM   648  C CG1 . ILE A 1 84  ? -14.282 -2.957  32.295  1.00 41.77 ? 84  ILE A CG1 1 
ATOM   649  C CG2 . ILE A 1 84  ? -13.780 -3.429  34.709  1.00 41.77 ? 84  ILE A CG2 1 
ATOM   650  C CD1 . ILE A 1 84  ? -13.985 -4.152  31.392  1.00 41.77 ? 84  ILE A CD1 1 
ATOM   651  N N   . GLN A 1 85  ? -10.893 -1.016  34.775  1.00 41.77 ? 85  GLN A N   1 
ATOM   652  C CA  . GLN A 1 85  ? -10.009 -0.709  35.886  1.00 41.77 ? 85  GLN A CA  1 
ATOM   653  C C   . GLN A 1 85  ? -10.039 0.793   36.232  1.00 41.77 ? 85  GLN A C   1 
ATOM   654  O O   . GLN A 1 85  ? -9.432  1.224   37.199  1.00 41.77 ? 85  GLN A O   1 
ATOM   655  C CB  . GLN A 1 85  ? -8.570  -1.140  35.573  1.00 41.77 ? 85  GLN A CB  1 
ATOM   656  C CG  . GLN A 1 85  ? -8.357  -2.652  35.425  1.00 41.77 ? 85  GLN A CG  1 
ATOM   657  C CD  . GLN A 1 85  ? -7.235  -3.029  34.395  1.00 41.77 ? 85  GLN A CD  1 
ATOM   658  N NE2 . GLN A 1 85  ? -6.118  -2.295  34.397  1.00 41.77 ? 85  GLN A NE2 1 
ATOM   659  N N   . MET A 1 86  ? -10.724 1.606   35.455  1.00 41.77 ? 86  MET A N   1 
ATOM   660  C CA  . MET A 1 86  ? -10.674 3.033   35.727  1.00 41.77 ? 86  MET A CA  1 
ATOM   661  C C   . MET A 1 86  ? -11.727 3.532   36.731  1.00 41.77 ? 86  MET A C   1 
ATOM   662  O O   . MET A 1 86  ? -12.816 2.949   36.893  1.00 41.77 ? 86  MET A O   1 
ATOM   663  C CB  . MET A 1 86  ? -10.784 3.812   34.426  1.00 41.77 ? 86  MET A CB  1 
ATOM   664  C CG  . MET A 1 86  ? -9.670  3.548   33.469  1.00 41.77 ? 86  MET A CG  1 
ATOM   665  S SD  . MET A 1 86  ? -8.185  4.167   34.221  1.00 41.77 ? 86  MET A SD  1 
ATOM   666  C CE  . MET A 1 86  ? -7.402  2.633   34.533  1.00 41.77 ? 86  MET A CE  1 
ATOM   667  N N   . THR A 1 87  ? -11.418 4.679   37.335  1.00 41.77 ? 87  THR A N   1 
ATOM   668  C CA  . THR A 1 87  ? -12.139 5.189   38.480  1.00 41.77 ? 87  THR A CA  1 
ATOM   669  C C   . THR A 1 87  ? -12.214 6.728   38.449  1.00 41.77 ? 87  THR A C   1 
ATOM   670  O O   . THR A 1 87  ? -11.416 7.361   37.764  1.00 41.77 ? 87  THR A O   1 
ATOM   671  C CB  . THR A 1 87  ? -11.390 4.673   39.690  1.00 41.77 ? 87  THR A CB  1 
ATOM   672  O OG1 . THR A 1 87  ? -12.311 4.046   40.563  1.00 41.77 ? 87  THR A OG1 1 
ATOM   673  C CG2 . THR A 1 87  ? -10.572 5.742   40.380  1.00 41.77 ? 87  THR A CG2 1 
ATOM   674  N N   . ALA A 1 88  ? -13.153 7.350   39.156  1.00 41.77 ? 88  ALA A N   1 
ATOM   675  C CA  . ALA A 1 88  ? -13.055 8.804   39.281  1.00 41.77 ? 88  ALA A CA  1 
ATOM   676  C C   . ALA A 1 88  ? -11.804 9.144   40.151  1.00 41.77 ? 88  ALA A C   1 
ATOM   677  O O   . ALA A 1 88  ? -11.486 8.411   41.089  1.00 41.77 ? 88  ALA A O   1 
ATOM   678  C CB  . ALA A 1 88  ? -14.322 9.372   39.872  1.00 41.77 ? 88  ALA A CB  1 
ATOM   679  N N   . PRO A 1 89  ? -11.090 10.249  39.865  1.00 41.77 ? 89  PRO A N   1 
ATOM   680  C CA  . PRO A 1 89  ? -11.277 11.282  38.867  1.00 41.77 ? 89  PRO A CA  1 
ATOM   681  C C   . PRO A 1 89  ? -10.817 10.931  37.465  1.00 41.77 ? 89  PRO A C   1 
ATOM   682  O O   . PRO A 1 89  ? -11.425 11.405  36.515  1.00 41.77 ? 89  PRO A O   1 
ATOM   683  C CB  . PRO A 1 89  ? -10.433 12.429  39.403  1.00 41.77 ? 89  PRO A CB  1 
ATOM   684  C CG  . PRO A 1 89  ? -9.398  11.799  40.187  1.00 41.77 ? 89  PRO A CG  1 
ATOM   685  C CD  . PRO A 1 89  ? -9.941  10.542  40.735  1.00 41.77 ? 89  PRO A CD  1 
ATOM   686  N N   . LEU A 1 90  ? -9.784  10.102  37.322  1.00 41.77 ? 90  LEU A N   1 
ATOM   687  C CA  . LEU A 1 90  ? -9.146  9.849   36.017  1.00 41.77 ? 90  LEU A CA  1 
ATOM   688  C C   . LEU A 1 90  ? -10.009 9.221   34.925  1.00 41.77 ? 90  LEU A C   1 
ATOM   689  O O   . LEU A 1 90  ? -9.668  9.320   33.752  1.00 41.77 ? 90  LEU A O   1 
ATOM   690  C CB  . LEU A 1 90  ? -7.912  8.983   36.184  1.00 41.77 ? 90  LEU A CB  1 
ATOM   691  C CG  . LEU A 1 90  ? -6.519  9.536   36.445  1.00 41.77 ? 90  LEU A CG  1 
ATOM   692  C CD1 . LEU A 1 90  ? -6.503  10.956  36.943  1.00 41.77 ? 90  LEU A CD1 1 
ATOM   693  C CD2 . LEU A 1 90  ? -5.896  8.578   37.462  1.00 41.77 ? 90  LEU A CD2 1 
ATOM   694  N N   . LYS A 1 91  ? -11.116 8.582   35.298  1.00 41.77 ? 91  LYS A N   1 
ATOM   695  C CA  . LYS A 1 91  ? -11.903 7.809   34.338  1.00 41.77 ? 91  LYS A CA  1 
ATOM   696  C C   . LYS A 1 91  ? -12.420 8.647   33.188  1.00 41.77 ? 91  LYS A C   1 
ATOM   697  O O   . LYS A 1 91  ? -12.259 8.271   32.035  1.00 41.77 ? 91  LYS A O   1 
ATOM   698  C CB  . LYS A 1 91  ? -13.047 7.057   35.011  1.00 41.77 ? 91  LYS A CB  1 
ATOM   699  C CG  . LYS A 1 91  ? -13.809 6.179   34.039  1.00 41.77 ? 91  LYS A CG  1 
ATOM   700  C CD  . LYS A 1 91  ? -14.558 5.040   34.703  1.00 41.77 ? 91  LYS A CD  1 
ATOM   701  C CE  . LYS A 1 91  ? -15.600 4.511   33.717  1.00 41.77 ? 91  LYS A CE  1 
ATOM   702  N NZ  . LYS A 1 91  ? -16.877 4.135   34.412  1.00 41.77 ? 91  LYS A NZ  1 
ATOM   703  N N   . LEU A 1 92  ? -13.025 9.787   33.488  1.00 41.77 ? 92  LEU A N   1 
ATOM   704  C CA  . LEU A 1 92  ? -13.602 10.571  32.409  1.00 41.77 ? 92  LEU A CA  1 
ATOM   705  C C   . LEU A 1 92  ? -12.565 10.853  31.358  1.00 41.77 ? 92  LEU A C   1 
ATOM   706  O O   . LEU A 1 92  ? -12.816 10.661  30.163  1.00 41.77 ? 92  LEU A O   1 
ATOM   707  C CB  . LEU A 1 92  ? -14.233 11.865  32.906  1.00 41.77 ? 92  LEU A CB  1 
ATOM   708  C CG  . LEU A 1 92  ? -15.749 11.680  33.001  1.00 41.77 ? 92  LEU A CG  1 
ATOM   709  C CD1 . LEU A 1 92  ? -16.449 12.804  33.788  1.00 41.77 ? 92  LEU A CD1 1 
ATOM   710  C CD2 . LEU A 1 92  ? -16.330 11.500  31.579  1.00 41.77 ? 92  LEU A CD2 1 
ATOM   711  N N   . SER A 1 93  ? -11.384 11.272  31.810  1.00 41.77 ? 93  SER A N   1 
ATOM   712  C CA  . SER A 1 93  ? -10.315 11.567  30.889  1.00 41.77 ? 93  SER A CA  1 
ATOM   713  C C   . SER A 1 93  ? -9.967  10.331  30.080  1.00 41.77 ? 93  SER A C   1 
ATOM   714  O O   . SER A 1 93  ? -9.788  10.400  28.878  1.00 41.77 ? 93  SER A O   1 
ATOM   715  C CB  . SER A 1 93  ? -9.097  12.066  31.636  1.00 41.77 ? 93  SER A CB  1 
ATOM   716  O OG  . SER A 1 93  ? -8.084  12.376  30.696  1.00 41.77 ? 93  SER A OG  1 
ATOM   717  N N   . TYR A 1 94  ? -9.894  9.188   30.743  1.00 41.77 ? 94  TYR A N   1 
ATOM   718  C CA  . TYR A 1 94  ? -9.495  7.972   30.072  1.00 41.77 ? 94  TYR A CA  1 
ATOM   719  C C   . TYR A 1 94  ? -10.489 7.583   28.963  1.00 41.77 ? 94  TYR A C   1 
ATOM   720  O O   . TYR A 1 94  ? -10.087 7.340   27.829  1.00 41.77 ? 94  TYR A O   1 
ATOM   721  C CB  . TYR A 1 94  ? -9.263  6.841   31.082  1.00 41.77 ? 94  TYR A CB  1 
ATOM   722  C CG  . TYR A 1 94  ? -8.721  5.600   30.444  1.00 41.77 ? 94  TYR A CG  1 
ATOM   723  C CD1 . TYR A 1 94  ? -7.350  5.354   30.387  1.00 41.77 ? 94  TYR A CD1 1 
ATOM   724  C CD2 . TYR A 1 94  ? -9.575  4.675   29.861  1.00 41.77 ? 94  TYR A CD2 1 
ATOM   725  C CE1 . TYR A 1 94  ? -6.846  4.198   29.760  1.00 41.77 ? 94  TYR A CE1 1 
ATOM   726  C CE2 . TYR A 1 94  ? -9.094  3.540   29.230  1.00 41.77 ? 94  TYR A CE2 1 
ATOM   727  C CZ  . TYR A 1 94  ? -7.741  3.302   29.181  1.00 41.77 ? 94  TYR A CZ  1 
ATOM   728  O OH  . TYR A 1 94  ? -7.302  2.162   28.553  1.00 41.77 ? 94  TYR A OH  1 
ATOM   729  N N   . THR A 1 95  ? -11.777 7.549   29.280  1.00 41.77 ? 95  THR A N   1 
ATOM   730  C CA  . THR A 1 95  ? -12.786 7.134   28.310  1.00 41.77 ? 95  THR A CA  1 
ATOM   731  C C   . THR A 1 95  ? -12.646 7.931   27.029  1.00 41.77 ? 95  THR A C   1 
ATOM   732  O O   . THR A 1 95  ? -12.640 7.391   25.910  1.00 41.77 ? 95  THR A O   1 
ATOM   733  C CB  . THR A 1 95  ? -14.187 7.365   28.844  1.00 41.77 ? 95  THR A CB  1 
ATOM   734  O OG1 . THR A 1 95  ? -14.387 6.534   29.983  1.00 41.77 ? 95  THR A OG1 1 
ATOM   735  C CG2 . THR A 1 95  ? -15.224 7.016   27.793  1.00 41.77 ? 95  THR A CG2 1 
ATOM   736  N N   . ASP A 1 96  ? -12.539 9.235   27.225  1.00 41.77 ? 96  ASP A N   1 
ATOM   737  C CA  . ASP A 1 96  ? -12.264 10.168  26.169  1.00 41.77 ? 96  ASP A CA  1 
ATOM   738  C C   . ASP A 1 96  ? -11.107 9.810   25.250  1.00 41.77 ? 96  ASP A C   1 
ATOM   739  O O   . ASP A 1 96  ? -11.224 9.882   24.031  1.00 41.77 ? 96  ASP A O   1 
ATOM   740  C CB  . ASP A 1 96  ? -11.923 11.464  26.810  1.00 41.77 ? 96  ASP A CB  1 
ATOM   741  C CG  . ASP A 1 96  ? -12.709 12.524  26.263  1.00 41.77 ? 96  ASP A CG  1 
ATOM   742  O OD1 . ASP A 1 96  ? -12.551 12.736  25.036  1.00 41.77 ? 96  ASP A OD1 1 
ATOM   743  O OD2 . ASP A 1 96  ? -13.519 13.100  27.041  1.00 41.77 ? 96  ASP A OD2 1 
ATOM   744  N N   . LYS A 1 97  ? -9.976  9.450   25.834  1.00 41.77 ? 97  LYS A N   1 
ATOM   745  C CA  . LYS A 1 97  ? -8.832  9.110   25.041  1.00 41.77 ? 97  LYS A CA  1 
ATOM   746  C C   . LYS A 1 97  ? -9.122  7.787   24.357  1.00 41.77 ? 97  LYS A C   1 
ATOM   747  O O   . LYS A 1 97  ? -8.868  7.634   23.174  1.00 41.77 ? 97  LYS A O   1 
ATOM   748  C CB  . LYS A 1 97  ? -7.569  9.058   25.901  1.00 41.77 ? 97  LYS A CB  1 
ATOM   749  C CG  . LYS A 1 97  ? -7.314  10.337  26.683  1.00 41.77 ? 97  LYS A CG  1 
ATOM   750  C CD  . LYS A 1 97  ? -5.876  10.488  27.123  1.00 41.77 ? 97  LYS A CD  1 
ATOM   751  C CE  . LYS A 1 97  ? -5.609  11.871  27.734  1.00 41.77 ? 97  LYS A CE  1 
ATOM   752  N NZ  . LYS A 1 97  ? -4.133  12.160  27.873  1.00 41.77 ? 97  LYS A NZ  1 
ATOM   753  N N   . LEU A 1 98  ? -9.698  6.841   25.085  1.00 41.77 ? 98  LEU A N   1 
ATOM   754  C CA  . LEU A 1 98  ? -9.969  5.526   24.516  1.00 41.77 ? 98  LEU A CA  1 
ATOM   755  C C   . LEU A 1 98  ? -10.853 5.666   23.298  1.00 41.77 ? 98  LEU A C   1 
ATOM   756  O O   . LEU A 1 98  ? -10.614 5.035   22.278  1.00 41.77 ? 98  LEU A O   1 
ATOM   757  C CB  . LEU A 1 98  ? -10.642 4.619   25.543  1.00 41.77 ? 98  LEU A CB  1 
ATOM   758  C CG  . LEU A 1 98  ? -11.346 3.351   25.047  1.00 41.77 ? 98  LEU A CG  1 
ATOM   759  C CD1 . LEU A 1 98  ? -10.358 2.347   24.483  1.00 41.77 ? 98  LEU A CD1 1 
ATOM   760  C CD2 . LEU A 1 98  ? -12.193 2.722   26.158  1.00 41.77 ? 98  LEU A CD2 1 
ATOM   761  N N   . HIS A 1 99  ? -11.875 6.507   23.412  1.00 41.77 ? 99  HIS A N   1 
ATOM   762  C CA  . HIS A 1 99  ? -12.816 6.668   22.320  1.00 41.77 ? 99  HIS A CA  1 
ATOM   763  C C   . HIS A 1 99  ? -12.192 7.323   21.132  1.00 41.77 ? 99  HIS A C   1 
ATOM   764  O O   . HIS A 1 99  ? -12.436 6.903   20.012  1.00 41.77 ? 99  HIS A O   1 
ATOM   765  C CB  . HIS A 1 99  ? -14.089 7.370   22.759  1.00 41.77 ? 99  HIS A CB  1 
ATOM   766  C CG  . HIS A 1 99  ? -14.972 6.497   23.584  1.00 41.77 ? 99  HIS A CG  1 
ATOM   767  N ND1 . HIS A 1 99  ? -15.996 6.986   24.363  1.00 41.77 ? 99  HIS A ND1 1 
ATOM   768  C CD2 . HIS A 1 99  ? -14.952 5.156   23.786  1.00 41.77 ? 99  HIS A CD2 1 
ATOM   769  C CE1 . HIS A 1 99  ? -16.583 5.984   24.995  1.00 41.77 ? 99  HIS A CE1 1 
ATOM   770  N NE2 . HIS A 1 99  ? -15.963 4.862   24.667  1.00 41.77 ? 99  HIS A NE2 1 
ATOM   771  N N   . ARG A 1 100 ? -11.366 8.329   21.382  1.00 41.77 ? 100 ARG A N   1 
ATOM   772  C CA  . ARG A 1 100 ? -10.584 8.949   20.333  1.00 41.77 ? 100 ARG A CA  1 
ATOM   773  C C   . ARG A 1 100 ? -9.656  7.922   19.648  1.00 41.77 ? 100 ARG A C   1 
ATOM   774  O O   . ARG A 1 100 ? -9.588  7.834   18.418  1.00 41.77 ? 100 ARG A O   1 
ATOM   775  C CB  . ARG A 1 100 ? -9.807  10.121  20.919  1.00 41.77 ? 100 ARG A CB  1 
ATOM   776  C CG  . ARG A 1 100 ? -9.505  11.243  19.931  1.00 41.77 ? 100 ARG A CG  1 
ATOM   777  C CD  . ARG A 1 100 ? -9.349  12.551  20.717  1.00 41.77 ? 100 ARG A CD  1 
ATOM   778  N NE  . ARG A 1 100 ? -8.097  12.538  21.472  1.00 41.77 ? 100 ARG A NE  1 
ATOM   779  C CZ  . ARG A 1 100 ? -8.005  12.671  22.793  1.00 41.77 ? 100 ARG A CZ  1 
ATOM   780  N NH1 . ARG A 1 100 ? -9.103  12.866  23.537  1.00 41.77 ? 100 ARG A NH1 1 
ATOM   781  N NH2 . ARG A 1 100 ? -6.799  12.616  23.373  1.00 41.77 ? 100 ARG A NH2 1 
ATOM   782  N N   . LEU A 1 101 ? -8.980  7.120   20.458  1.00 41.77 ? 101 LEU A N   1 
ATOM   783  C CA  . LEU A 1 101 ? -8.125  6.061   19.943  1.00 41.77 ? 101 LEU A CA  1 
ATOM   784  C C   . LEU A 1 101 ? -8.897  5.099   19.042  1.00 41.77 ? 101 LEU A C   1 
ATOM   785  O O   . LEU A 1 101 ? -8.449  4.794   17.929  1.00 41.77 ? 101 LEU A O   1 
ATOM   786  C CB  . LEU A 1 101 ? -7.470  5.297   21.084  1.00 41.77 ? 101 LEU A CB  1 
ATOM   787  C CG  . LEU A 1 101 ? -6.583  4.142   20.651  1.00 41.77 ? 101 LEU A CG  1 
ATOM   788  C CD1 . LEU A 1 101 ? -5.257  4.671   20.121  1.00 41.77 ? 101 LEU A CD1 1 
ATOM   789  C CD2 . LEU A 1 101 ? -6.343  3.216   21.824  1.00 41.77 ? 101 LEU A CD2 1 
ATOM   790  N N   . GLU A 1 102 ? -10.058 4.640   19.524  1.00 41.77 ? 102 GLU A N   1 
ATOM   791  C CA  . GLU A 1 102 ? -10.864 3.666   18.802  1.00 41.77 ? 102 GLU A CA  1 
ATOM   792  C C   . GLU A 1 102 ? -11.130 4.199   17.422  1.00 41.77 ? 102 GLU A C   1 
ATOM   793  O O   . GLU A 1 102 ? -11.018 3.477   16.443  1.00 41.77 ? 102 GLU A O   1 
ATOM   794  C CB  . GLU A 1 102 ? -12.176 3.400   19.523  1.00 41.77 ? 102 GLU A CB  1 
ATOM   795  C CG  . GLU A 1 102 ? -12.165 2.225   20.471  1.00 41.77 ? 102 GLU A CG  1 
ATOM   796  C CD  . GLU A 1 102 ? -13.221 2.357   21.548  1.00 41.77 ? 102 GLU A CD  1 
ATOM   797  O OE1 . GLU A 1 102 ? -14.048 3.277   21.434  1.00 41.77 ? 102 GLU A OE1 1 
ATOM   798  O OE2 . GLU A 1 102 ? -13.240 1.562   22.517  1.00 41.77 ? 102 GLU A OE2 1 
ATOM   799  N N   . SER A 1 103 ? -11.442 5.483   17.363  1.00 41.77 ? 103 SER A N   1 
ATOM   800  C CA  . SER A 1 103 ? -11.838 6.122   16.143  1.00 41.77 ? 103 SER A CA  1 
ATOM   801  C C   . SER A 1 103 ? -10.651 6.374   15.210  1.00 41.77 ? 103 SER A C   1 
ATOM   802  O O   . SER A 1 103 ? -10.704 6.065   14.011  1.00 41.77 ? 103 SER A O   1 
ATOM   803  C CB  . SER A 1 103 ? -12.535 7.424   16.468  1.00 41.77 ? 103 SER A CB  1 
ATOM   804  O OG  . SER A 1 103 ? -12.432 8.278   15.358  1.00 41.77 ? 103 SER A OG  1 
ATOM   805  N N   . GLN A 1 104 ? -9.591  6.949   15.767  1.00 41.77 ? 104 GLN A N   1 
ATOM   806  C CA  . GLN A 1 104 ? -8.358  7.207   15.030  1.00 41.77 ? 104 GLN A CA  1 
ATOM   807  C C   . GLN A 1 104 ? -7.786  5.915   14.430  1.00 41.77 ? 104 GLN A C   1 
ATOM   808  O O   . GLN A 1 104 ? -7.270  5.897   13.300  1.00 41.77 ? 104 GLN A O   1 
ATOM   809  C CB  . GLN A 1 104 ? -7.331  7.869   15.969  1.00 41.77 ? 104 GLN A CB  1 
ATOM   810  C CG  . GLN A 1 104 ? -6.913  9.295   15.630  1.00 41.77 ? 104 GLN A CG  1 
ATOM   811  C CD  . GLN A 1 104 ? -8.088  10.214  15.326  1.00 41.77 ? 104 GLN A CD  1 
ATOM   812  O OE1 . GLN A 1 104 ? -8.426  10.449  14.149  1.00 41.77 ? 104 GLN A OE1 1 
ATOM   813  N NE2 . GLN A 1 104 ? -8.729  10.752  16.399  1.00 41.77 ? 104 GLN A NE2 1 
ATOM   814  N N   . TYR A 1 105 ? -7.877  4.835   15.200  1.00 41.77 ? 105 TYR A N   1 
ATOM   815  C CA  . TYR A 1 105 ? -7.274  3.589   14.803  1.00 41.77 ? 105 TYR A CA  1 
ATOM   816  C C   . TYR A 1 105 ? -8.037  3.045   13.650  1.00 41.77 ? 105 TYR A C   1 
ATOM   817  O O   . TYR A 1 105 ? -7.457  2.551   12.732  1.00 41.77 ? 105 TYR A O   1 
ATOM   818  C CB  . TYR A 1 105 ? -7.272  2.567   15.925  1.00 41.77 ? 105 TYR A CB  1 
ATOM   819  C CG  . TYR A 1 105 ? -6.807  1.218   15.450  1.00 41.77 ? 105 TYR A CG  1 
ATOM   820  C CD1 . TYR A 1 105 ? -5.462  0.974   15.206  1.00 41.77 ? 105 TYR A CD1 1 
ATOM   821  C CD2 . TYR A 1 105 ? -7.714  0.192   15.217  1.00 41.77 ? 105 TYR A CD2 1 
ATOM   822  C CE1 . TYR A 1 105 ? -5.030  -0.248  14.743  1.00 41.77 ? 105 TYR A CE1 1 
ATOM   823  C CE2 . TYR A 1 105 ? -7.292  -1.038  14.753  1.00 41.77 ? 105 TYR A CE2 1 
ATOM   824  C CZ  . TYR A 1 105 ? -5.948  -1.248  14.515  1.00 41.77 ? 105 TYR A CZ  1 
ATOM   825  O OH  . TYR A 1 105 ? -5.522  -2.474  14.055  1.00 41.77 ? 105 TYR A OH  1 
ATOM   826  N N   . ALA A 1 106 ? -9.351  3.138   13.699  1.00 41.77 ? 106 ALA A N   1 
ATOM   827  C CA  . ALA A 1 106 ? -10.183 2.701   12.596  1.00 41.77 ? 106 ALA A CA  1 
ATOM   828  C C   . ALA A 1 106 ? -9.770  3.383   11.307  1.00 41.77 ? 106 ALA A C   1 
ATOM   829  O O   . ALA A 1 106 ? -9.805  2.749   10.256  1.00 41.77 ? 106 ALA A O   1 
ATOM   830  C CB  . ALA A 1 106 ? -11.618 2.983   12.895  1.00 41.77 ? 106 ALA A CB  1 
ATOM   831  N N   . LYS A 1 107 ? -9.353  4.653   11.380  1.00 41.77 ? 107 LYS A N   1 
ATOM   832  C CA  . LYS A 1 107 ? -9.070  5.431   10.159  1.00 41.77 ? 107 LYS A CA  1 
ATOM   833  C C   . LYS A 1 107 ? -7.847  4.896   9.477   1.00 41.77 ? 107 LYS A C   1 
ATOM   834  O O   . LYS A 1 107 ? -7.939  4.513   8.300   1.00 41.77 ? 107 LYS A O   1 
ATOM   835  C CB  . LYS A 1 107 ? -8.978  6.947   10.373  1.00 41.77 ? 107 LYS A CB  1 
ATOM   836  C CG  . LYS A 1 107 ? -10.081 7.469   11.259  1.00 41.77 ? 107 LYS A CG  1 
ATOM   837  C CD  . LYS A 1 107 ? -10.783 8.729   10.730  1.00 41.77 ? 107 LYS A CD  1 
ATOM   838  C CE  . LYS A 1 107 ? -11.734 9.256   11.816  1.00 41.77 ? 107 LYS A CE  1 
ATOM   839  N NZ  . LYS A 1 107 ? -12.082 10.679  11.583  1.00 41.77 ? 107 LYS A NZ  1 
ATOM   840  N N   . LEU A 1 108 ? -6.704  4.825   10.173  1.00 41.77 ? 108 LEU A N   1 
ATOM   841  C CA  . LEU A 1 108 ? -5.639  4.026   9.567   1.00 41.77 ? 108 LEU A CA  1 
ATOM   842  C C   . LEU A 1 108 ? -6.120  2.628   9.746   1.00 41.77 ? 108 LEU A C   1 
ATOM   843  O O   . LEU A 1 108 ? -6.939  2.358   10.594  1.00 41.77 ? 108 LEU A O   1 
ATOM   844  C CB  . LEU A 1 108 ? -4.239  4.249   10.142  1.00 41.77 ? 108 LEU A CB  1 
ATOM   845  C CG  . LEU A 1 108 ? -3.687  4.116   11.560  1.00 41.77 ? 108 LEU A CG  1 
ATOM   846  C CD1 . LEU A 1 108 ? -3.627  2.722   12.062  1.00 41.77 ? 108 LEU A CD1 1 
ATOM   847  C CD2 . LEU A 1 108 ? -2.264  4.620   11.482  1.00 41.77 ? 108 LEU A CD2 1 
ATOM   848  N N   . LEU A 1 109 ? -5.660  1.729   8.927   1.00 41.77 ? 109 LEU A N   1 
ATOM   849  C CA  . LEU A 1 109 ? -6.227  0.388   8.927   1.00 41.77 ? 109 LEU A CA  1 
ATOM   850  C C   . LEU A 1 109 ? -7.446  0.388   8.125   1.00 41.77 ? 109 LEU A C   1 
ATOM   851  O O   . LEU A 1 109 ? -7.962  -0.678  7.786   1.00 41.77 ? 109 LEU A O   1 
ATOM   852  C CB  . LEU A 1 109 ? -6.984  -0.045  10.196  1.00 41.77 ? 109 LEU A CB  1 
ATOM   853  C CG  . LEU A 1 109 ? -7.481  -1.493  9.998   1.00 41.77 ? 109 LEU A CG  1 
ATOM   854  C CD1 . LEU A 1 109 ? -6.354  -2.479  9.835   1.00 41.77 ? 109 LEU A CD1 1 
ATOM   855  C CD2 . LEU A 1 109 ? -8.343  -1.950  11.104  1.00 41.77 ? 109 LEU A CD2 1 
ATOM   856  N N   . ASN A 1 110 ? -7.916  1.569   7.776   1.00 41.77 ? 110 ASN A N   1 
ATOM   857  C CA  . ASN A 1 110 ? -8.946  1.546   6.781   1.00 41.77 ? 110 ASN A CA  1 
ATOM   858  C C   . ASN A 1 110 ? -8.028  2.171   5.703   1.00 41.77 ? 110 ASN A C   1 
ATOM   859  O O   . ASN A 1 110 ? -8.041  1.722   4.579   1.00 41.77 ? 110 ASN A O   1 
ATOM   860  C CB  . ASN A 1 110 ? -10.164 2.373   7.072   1.00 41.77 ? 110 ASN A CB  1 
ATOM   861  C CG  . ASN A 1 110 ? -10.582 3.161   5.893   1.00 41.77 ? 110 ASN A CG  1 
ATOM   862  O OD1 . ASN A 1 110 ? -11.202 2.634   4.973   1.00 41.77 ? 110 ASN A OD1 1 
ATOM   863  N ND2 . ASN A 1 110 ? -10.224 4.444   5.885   1.00 41.77 ? 110 ASN A ND2 1 
ATOM   864  N N   . THR A 1 111 ? -7.197  3.151   6.070   1.00 41.77 ? 111 THR A N   1 
ATOM   865  C CA  . THR A 1 111 ? -6.224  3.734   5.133   1.00 41.77 ? 111 THR A CA  1 
ATOM   866  C C   . THR A 1 111 ? -5.169  2.713   4.738   1.00 41.77 ? 111 THR A C   1 
ATOM   867  O O   . THR A 1 111 ? -4.832  2.562   3.563   1.00 41.77 ? 111 THR A O   1 
ATOM   868  C CB  . THR A 1 111 ? -5.529  4.985   5.715   1.00 41.77 ? 111 THR A CB  1 
ATOM   869  O OG1 . THR A 1 111 ? -6.510  5.985   5.981   1.00 41.77 ? 111 THR A OG1 1 
ATOM   870  C CG2 . THR A 1 111 ? -4.556  5.564   4.733   1.00 41.77 ? 111 THR A CG2 1 
ATOM   871  N N   . SER A 1 112 ? -4.651  2.004   5.734   1.00 41.77 ? 112 SER A N   1 
ATOM   872  C CA  . SER A 1 112 ? -3.644  0.982   5.484   1.00 41.77 ? 112 SER A CA  1 
ATOM   873  C C   . SER A 1 112 ? -4.147  -0.023  4.466   1.00 41.77 ? 112 SER A C   1 
ATOM   874  O O   . SER A 1 112 ? -3.368  -0.457  3.620   1.00 41.77 ? 112 SER A O   1 
ATOM   875  C CB  . SER A 1 112 ? -3.236  0.256   6.764   1.00 41.77 ? 112 SER A CB  1 
ATOM   876  O OG  . SER A 1 112 ? -2.201  -0.675  6.493   1.00 41.77 ? 112 SER A OG  1 
ATOM   877  N N   . ARG A 1 113 ? -5.434  -0.378  4.539   1.00 41.77 ? 113 ARG A N   1 
ATOM   878  C CA  . ARG A 1 113 ? -6.000  -1.382  3.641   1.00 41.77 ? 113 ARG A CA  1 
ATOM   879  C C   . ARG A 1 113 ? -6.082  -0.892  2.222   1.00 41.77 ? 113 ARG A C   1 
ATOM   880  O O   . ARG A 1 113 ? -5.731  -1.616  1.312   1.00 41.77 ? 113 ARG A O   1 
ATOM   881  C CB  . ARG A 1 113 ? -7.371  -1.863  4.105   1.00 41.77 ? 113 ARG A CB  1 
ATOM   882  C CG  . ARG A 1 113 ? -7.315  -2.926  5.174   1.00 41.77 ? 113 ARG A CG  1 
ATOM   883  C CD  . ARG A 1 113 ? -8.611  -3.693  5.273   1.00 41.77 ? 113 ARG A CD  1 
ATOM   884  N NE  . ARG A 1 113 ? -8.683  -4.388  6.556   1.00 41.77 ? 113 ARG A NE  1 
ATOM   885  C CZ  . ARG A 1 113 ? -9.436  -4.007  7.592   1.00 41.77 ? 113 ARG A CZ  1 
ATOM   886  N NH1 . ARG A 1 113 ? -10.217 -2.937  7.506   1.00 41.77 ? 113 ARG A NH1 1 
ATOM   887  N NH2 . ARG A 1 113 ? -9.417  -4.707  8.721   1.00 41.77 ? 113 ARG A NH2 1 
ATOM   888  N N   . ASN A 1 114 ? -6.531  0.338   2.036   1.00 41.77 ? 114 ASN A N   1 
ATOM   889  C CA  . ASN A 1 114 ? -6.645  0.909   0.710   1.00 41.77 ? 114 ASN A CA  1 
ATOM   890  C C   . ASN A 1 114 ? -5.295  0.934   0.091   1.00 41.77 ? 114 ASN A C   1 
ATOM   891  O O   . ASN A 1 114 ? -5.122  0.571   -1.070  1.00 41.77 ? 114 ASN A O   1 
ATOM   892  C CB  . ASN A 1 114 ? -7.146  2.336   0.772   1.00 41.77 ? 114 ASN A CB  1 
ATOM   893  C CG  . ASN A 1 114 ? -8.523  2.430   1.333   1.00 41.77 ? 114 ASN A CG  1 
ATOM   894  O OD1 . ASN A 1 114 ? -9.325  1.503   1.206   1.00 41.77 ? 114 ASN A OD1 1 
ATOM   895  N ND2 . ASN A 1 114 ? -8.816  3.551   1.976   1.00 41.77 ? 114 ASN A ND2 1 
ATOM   896  N N   . GLN A 1 115 ? -4.325  1.364   0.885   1.00 41.77 ? 115 GLN A N   1 
ATOM   897  C CA  . GLN A 1 115 ? -2.993  1.539   0.380   1.00 41.77 ? 115 GLN A CA  1 
ATOM   898  C C   . GLN A 1 115 ? -2.440  0.202   0.014   1.00 41.77 ? 115 GLN A C   1 
ATOM   899  O O   . GLN A 1 115 ? -1.763  0.075   -1.002  1.00 41.77 ? 115 GLN A O   1 
ATOM   900  C CB  . GLN A 1 115 ? -2.123  2.218   1.404   1.00 41.77 ? 115 GLN A CB  1 
ATOM   901  C CG  . GLN A 1 115 ? -2.274  3.708   1.374   1.00 41.77 ? 115 GLN A CG  1 
ATOM   902  C CD  . GLN A 1 115 ? -1.407  4.404   2.392   1.00 41.77 ? 115 GLN A CD  1 
ATOM   903  O OE1 . GLN A 1 115 ? -1.636  5.564   2.700   1.00 41.77 ? 115 GLN A OE1 1 
ATOM   904  N NE2 . GLN A 1 115 ? -0.406  3.701   2.929   1.00 41.77 ? 115 GLN A NE2 1 
ATOM   905  N N   . GLU A 1 116 ? -2.758  -0.802  0.816   1.00 41.77 ? 116 GLU A N   1 
ATOM   906  C CA  . GLU A 1 116 ? -2.363  -2.152  0.499   1.00 41.77 ? 116 GLU A CA  1 
ATOM   907  C C   . GLU A 1 116 ? -2.970  -2.607  -0.829  1.00 41.77 ? 116 GLU A C   1 
ATOM   908  O O   . GLU A 1 116 ? -2.244  -3.100  -1.698  1.00 41.77 ? 116 GLU A O   1 
ATOM   909  C CB  . GLU A 1 116 ? -2.768  -3.104  1.601   1.00 41.77 ? 116 GLU A CB  1 
ATOM   910  C CG  . GLU A 1 116 ? -2.222  -4.492  1.407   1.00 41.77 ? 116 GLU A CG  1 
ATOM   911  C CD  . GLU A 1 116 ? -1.257  -4.860  2.498   1.00 41.77 ? 116 GLU A CD  1 
ATOM   912  O OE1 . GLU A 1 116 ? -0.087  -4.366  2.483   1.00 41.77 ? 116 GLU A OE1 1 
ATOM   913  O OE2 . GLU A 1 116 ? -1.714  -5.638  3.383   1.00 41.77 ? 116 GLU A OE2 1 
ATOM   914  N N   . ARG A 1 117 ? -4.278  -2.444  -1.009  1.00 41.77 ? 117 ARG A N   1 
ATOM   915  C CA  . ARG A 1 117 ? -4.856  -2.880  -2.278  1.00 41.77 ? 117 ARG A CA  1 
ATOM   916  C C   . ARG A 1 117 ? -4.336  -2.048  -3.457  1.00 41.77 ? 117 ARG A C   1 
ATOM   917  O O   . ARG A 1 117 ? -4.109  -2.587  -4.535  1.00 41.77 ? 117 ARG A O   1 
ATOM   918  C CB  . ARG A 1 117 ? -6.387  -3.047  -2.247  1.00 41.77 ? 117 ARG A CB  1 
ATOM   919  C CG  . ARG A 1 117 ? -7.213  -1.883  -2.720  1.00 41.77 ? 117 ARG A CG  1 
ATOM   920  C CD  . ARG A 1 117 ? -8.742  -2.139  -2.603  1.00 41.77 ? 117 ARG A CD  1 
ATOM   921  N NE  . ARG A 1 117 ? -9.545  -1.084  -3.259  1.00 41.77 ? 117 ARG A NE  1 
ATOM   922  C CZ  . ARG A 1 117 ? -9.691  -0.937  -4.586  1.00 41.77 ? 117 ARG A CZ  1 
ATOM   923  N N   . HIS A 1 118 ? -4.085  -0.758  -3.245  1.00 41.77 ? 118 HIS A N   1 
ATOM   924  C CA  . HIS A 1 118 ? -3.558  0.070   -4.336  1.00 41.77 ? 118 HIS A CA  1 
ATOM   925  C C   . HIS A 1 118 ? -2.184  -0.343  -4.753  1.00 41.77 ? 118 HIS A C   1 
ATOM   926  O O   . HIS A 1 118 ? -1.905  -0.408  -5.947  1.00 41.77 ? 118 HIS A O   1 
ATOM   927  C CB  . HIS A 1 118 ? -3.581  1.551   -4.004  1.00 41.77 ? 118 HIS A CB  1 
ATOM   928  C CG  . HIS A 1 118 ? -4.957  2.122   -4.001  1.00 41.77 ? 118 HIS A CG  1 
ATOM   929  N ND1 . HIS A 1 118 ? -5.375  3.065   -3.084  1.00 41.77 ? 118 HIS A ND1 1 
ATOM   930  C CD2 . HIS A 1 118 ? -6.031  1.846   -4.778  1.00 41.77 ? 118 HIS A CD2 1 
ATOM   931  C CE1 . HIS A 1 118 ? -6.639  3.366   -3.315  1.00 41.77 ? 118 HIS A CE1 1 
ATOM   932  N NE2 . HIS A 1 118 ? -7.059  2.640   -4.339  1.00 41.77 ? 118 HIS A NE2 1 
ATOM   933  N N   . LEU A 1 119 ? -1.332  -0.636  -3.775  1.00 41.77 ? 119 LEU A N   1 
ATOM   934  C CA  . LEU A 1 119 ? 0.016   -1.059  -4.087  1.00 41.77 ? 119 LEU A CA  1 
ATOM   935  C C   . LEU A 1 119 ? -0.078  -2.332  -4.885  1.00 41.77 ? 119 LEU A C   1 
ATOM   936  O O   . LEU A 1 119 ? 0.602   -2.513  -5.888  1.00 41.77 ? 119 LEU A O   1 
ATOM   937  C CB  . LEU A 1 119 ? 0.837   -1.246  -2.828  1.00 41.77 ? 119 LEU A CB  1 
ATOM   938  C CG  . LEU A 1 119 ? 1.392   0.077   -2.322  1.00 41.77 ? 119 LEU A CG  1 
ATOM   939  C CD1 . LEU A 1 119 ? 1.748   -0.003  -0.853  1.00 41.77 ? 119 LEU A CD1 1 
ATOM   940  C CD2 . LEU A 1 119 ? 2.616   0.462   -3.095  1.00 41.77 ? 119 LEU A CD2 1 
ATOM   941  N N   . ASP A 1 120 ? -0.996  -3.177  -4.467  1.00 41.77 ? 120 ASP A N   1 
ATOM   942  C CA  . ASP A 1 120 ? -1.224  -4.423  -5.135  1.00 41.77 ? 120 ASP A CA  1 
ATOM   943  C C   . ASP A 1 120 ? -1.523  -4.273  -6.619  1.00 41.77 ? 120 ASP A C   1 
ATOM   944  O O   . ASP A 1 120 ? -0.776  -4.767  -7.458  1.00 41.77 ? 120 ASP A O   1 
ATOM   945  C CB  . ASP A 1 120 ? -2.395  -5.093  -4.481  1.00 41.77 ? 120 ASP A CB  1 
ATOM   946  C CG  . ASP A 1 120 ? -2.411  -6.533  -4.746  1.00 41.77 ? 120 ASP A CG  1 
ATOM   947  O OD1 . ASP A 1 120 ? -3.169  -6.966  -5.651  1.00 41.77 ? 120 ASP A OD1 1 
ATOM   948  O OD2 . ASP A 1 120 ? -1.620  -7.212  -4.061  1.00 41.77 ? 120 ASP A OD2 1 
ATOM   949  N N   . THR A 1 121 ? -2.619  -3.588  -6.943  1.00 41.77 ? 121 THR A N   1 
ATOM   950  C CA  . THR A 1 121 ? -3.022  -3.382  -8.334  1.00 41.77 ? 121 THR A CA  1 
ATOM   951  C C   . THR A 1 121 ? -1.911  -2.715  -9.110  1.00 41.77 ? 121 THR A C   1 
ATOM   952  O O   . THR A 1 121 ? -1.650  -3.086  -10.251 1.00 41.77 ? 121 THR A O   1 
ATOM   953  C CB  . THR A 1 121 ? -4.318  -2.563  -8.465  1.00 41.77 ? 121 THR A CB  1 
ATOM   954  O OG1 . THR A 1 121 ? -4.183  -1.330  -7.759  1.00 41.77 ? 121 THR A OG1 1 
ATOM   955  C CG2 . THR A 1 121 ? -5.482  -3.329  -7.901  1.00 41.77 ? 121 THR A CG2 1 
ATOM   956  N N   . LEU A 1 122 ? -1.243  -1.752  -8.486  1.00 41.77 ? 122 LEU A N   1 
ATOM   957  C CA  . LEU A 1 122 ? -0.108  -1.104  -9.116  1.00 41.77 ? 122 LEU A CA  1 
ATOM   958  C C   . LEU A 1 122 ? 0.942   -2.126  -9.505  1.00 41.77 ? 122 LEU A C   1 
ATOM   959  O O   . LEU A 1 122 ? 1.525   -2.065  -10.594 1.00 41.77 ? 122 LEU A O   1 
ATOM   960  C CB  . LEU A 1 122 ? 0.557   -0.138  -8.164  1.00 41.77 ? 122 LEU A CB  1 
ATOM   961  C CG  . LEU A 1 122 ? 1.059   1.194   -8.718  1.00 41.77 ? 122 LEU A CG  1 
ATOM   962  C CD1 . LEU A 1 122 ? 2.350   1.579   -8.041  1.00 41.77 ? 122 LEU A CD1 1 
ATOM   963  C CD2 . LEU A 1 122 ? 1.211   1.245   -10.226 1.00 41.77 ? 122 LEU A CD2 1 
ATOM   964  N N   . HIS A 1 123 ? 1.206   -3.064  -8.604  1.00 41.77 ? 123 HIS A N   1 
ATOM   965  C CA  . HIS A 1 123 ? 2.325   -3.953  -8.812  1.00 41.77 ? 123 HIS A CA  1 
ATOM   966  C C   . HIS A 1 123 ? 1.999   -4.910  -9.922  1.00 41.77 ? 123 HIS A C   1 
ATOM   967  O O   . HIS A 1 123 ? 2.803   -5.110  -10.829 1.00 41.77 ? 123 HIS A O   1 
ATOM   968  C CB  . HIS A 1 123 ? 2.668   -4.694  -7.549  1.00 41.77 ? 123 HIS A CB  1 
ATOM   969  C CG  . HIS A 1 123 ? 3.592   -5.840  -7.768  1.00 41.77 ? 123 HIS A CG  1 
ATOM   970  N ND1 . HIS A 1 123 ? 3.144   -7.102  -8.098  1.00 41.77 ? 123 HIS A ND1 1 
ATOM   971  C CD2 . HIS A 1 123 ? 4.941   -5.919  -7.715  1.00 41.77 ? 123 HIS A CD2 1 
ATOM   972  C CE1 . HIS A 1 123 ? 4.176   -7.914  -8.212  1.00 41.77 ? 123 HIS A CE1 1 
ATOM   973  N NE2 . HIS A 1 123 ? 5.277   -7.222  -7.985  1.00 41.77 ? 123 HIS A NE2 1 
ATOM   974  N N   . ASN A 1 124 ? 0.815   -5.495  -9.865  1.00 41.77 ? 124 ASN A N   1 
ATOM   975  C CA  . ASN A 1 124 ? 0.332   -6.240  -11.007 1.00 41.77 ? 124 ASN A CA  1 
ATOM   976  C C   . ASN A 1 124 ? 0.487   -5.460  -12.322 1.00 41.77 ? 124 ASN A C   1 
ATOM   977  O O   . ASN A 1 124 ? 1.183   -5.903  -13.236 1.00 41.77 ? 124 ASN A O   1 
ATOM   978  C CB  . ASN A 1 124 ? -1.125  -6.630  -10.836 1.00 41.77 ? 124 ASN A CB  1 
ATOM   979  C CG  . ASN A 1 124 ? -1.611  -7.463  -11.979 1.00 41.77 ? 124 ASN A CG  1 
ATOM   980  O OD1 . ASN A 1 124 ? -2.480  -7.058  -12.742 1.00 41.77 ? 124 ASN A OD1 1 
ATOM   981  N ND2 . ASN A 1 124 ? -1.009  -8.628  -12.138 1.00 41.77 ? 124 ASN A ND2 1 
ATOM   982  N N   . PHE A 1 125 ? -0.142  -4.297  -12.414 1.00 41.77 ? 125 PHE A N   1 
ATOM   983  C CA  . PHE A 1 125 ? -0.092  -3.578  -13.664 1.00 41.77 ? 125 PHE A CA  1 
ATOM   984  C C   . PHE A 1 125 ? 1.311   -3.296  -14.177 1.00 41.77 ? 125 PHE A C   1 
ATOM   985  O O   . PHE A 1 125 ? 1.591   -3.482  -15.359 1.00 41.77 ? 125 PHE A O   1 
ATOM   986  C CB  . PHE A 1 125 ? -0.810  -2.261  -13.591 1.00 41.77 ? 125 PHE A CB  1 
ATOM   987  C CG  . PHE A 1 125 ? -0.701  -1.475  -14.864 1.00 41.77 ? 125 PHE A CG  1 
ATOM   988  C CD1 . PHE A 1 125 ? 0.161   -0.400  -14.958 1.00 41.77 ? 125 PHE A CD1 1 
ATOM   989  C CD2 . PHE A 1 125 ? -1.438  -1.841  -15.978 1.00 41.77 ? 125 PHE A CD2 1 
ATOM   990  C CE1 . PHE A 1 125 ? 0.252   0.331   -16.129 1.00 41.77 ? 125 PHE A CE1 1 
ATOM   991  C CE2 . PHE A 1 125 ? -1.347  -1.136  -17.140 1.00 41.77 ? 125 PHE A CE2 1 
ATOM   992  C CZ  . PHE A 1 125 ? -0.498  -0.045  -17.220 1.00 41.77 ? 125 PHE A CZ  1 
ATOM   993  N N   . VAL A 1 126 ? 2.181   -2.805  -13.304 1.00 41.77 ? 126 VAL A N   1 
ATOM   994  C CA  . VAL A 1 126 ? 3.550   -2.494  -13.710 1.00 41.77 ? 126 VAL A CA  1 
ATOM   995  C C   . VAL A 1 126 ? 4.334   -3.738  -14.110 1.00 41.77 ? 126 VAL A C   1 
ATOM   996  O O   . VAL A 1 126 ? 5.057   -3.712  -15.094 1.00 41.77 ? 126 VAL A O   1 
ATOM   997  C CB  . VAL A 1 126 ? 4.294   -1.676  -12.645 1.00 41.77 ? 126 VAL A CB  1 
ATOM   998  C CG1 . VAL A 1 126 ? 5.768   -1.662  -12.923 1.00 41.77 ? 126 VAL A CG1 1 
ATOM   999  C CG2 . VAL A 1 126 ? 3.790   -0.285  -12.659 1.00 41.77 ? 126 VAL A CG2 1 
ATOM   1000 N N   . THR A 1 127 ? 4.166   -4.829  -13.382 1.00 41.77 ? 127 THR A N   1 
ATOM   1001 C CA  . THR A 1 127 ? 4.714   -6.098  -13.865 1.00 41.77 ? 127 THR A CA  1 
ATOM   1002 C C   . THR A 1 127 ? 4.334   -6.329  -15.331 1.00 41.77 ? 127 THR A C   1 
ATOM   1003 O O   . THR A 1 127 ? 5.195   -6.565  -16.188 1.00 41.77 ? 127 THR A O   1 
ATOM   1004 C CB  . THR A 1 127 ? 4.201   -7.297  -13.081 1.00 41.77 ? 127 THR A CB  1 
ATOM   1005 O OG1 . THR A 1 127 ? 4.683   -7.224  -11.745 1.00 41.77 ? 127 THR A OG1 1 
ATOM   1006 C CG2 . THR A 1 127 ? 4.711   -8.533  -13.691 1.00 41.77 ? 127 THR A CG2 1 
ATOM   1007 N N   . ARG A 1 128 ? 3.044   -6.224  -15.599 1.00 41.77 ? 128 ARG A N   1 
ATOM   1008 C CA  . ARG A 1 128 ? 2.487   -6.612  -16.869 1.00 41.77 ? 128 ARG A CA  1 
ATOM   1009 C C   . ARG A 1 128 ? 2.935   -5.700  -17.979 1.00 41.77 ? 128 ARG A C   1 
ATOM   1010 O O   . ARG A 1 128 ? 3.309   -6.161  -19.042 1.00 41.77 ? 128 ARG A O   1 
ATOM   1011 C CB  . ARG A 1 128 ? 0.976   -6.593  -16.791 1.00 41.77 ? 128 ARG A CB  1 
ATOM   1012 C CG  . ARG A 1 128 ? 0.396   -7.627  -15.883 1.00 41.77 ? 128 ARG A CG  1 
ATOM   1013 C CD  . ARG A 1 128 ? -1.023  -7.909  -16.278 1.00 41.77 ? 128 ARG A CD  1 
ATOM   1014 N NE  . ARG A 1 128 ? -1.305  -9.336  -16.285 1.00 41.77 ? 128 ARG A NE  1 
ATOM   1015 C CZ  . ARG A 1 128 ? -1.701  -10.011 -15.219 1.00 41.77 ? 128 ARG A CZ  1 
ATOM   1016 N NH1 . ARG A 1 128 ? -1.858  -9.383  -14.064 1.00 41.77 ? 128 ARG A NH1 1 
ATOM   1017 N NH2 . ARG A 1 128 ? -1.939  -11.309 -15.303 1.00 41.77 ? 128 ARG A NH2 1 
ATOM   1018 N N   . ALA A 1 129 ? 2.890   -4.396  -17.760 1.00 41.77 ? 129 ALA A N   1 
ATOM   1019 C CA  . ALA A 1 129 ? 3.365   -3.531  -18.802 1.00 41.77 ? 129 ALA A CA  1 
ATOM   1020 C C   . ALA A 1 129 ? 4.859   -3.744  -18.995 1.00 41.77 ? 129 ALA A C   1 
ATOM   1021 O O   . ALA A 1 129 ? 5.344   -3.683  -20.116 1.00 41.77 ? 129 ALA A O   1 
ATOM   1022 C CB  . ALA A 1 129 ? 3.070   -2.125  -18.478 1.00 41.77 ? 129 ALA A CB  1 
ATOM   1023 N N   . THR A 1 130 ? 5.596   -4.022  -17.925 1.00 41.77 ? 130 THR A N   1 
ATOM   1024 C CA  . THR A 1 130 ? 7.034   -4.194  -18.074 1.00 41.77 ? 130 THR A CA  1 
ATOM   1025 C C   . THR A 1 130 ? 7.345   -5.346  -19.013 1.00 41.77 ? 130 THR A C   1 
ATOM   1026 O O   . THR A 1 130 ? 8.173   -5.227  -19.922 1.00 41.77 ? 130 THR A O   1 
ATOM   1027 C CB  . THR A 1 130 ? 7.718   -4.369  -16.729 1.00 41.77 ? 130 THR A CB  1 
ATOM   1028 O OG1 . THR A 1 130 ? 7.610   -3.137  -16.022 1.00 41.77 ? 130 THR A OG1 1 
ATOM   1029 C CG2 . THR A 1 130 ? 9.205   -4.687  -16.891 1.00 41.77 ? 130 THR A CG2 1 
ATOM   1030 N N   . ASN A 1 131 ? 6.656   -6.452  -18.800 1.00 41.77 ? 131 ASN A N   1 
ATOM   1031 C CA  . ASN A 1 131 ? 6.913   -7.643  -19.555 1.00 41.77 ? 131 ASN A CA  1 
ATOM   1032 C C   . ASN A 1 131 ? 6.589   -7.446  -21.016 1.00 41.77 ? 131 ASN A C   1 
ATOM   1033 O O   . ASN A 1 131 ? 7.356   -7.843  -21.894 1.00 41.77 ? 131 ASN A O   1 
ATOM   1034 C CB  . ASN A 1 131 ? 6.086   -8.775  -18.999 1.00 41.77 ? 131 ASN A CB  1 
ATOM   1035 C CG  . ASN A 1 131 ? 6.645   -9.328  -17.718 1.00 41.77 ? 131 ASN A CG  1 
ATOM   1036 O OD1 . ASN A 1 131 ? 7.838   -9.221  -17.431 1.00 41.77 ? 131 ASN A OD1 1 
ATOM   1037 N ND2 . ASN A 1 131 ? 5.779   -9.935  -16.937 1.00 41.77 ? 131 ASN A ND2 1 
ATOM   1038 N N   . GLU A 1 132 ? 5.447   -6.824  -21.278 1.00 41.77 ? 132 GLU A N   1 
ATOM   1039 C CA  . GLU A 1 132 ? 5.087   -6.472  -22.637 1.00 41.77 ? 132 GLU A CA  1 
ATOM   1040 C C   . GLU A 1 132 ? 6.193   -5.616  -23.241 1.00 41.77 ? 132 GLU A C   1 
ATOM   1041 O O   . GLU A 1 132 ? 6.721   -5.932  -24.295 1.00 41.77 ? 132 GLU A O   1 
ATOM   1042 C CB  . GLU A 1 132 ? 3.764   -5.712  -22.674 1.00 41.77 ? 132 GLU A CB  1 
ATOM   1043 C CG  . GLU A 1 132 ? 2.542   -6.481  -22.223 1.00 41.77 ? 132 GLU A CG  1 
ATOM   1044 C CD  . GLU A 1 132 ? 2.505   -7.895  -22.743 1.00 41.77 ? 132 GLU A CD  1 
ATOM   1045 O OE1 . GLU A 1 132 ? 2.874   -8.095  -23.900 1.00 41.77 ? 132 GLU A OE1 1 
ATOM   1046 O OE2 . GLU A 1 132 ? 2.117   -8.811  -21.990 1.00 41.77 ? 132 GLU A OE2 1 
ATOM   1047 N N   . LEU A 1 133 ? 6.563   -4.541  -22.563 1.00 41.77 ? 133 LEU A N   1 
ATOM   1048 C CA  . LEU A 1 133 ? 7.606   -3.686  -23.067 1.00 41.77 ? 133 LEU A CA  1 
ATOM   1049 C C   . LEU A 1 133 ? 8.890   -4.448  -23.349 1.00 41.77 ? 133 LEU A C   1 
ATOM   1050 O O   . LEU A 1 133 ? 9.570   -4.147  -24.322 1.00 41.77 ? 133 LEU A O   1 
ATOM   1051 C CB  . LEU A 1 133 ? 7.861   -2.534  -22.109 1.00 41.77 ? 133 LEU A CB  1 
ATOM   1052 C CG  . LEU A 1 133 ? 6.898   -1.363  -22.212 1.00 41.77 ? 133 LEU A CG  1 
ATOM   1053 C CD1 . LEU A 1 133 ? 7.063   -0.531  -20.991 1.00 41.77 ? 133 LEU A CD1 1 
ATOM   1054 C CD2 . LEU A 1 133 ? 7.120   -0.511  -23.468 1.00 41.77 ? 133 LEU A CD2 1 
ATOM   1055 N N   . ILE A 1 134 ? 9.220   -5.436  -22.521 1.00 41.77 ? 134 ILE A N   1 
ATOM   1056 C CA  . ILE A 1 134 ? 10.402  -6.243  -22.794 1.00 41.77 ? 134 ILE A CA  1 
ATOM   1057 C C   . ILE A 1 134 ? 10.225  -6.989  -24.110 1.00 41.77 ? 134 ILE A C   1 
ATOM   1058 O O   . ILE A 1 134 ? 11.076  -6.922  -24.987 1.00 41.77 ? 134 ILE A O   1 
ATOM   1059 C CB  . ILE A 1 134 ? 10.752  -7.206  -21.649 1.00 41.77 ? 134 ILE A CB  1 
ATOM   1060 C CG1 . ILE A 1 134 ? 11.315  -6.423  -20.475 1.00 41.77 ? 134 ILE A CG1 1 
ATOM   1061 C CG2 . ILE A 1 134 ? 11.807  -8.186  -22.101 1.00 41.77 ? 134 ILE A CG2 1 
ATOM   1062 C CD1 . ILE A 1 134 ? 11.169  -7.078  -19.156 1.00 41.77 ? 134 ILE A CD1 1 
ATOM   1063 N N   . TRP A 1 135 ? 9.097   -7.667  -24.253 1.00 41.77 ? 135 TRP A N   1 
ATOM   1064 C CA  . TRP A 1 135 ? 8.811   -8.406  -25.456 1.00 41.77 ? 135 TRP A CA  1 
ATOM   1065 C C   . TRP A 1 135 ? 8.967   -7.513  -26.676 1.00 41.77 ? 135 TRP A C   1 
ATOM   1066 O O   . TRP A 1 135 ? 9.712   -7.815  -27.610 1.00 41.77 ? 135 TRP A O   1 
ATOM   1067 C CB  . TRP A 1 135 ? 7.395   -8.971  -25.387 1.00 41.77 ? 135 TRP A CB  1 
ATOM   1068 C CG  . TRP A 1 135 ? 7.159   -9.999  -26.439 1.00 41.77 ? 135 TRP A CG  1 
ATOM   1069 C CD1 . TRP A 1 135 ? 7.468   -11.329 -26.378 1.00 41.77 ? 135 TRP A CD1 1 
ATOM   1070 C CD2 . TRP A 1 135 ? 6.611   -9.775  -27.738 1.00 41.77 ? 135 TRP A CD2 1 
ATOM   1071 N NE1 . TRP A 1 135 ? 7.134   -11.945 -27.556 1.00 41.77 ? 135 TRP A NE1 1 
ATOM   1072 C CE2 . TRP A 1 135 ? 6.603   -11.014 -28.406 1.00 41.77 ? 135 TRP A CE2 1 
ATOM   1073 C CE3 . TRP A 1 135 ? 6.126   -8.642  -28.403 1.00 41.77 ? 135 TRP A CE3 1 
ATOM   1074 C CZ2 . TRP A 1 135 ? 6.119   -11.156 -29.700 1.00 41.77 ? 135 TRP A CZ2 1 
ATOM   1075 C CZ3 . TRP A 1 135 ? 5.644   -8.783  -29.677 1.00 41.77 ? 135 TRP A CZ3 1 
ATOM   1076 C CH2 . TRP A 1 135 ? 5.647   -10.034 -30.320 1.00 41.77 ? 135 TRP A CH2 1 
ATOM   1077 N N   . LEU A 1 136 ? 8.249   -6.399  -26.640 1.00 41.77 ? 136 LEU A N   1 
ATOM   1078 C CA  . LEU A 1 136 ? 8.252   -5.418  -27.694 1.00 41.77 ? 136 LEU A CA  1 
ATOM   1079 C C   . LEU A 1 136 ? 9.664   -5.009  -28.032 1.00 41.77 ? 136 LEU A C   1 
ATOM   1080 O O   . LEU A 1 136 ? 10.072  -5.087  -29.183 1.00 41.77 ? 136 LEU A O   1 
ATOM   1081 C CB  . LEU A 1 136 ? 7.454   -4.194  -27.258 1.00 41.77 ? 136 LEU A CB  1 
ATOM   1082 C CG  . LEU A 1 136 ? 5.935   -4.087  -27.454 1.00 41.77 ? 136 LEU A CG  1 
ATOM   1083 C CD1 . LEU A 1 136 ? 5.456   -5.075  -28.494 1.00 41.77 ? 136 LEU A CD1 1 
ATOM   1084 C CD2 . LEU A 1 136 ? 5.169   -4.265  -26.172 1.00 41.77 ? 136 LEU A CD2 1 
ATOM   1085 N N   . ASN A 1 137 ? 10.421  -4.589  -27.028 1.00 41.77 ? 137 ASN A N   1 
ATOM   1086 C CA  . ASN A 1 137 ? 11.794  -4.150  -27.258 1.00 41.77 ? 137 ASN A CA  1 
ATOM   1087 C C   . ASN A 1 137 ? 12.688  -5.203  -27.908 1.00 41.77 ? 137 ASN A C   1 
ATOM   1088 O O   . ASN A 1 137 ? 13.463  -4.891  -28.803 1.00 41.77 ? 137 ASN A O   1 
ATOM   1089 C CB  . ASN A 1 137 ? 12.440  -3.643  -25.968 1.00 41.77 ? 137 ASN A CB  1 
ATOM   1090 C CG  . ASN A 1 137 ? 13.817  -3.025  -26.200 1.00 41.77 ? 137 ASN A CG  1 
ATOM   1091 O OD1 . ASN A 1 137 ? 14.742  -3.266  -25.432 1.00 41.77 ? 137 ASN A OD1 1 
ATOM   1092 N ND2 . ASN A 1 137 ? 13.949  -2.212  -27.251 1.00 41.77 ? 137 ASN A ND2 1 
ATOM   1093 N N   . GLU A 1 138 ? 12.588  -6.449  -27.468 1.00 41.77 ? 138 GLU A N   1 
ATOM   1094 C CA  . GLU A 1 138 ? 13.417  -7.477  -28.072 1.00 41.77 ? 138 GLU A CA  1 
ATOM   1095 C C   . GLU A 1 138 ? 12.880  -7.923  -29.449 1.00 41.77 ? 138 GLU A C   1 
ATOM   1096 O O   . GLU A 1 138 ? 13.644  -8.452  -30.256 1.00 41.77 ? 138 GLU A O   1 
ATOM   1097 C CB  . GLU A 1 138 ? 13.738  -8.632  -27.092 1.00 41.77 ? 138 GLU A CB  1 
ATOM   1098 C CG  . GLU A 1 138 ? 12.606  -9.602  -26.801 1.00 41.77 ? 138 GLU A CG  1 
ATOM   1099 C CD  . GLU A 1 138 ? 12.736  -10.319 -25.444 1.00 41.77 ? 138 GLU A CD  1 
ATOM   1100 O OE1 . GLU A 1 138 ? 13.866  -10.487 -24.908 1.00 41.77 ? 138 GLU A OE1 1 
ATOM   1101 O OE2 . GLU A 1 138 ? 11.674  -10.722 -24.903 1.00 41.77 ? 138 GLU A OE2 1 
ATOM   1102 N N   . LYS A 1 139 ? 11.592  -7.674  -29.731 1.00 41.77 ? 139 LYS A N   1 
ATOM   1103 C CA  . LYS A 1 139 ? 11.074  -7.867  -31.102 1.00 41.77 ? 139 LYS A CA  1 
ATOM   1104 C C   . LYS A 1 139 ? 11.646  -6.887  -32.113 1.00 41.77 ? 139 LYS A C   1 
ATOM   1105 O O   . LYS A 1 139 ? 11.680  -7.202  -33.299 1.00 41.77 ? 139 LYS A O   1 
ATOM   1106 C CB  . LYS A 1 139 ? 9.546   -7.905  -31.219 1.00 41.77 ? 139 LYS A CB  1 
ATOM   1107 C CG  . LYS A 1 139 ? 8.937   -9.327  -31.251 1.00 41.77 ? 139 LYS A CG  1 
ATOM   1108 C CD  . LYS A 1 139 ? 9.753   -10.365 -32.067 1.00 41.77 ? 139 LYS A CD  1 
ATOM   1109 C CE  . LYS A 1 139 ? 9.227   -10.553 -33.507 1.00 41.77 ? 139 LYS A CE  1 
ATOM   1110 N NZ  . LYS A 1 139 ? 8.249   -11.688 -33.674 1.00 41.77 ? 139 LYS A NZ  1 
ATOM   1111 N N   . GLU A 1 140 ? 12.087  -5.723  -31.648 1.00 41.77 ? 140 GLU A N   1 
ATOM   1112 C CA  . GLU A 1 140 ? 13.010  -4.892  -32.412 1.00 41.77 ? 140 GLU A CA  1 
ATOM   1113 C C   . GLU A 1 140 ? 14.109  -5.735  -33.053 1.00 41.77 ? 140 GLU A C   1 
ATOM   1114 O O   . GLU A 1 140 ? 14.391  -5.602  -34.243 1.00 41.77 ? 140 GLU A O   1 
ATOM   1115 C CB  . GLU A 1 140 ? 13.628  -3.815  -31.518 1.00 41.77 ? 140 GLU A CB  1 
ATOM   1116 C CG  . GLU A 1 140 ? 14.363  -2.725  -32.279 1.00 41.77 ? 140 GLU A CG  1 
ATOM   1117 C CD  . GLU A 1 140 ? 13.730  -1.360  -32.097 1.00 41.77 ? 140 GLU A CD  1 
ATOM   1118 O OE1 . GLU A 1 140 ? 14.469  -0.353  -32.100 1.00 41.77 ? 140 GLU A OE1 1 
ATOM   1119 O OE2 . GLU A 1 140 ? 12.490  -1.292  -31.951 1.00 41.77 ? 140 GLU A OE2 1 
ATOM   1120 N N   . GLU A 1 141 ? 14.723  -6.602  -32.254 1.00 20.00 ? 141 GLU A N   1 
ATOM   1121 C CA  . GLU A 1 141 ? 15.767  -7.491  -32.750 1.00 20.00 ? 141 GLU A CA  1 
ATOM   1122 C C   . GLU A 1 141 ? 15.698  -8.213  -34.092 1.00 20.00 ? 141 GLU A C   1 
ATOM   1123 O O   . GLU A 1 141 ? 16.722  -8.469  -34.724 1.00 41.77 ? 141 GLU A O   1 
ATOM   1124 C CB  . GLU A 1 141 ? 15.736  -8.815  -32.000 1.00 20.00 ? 141 GLU A CB  1 
ATOM   1125 N N   . SER A 1 142 ? 14.483  -8.540  -34.520 1.00 41.77 ? 142 SER A N   1 
ATOM   1126 C CA  . SER A 1 142 ? 14.018  -9.922  -34.526 1.00 41.77 ? 142 SER A CA  1 
ATOM   1127 C C   . SER A 1 142 ? 13.155  -10.209 -35.750 1.00 41.77 ? 142 SER A C   1 
ATOM   1128 O O   . SER A 1 142 ? 13.482  -11.075 -36.562 1.00 41.77 ? 142 SER A O   1 
ATOM   1129 C CB  . SER A 1 142 ? 13.250  -10.229 -33.250 1.00 41.77 ? 142 SER A CB  1 
ATOM   1130 N N   . GLU A 1 143 ? 12.053  -9.478  -35.876 1.00 41.77 ? 143 GLU A N   1 
ATOM   1131 C CA  . GLU A 1 143 ? 11.818  -8.642  -37.047 1.00 41.77 ? 143 GLU A CA  1 
ATOM   1132 C C   . GLU A 1 143 ? 13.126  -8.083  -37.597 1.00 41.77 ? 143 GLU A C   1 
ATOM   1133 O O   . GLU A 1 143 ? 13.534  -8.415  -38.710 1.00 41.77 ? 143 GLU A O   1 
ATOM   1134 C CB  . GLU A 1 143 ? 10.856  -7.512  -36.708 1.00 41.77 ? 143 GLU A CB  1 
ATOM   1135 N N   . VAL A 1 144 ? 13.778  -7.233  -36.811 1.00 41.77 ? 144 VAL A N   1 
ATOM   1136 C CA  . VAL A 1 144 ? 14.789  -6.325  -37.337 1.00 41.77 ? 144 VAL A CA  1 
ATOM   1137 C C   . VAL A 1 144 ? 16.187  -6.920  -37.205 1.00 41.77 ? 144 VAL A C   1 
ATOM   1138 O O   . VAL A 1 144 ? 16.788  -6.884  -36.131 1.00 41.77 ? 144 VAL A O   1 
ATOM   1139 C CB  . VAL A 1 144 ? 14.714  -4.981  -36.630 1.00 41.77 ? 144 VAL A CB  1 
ATOM   1140 N N   . ALA A 1 145 ? 16.699  -7.466  -38.303 1.00 41.77 ? 145 ALA A N   1 
ATOM   1141 C CA  . ALA A 1 145 ? 17.922  -8.258  -38.267 1.00 41.77 ? 145 ALA A CA  1 
ATOM   1142 C C   . ALA A 1 145 ? 18.120  -9.026  -39.570 1.00 41.77 ? 145 ALA A C   1 
ATOM   1143 O O   . ALA A 1 145 ? 17.312  -9.884  -39.925 1.00 41.77 ? 145 ALA A O   1 
ATOM   1144 C CB  . ALA A 1 145 ? 17.900  -9.213  -37.083 1.00 41.77 ? 145 ALA A CB  1 
ATOM   1145 N N   . TYR A 1 161 ? 8.642   -16.545 -43.203 1.00 41.77 ? 161 TYR A N   1 
ATOM   1146 C CA  . TYR A 1 161 ? 8.732   -15.939 -41.879 1.00 41.77 ? 161 TYR A CA  1 
ATOM   1147 C C   . TYR A 1 161 ? 7.442   -16.142 -41.092 1.00 41.77 ? 161 TYR A C   1 
ATOM   1148 O O   . TYR A 1 161 ? 7.451   -16.714 -40.003 1.00 41.77 ? 161 TYR A O   1 
ATOM   1149 C CB  . TYR A 1 161 ? 9.061   -14.459 -41.994 1.00 41.77 ? 161 TYR A CB  1 
ATOM   1150 N N   . HIS A 1 162 ? 6.334   -15.666 -41.651 1.00 41.77 ? 162 HIS A N   1 
ATOM   1151 C CA  . HIS A 1 162 ? 6.376   -14.644 -42.689 1.00 41.77 ? 162 HIS A CA  1 
ATOM   1152 C C   . HIS A 1 162 ? 5.348   -13.549 -42.430 1.00 41.77 ? 162 HIS A C   1 
ATOM   1153 O O   . HIS A 1 162 ? 5.703   -12.409 -42.130 1.00 41.77 ? 162 HIS A O   1 
ATOM   1154 C CB  . HIS A 1 162 ? 6.153   -15.270 -44.058 1.00 41.77 ? 162 HIS A CB  1 
ATOM   1155 N N   . ALA A 1 163 ? 4.071   -13.903 -42.546 1.00 41.77 ? 163 ALA A N   1 
ATOM   1156 C CA  . ALA A 1 163 ? 3.612   -15.238 -42.186 1.00 41.77 ? 163 ALA A CA  1 
ATOM   1157 C C   . ALA A 1 163 ? 3.252   -16.216 -41.073 1.00 41.77 ? 163 ALA A C   1 
ATOM   1158 O O   . ALA A 1 163 ? 2.089   -16.576 -40.902 1.00 41.77 ? 163 ALA A O   1 
ATOM   1159 C CB  . ALA A 1 163 ? 4.477   -16.296 -42.854 1.00 41.77 ? 163 ALA A CB  1 
ATOM   1160 N N   . GLU A 1 164 ? 4.171   -16.503 -40.194 1.00 41.77 ? 164 GLU A N   1 
ATOM   1161 C CA  . GLU A 1 164 ? 4.030   -16.942 -38.799 1.00 41.77 ? 164 GLU A CA  1 
ATOM   1162 C C   . GLU A 1 164 ? 4.360   -15.766 -37.859 1.00 41.77 ? 164 GLU A C   1 
ATOM   1163 O O   . GLU A 1 164 ? 3.915   -15.749 -36.707 1.00 41.77 ? 164 GLU A O   1 
ATOM   1164 C CB  . GLU A 1 164 ? 5.054   -18.055 -38.508 1.00 41.77 ? 164 GLU A CB  1 
ATOM   1165 N N   . LEU A 1 165 ? 5.181   -14.827 -38.316 1.00 41.77 ? 165 LEU A N   1 
ATOM   1166 C CA  . LEU A 1 165 ? 5.400   -13.541 -37.640 1.00 41.77 ? 165 LEU A CA  1 
ATOM   1167 C C   . LEU A 1 165 ? 4.141   -12.705 -37.453 1.00 41.77 ? 165 LEU A C   1 
ATOM   1168 O O   . LEU A 1 165 ? 3.724   -12.489 -36.324 1.00 41.77 ? 165 LEU A O   1 
ATOM   1169 C CB  . LEU A 1 165 ? 6.480   -12.732 -38.335 1.00 41.77 ? 165 LEU A CB  1 
ATOM   1170 N N   . MET A 1 166 ? 3.536   -12.256 -38.560 1.00 41.77 ? 166 MET A N   1 
ATOM   1171 C CA  . MET A 1 166 ? 2.258   -11.525 -38.524 1.00 41.77 ? 166 MET A CA  1 
ATOM   1172 C C   . MET A 1 166 ? 1.138   -12.308 -37.807 1.00 41.77 ? 166 MET A C   1 
ATOM   1173 O O   . MET A 1 166 ? 0.185   -11.710 -37.288 1.00 41.77 ? 166 MET A O   1 
ATOM   1174 C CB  . MET A 1 166 ? 1.825   -11.099 -39.923 1.00 41.77 ? 166 MET A CB  1 
ATOM   1175 N N   . ARG A 1 167 ? 1.261   -13.635 -37.767 1.00 41.77 ? 167 ARG A N   1 
ATOM   1176 C CA  . ARG A 1 167 ? 0.411   -14.451 -36.904 1.00 41.77 ? 167 ARG A CA  1 
ATOM   1177 C C   . ARG A 1 167 ? 0.758   -14.213 -35.417 1.00 41.77 ? 167 ARG A C   1 
ATOM   1178 O O   . ARG A 1 167 ? -0.141  -13.986 -34.602 1.00 41.77 ? 167 ARG A O   1 
ATOM   1179 C CB  . ARG A 1 167 ? 0.509   -15.929 -37.280 1.00 41.77 ? 167 ARG A CB  1 
ATOM   1180 N N   . GLU A 1 168 ? 2.052   -14.228 -35.072 1.00 41.77 ? 168 GLU A N   1 
ATOM   1181 C CA  . GLU A 1 168 ? 2.486   -13.972 -33.685 1.00 41.77 ? 168 GLU A CA  1 
ATOM   1182 C C   . GLU A 1 168 ? 1.976   -12.620 -33.208 1.00 41.77 ? 168 GLU A C   1 
ATOM   1183 O O   . GLU A 1 168 ? 1.420   -12.517 -32.116 1.00 41.77 ? 168 GLU A O   1 
ATOM   1184 C CB  . GLU A 1 168 ? 4.018   -14.060 -33.535 1.00 41.77 ? 168 GLU A CB  1 
ATOM   1185 N N   . LEU A 1 169 ? 2.143   -11.595 -34.045 1.00 41.77 ? 169 LEU A N   1 
ATOM   1186 C CA  . LEU A 1 169 ? 1.731   -10.239 -33.704 1.00 41.77 ? 169 LEU A CA  1 
ATOM   1187 C C   . LEU A 1 169 ? 0.238   -10.225 -33.345 1.00 41.77 ? 169 LEU A C   1 
ATOM   1188 O O   . LEU A 1 169 ? -0.154  -9.603  -32.349 1.00 41.77 ? 169 LEU A O   1 
ATOM   1189 C CB  . LEU A 1 169 ? 2.067   -9.254  -34.843 1.00 41.77 ? 169 LEU A CB  1 
ATOM   1190 N N   . GLU A 1 170 ? -0.575  -10.954 -34.122 1.00 41.77 ? 170 GLU A N   1 
ATOM   1191 C CA  . GLU A 1 170 ? -2.027  -11.023 -33.890 1.00 41.77 ? 170 GLU A CA  1 
ATOM   1192 C C   . GLU A 1 170 ? -2.359  -11.551 -32.504 1.00 41.77 ? 170 GLU A C   1 
ATOM   1193 O O   . GLU A 1 170 ? -3.301  -11.079 -31.872 1.00 41.77 ? 170 GLU A O   1 
ATOM   1194 C CB  . GLU A 1 170 ? -2.726  -11.849 -34.966 1.00 41.77 ? 170 GLU A CB  1 
ATOM   1195 N N   . GLN A 1 171 ? -1.577  -12.522 -32.034 1.00 41.77 ? 171 GLN A N   1 
ATOM   1196 C CA  . GLN A 1 171 ? -1.743  -13.045 -30.676 1.00 41.77 ? 171 GLN A CA  1 
ATOM   1197 C C   . GLN A 1 171 ? -1.323  -12.016 -29.633 1.00 41.77 ? 171 GLN A C   1 
ATOM   1198 O O   . GLN A 1 171 ? -2.061  -11.801 -28.671 1.00 41.77 ? 171 GLN A O   1 
ATOM   1199 C CB  . GLN A 1 171 ? -0.998  -14.371 -30.476 1.00 41.77 ? 171 GLN A CB  1 
ATOM   1200 N N   . LYS A 1 172 ? -0.172  -11.359 -29.814 1.00 41.77 ? 172 LYS A N   1 
ATOM   1201 C CA  . LYS A 1 172 ? 0.272   -10.377 -28.812 1.00 41.77 ? 172 LYS A CA  1 
ATOM   1202 C C   . LYS A 1 172 ? -0.760  -9.255  -28.630 1.00 41.77 ? 172 LYS A C   1 
ATOM   1203 O O   . LYS A 1 172 ? -1.031  -8.849  -27.507 1.00 41.77 ? 172 LYS A O   1 
ATOM   1204 C CB  . LYS A 1 172 ? 1.675   -9.828  -29.106 1.00 41.77 ? 172 LYS A CB  1 
ATOM   1205 N N   . GLU A 1 173 ? -1.366  -8.790  -29.726 1.00 41.77 ? 173 GLU A N   1 
ATOM   1206 C CA  . GLU A 1 173 ? -2.421  -7.781  -29.634 1.00 41.77 ? 173 GLU A CA  1 
ATOM   1207 C C   . GLU A 1 173 ? -3.419  -8.164  -28.553 1.00 41.77 ? 173 GLU A C   1 
ATOM   1208 O O   . GLU A 1 173 ? -3.631  -7.390  -27.655 1.00 41.77 ? 173 GLU A O   1 
ATOM   1209 C CB  . GLU A 1 173 ? -3.131  -7.529  -30.991 1.00 41.77 ? 173 GLU A CB  1 
ATOM   1210 N N   . GLU A 1 174 ? -3.996  -9.367  -28.608 1.00 41.77 ? 174 GLU A N   1 
ATOM   1211 C CA  . GLU A 1 174 ? -5.023  -9.766  -27.631 1.00 41.77 ? 174 GLU A CA  1 
ATOM   1212 C C   . GLU A 1 174 ? -4.486  -9.499  -26.233 1.00 41.77 ? 174 GLU A C   1 
ATOM   1213 O O   . GLU A 1 174 ? -5.196  -9.031  -25.344 1.00 41.77 ? 174 GLU A O   1 
ATOM   1214 C CB  . GLU A 1 174 ? -5.443  -11.240 -27.801 1.00 41.77 ? 174 GLU A CB  1 
ATOM   1215 N N   . SER A 1 175 ? -3.207  -9.804  -26.042 1.00 41.77 ? 175 SER A N   1 
ATOM   1216 C CA  . SER A 1 175 ? -2.609  -9.802  -24.711 1.00 41.77 ? 175 SER A CA  1 
ATOM   1217 C C   . SER A 1 175 ? -2.156  -8.401  -24.313 1.00 41.77 ? 175 SER A C   1 
ATOM   1218 O O   . SER A 1 175 ? -2.391  -7.958  -23.189 1.00 41.77 ? 175 SER A O   1 
ATOM   1219 C CB  . SER A 1 175 ? -1.428  -10.773 -24.653 1.00 41.77 ? 175 SER A CB  1 
ATOM   1220 O OG  . SER A 1 175 ? -0.359  -10.231 -23.897 1.00 41.77 ? 175 SER A OG  1 
ATOM   1221 N N   . ILE A 1 176 ? -1.576  -7.661  -25.249 1.00 41.77 ? 176 ILE A N   1 
ATOM   1222 C CA  . ILE A 1 176 ? -1.452  -6.207  -25.115 1.00 41.77 ? 176 ILE A CA  1 
ATOM   1223 C C   . ILE A 1 176 ? -2.781  -5.543  -24.836 1.00 41.77 ? 176 ILE A C   1 
ATOM   1224 O O   . ILE A 1 176 ? -2.876  -4.629  -24.035 1.00 41.77 ? 176 ILE A O   1 
ATOM   1225 C CB  . ILE A 1 176 ? -0.923  -5.572  -26.397 1.00 41.77 ? 176 ILE A CB  1 
ATOM   1226 C CG1 . ILE A 1 176 ? 0.498   -6.032  -26.676 1.00 41.77 ? 176 ILE A CG1 1 
ATOM   1227 C CG2 . ILE A 1 176 ? -0.993  -4.076  -26.302 1.00 41.77 ? 176 ILE A CG2 1 
ATOM   1228 C CD1 . ILE A 1 176 ? 1.518   -4.989  -26.421 1.00 41.77 ? 176 ILE A CD1 1 
ATOM   1229 N N   . LYS A 1 177 ? -3.805  -5.987  -25.545 1.00 41.77 ? 177 LYS A N   1 
ATOM   1230 C CA  . LYS A 1 177 ? -4.989  -5.180  -25.731 1.00 41.77 ? 177 LYS A CA  1 
ATOM   1231 C C   . LYS A 1 177 ? -5.668  -5.094  -24.393 1.00 41.77 ? 177 LYS A C   1 
ATOM   1232 O O   . LYS A 1 177 ? -6.827  -4.728  -24.285 1.00 41.77 ? 177 LYS A O   1 
ATOM   1233 C CB  . LYS A 1 177 ? -5.909  -5.827  -26.756 1.00 41.77 ? 177 LYS A CB  1 
ATOM   1234 C CG  . LYS A 1 177 ? -7.327  -5.335  -26.695 1.00 41.77 ? 177 LYS A CG  1 
ATOM   1235 C CD  . LYS A 1 177 ? -8.133  -5.875  -27.851 1.00 41.77 ? 177 LYS A CD  1 
ATOM   1236 C CE  . LYS A 1 177 ? -9.313  -6.681  -27.350 1.00 41.77 ? 177 LYS A CE  1 
ATOM   1237 N N   . ALA A 1 178 ? -4.918  -5.447  -23.366 1.00 41.77 ? 178 ALA A N   1 
ATOM   1238 C CA  . ALA A 1 178 ? -5.451  -6.196  -22.247 1.00 41.77 ? 178 ALA A CA  1 
ATOM   1239 C C   . ALA A 1 178 ? -4.877  -5.566  -21.012 1.00 41.77 ? 178 ALA A C   1 
ATOM   1240 O O   . ALA A 1 178 ? -5.601  -5.109  -20.139 1.00 41.77 ? 178 ALA A O   1 
ATOM   1241 C CB  . ALA A 1 178 ? -5.014  -7.632  -22.333 1.00 41.77 ? 178 ALA A CB  1 
ATOM   1242 N N   . VAL A 1 179 ? -3.558  -5.516  -20.963 1.00 41.77 ? 179 VAL A N   1 
ATOM   1243 C CA  . VAL A 1 179 ? -2.878  -4.481  -20.210 1.00 41.77 ? 179 VAL A CA  1 
ATOM   1244 C C   . VAL A 1 179 ? -3.540  -3.118  -20.411 1.00 41.77 ? 179 VAL A C   1 
ATOM   1245 O O   . VAL A 1 179 ? -3.761  -2.375  -19.439 1.00 41.77 ? 179 VAL A O   1 
ATOM   1246 C CB  . VAL A 1 179 ? -1.431  -4.395  -20.623 1.00 41.77 ? 179 VAL A CB  1 
ATOM   1247 C CG1 . VAL A 1 179 ? -0.664  -3.428  -19.721 1.00 41.77 ? 179 VAL A CG1 1 
ATOM   1248 C CG2 . VAL A 1 179 ? -0.825  -5.783  -20.602 1.00 41.77 ? 179 VAL A CG2 1 
ATOM   1249 N N   . GLN A 1 180 ? -3.878  -2.790  -21.659 1.00 41.77 ? 180 GLN A N   1 
ATOM   1250 C CA  . GLN A 1 180 ? -4.503  -1.508  -21.910 1.00 41.77 ? 180 GLN A CA  1 
ATOM   1251 C C   . GLN A 1 180 ? -5.791  -1.392  -21.100 1.00 41.77 ? 180 GLN A C   1 
ATOM   1252 O O   . GLN A 1 180 ? -5.976  -0.387  -20.408 1.00 41.77 ? 180 GLN A O   1 
ATOM   1253 C CB  . GLN A 1 180 ? -4.733  -1.276  -23.397 1.00 41.77 ? 180 GLN A CB  1 
ATOM   1254 C CG  . GLN A 1 180 ? -5.742  -0.184  -23.725 1.00 41.77 ? 180 GLN A CG  1 
ATOM   1255 C CD  . GLN A 1 180 ? -5.239  1.229   -23.503 1.00 41.77 ? 180 GLN A CD  1 
ATOM   1256 O OE1 . GLN A 1 180 ? -4.066  1.533   -23.702 1.00 41.77 ? 180 GLN A OE1 1 
ATOM   1257 N NE2 . GLN A 1 180 ? -6.148  2.117   -23.120 1.00 41.77 ? 180 GLN A NE2 1 
ATOM   1258 N N   . GLU A 1 181 ? -6.650  -2.421  -21.147 1.00 41.77 ? 181 GLU A N   1 
ATOM   1259 C CA  . GLU A 1 181 ? -7.960  -2.372  -20.443 1.00 41.77 ? 181 GLU A CA  1 
ATOM   1260 C C   . GLU A 1 181 ? -7.800  -2.291  -18.909 1.00 41.77 ? 181 GLU A C   1 
ATOM   1261 O O   . GLU A 1 181 ? -8.613  -1.684  -18.210 1.00 41.77 ? 181 GLU A O   1 
ATOM   1262 C CB  . GLU A 1 181 ? -8.905  -3.541  -20.879 1.00 41.77 ? 181 GLU A CB  1 
ATOM   1263 N N   . ILE A 1 182 ? -6.728  -2.875  -18.398 1.00 41.77 ? 182 ILE A N   1 
ATOM   1264 C CA  . ILE A 1 182 ? -6.412  -2.711  -16.995 1.00 41.77 ? 182 ILE A CA  1 
ATOM   1265 C C   . ILE A 1 182 ? -6.164  -1.223  -16.675 1.00 41.77 ? 182 ILE A C   1 
ATOM   1266 O O   . ILE A 1 182 ? -6.776  -0.664  -15.752 1.00 41.77 ? 182 ILE A O   1 
ATOM   1267 C CB  . ILE A 1 182 ? -5.196  -3.565  -16.571 1.00 41.77 ? 182 ILE A CB  1 
ATOM   1268 C CG1 . ILE A 1 182 ? -5.595  -5.033  -16.431 1.00 41.77 ? 182 ILE A CG1 1 
ATOM   1269 C CG2 . ILE A 1 182 ? -4.623  -3.059  -15.267 1.00 41.77 ? 182 ILE A CG2 1 
ATOM   1270 C CD1 . ILE A 1 182 ? -4.472  -5.937  -15.977 1.00 41.77 ? 182 ILE A CD1 1 
ATOM   1271 N N   . ALA A 1 183 ? -5.271  -0.585  -17.430 1.00 41.77 ? 183 ALA A N   1 
ATOM   1272 C CA  . ALA A 1 183 ? -4.861  0.763   -17.095 1.00 41.77 ? 183 ALA A CA  1 
ATOM   1273 C C   . ALA A 1 183 ? -6.058  1.694   -17.172 1.00 41.77 ? 183 ALA A C   1 
ATOM   1274 O O   . ALA A 1 183 ? -6.290  2.526   -16.301 1.00 41.77 ? 183 ALA A O   1 
ATOM   1275 C CB  . ALA A 1 183 ? -3.787  1.207   -18.018 1.00 41.77 ? 183 ALA A CB  1 
ATOM   1276 N N   . GLU A 1 184 ? -6.825  1.522   -18.229 1.00 41.77 ? 184 GLU A N   1 
ATOM   1277 C CA  . GLU A 1 184 ? -8.060  2.226   -18.415 1.00 41.77 ? 184 GLU A CA  1 
ATOM   1278 C C   . GLU A 1 184 ? -8.881  2.137   -17.129 1.00 41.77 ? 184 GLU A C   1 
ATOM   1279 O O   . GLU A 1 184 ? -9.370  3.135   -16.604 1.00 41.77 ? 184 GLU A O   1 
ATOM   1280 C CB  . GLU A 1 184 ? -8.801  1.534   -19.535 1.00 41.77 ? 184 GLU A CB  1 
ATOM   1281 C CG  . GLU A 1 184 ? -9.326  2.440   -20.576 1.00 41.77 ? 184 GLU A CG  1 
ATOM   1282 C CD  . GLU A 1 184 ? -9.677  1.658   -21.832 1.00 41.77 ? 184 GLU A CD  1 
ATOM   1283 O OE1 . GLU A 1 184 ? -8.948  1.772   -22.857 1.00 41.77 ? 184 GLU A OE1 1 
ATOM   1284 O OE2 . GLU A 1 184 ? -10.685 0.907   -21.768 1.00 41.77 ? 184 GLU A OE2 1 
ATOM   1285 N N   . GLN A 1 185 ? -9.014  0.923   -16.626 1.00 41.77 ? 185 GLN A N   1 
ATOM   1286 C CA  . GLN A 1 185 ? -9.868  0.647   -15.497 1.00 41.77 ? 185 GLN A CA  1 
ATOM   1287 C C   . GLN A 1 185 ? -9.353  1.339   -14.211 1.00 41.77 ? 185 GLN A C   1 
ATOM   1288 O O   . GLN A 1 185 ? -10.076 2.083   -13.536 1.00 41.77 ? 185 GLN A O   1 
ATOM   1289 C CB  . GLN A 1 185 ? -9.932  -0.883  -15.320 1.00 41.77 ? 185 GLN A CB  1 
ATOM   1290 C CG  . GLN A 1 185 ? -10.776 -1.366  -14.139 1.00 41.77 ? 185 GLN A CG  1 
ATOM   1291 C CD  . GLN A 1 185 ? -12.204 -0.803  -14.223 1.00 41.77 ? 185 GLN A CD  1 
ATOM   1292 O OE1 . GLN A 1 185 ? -12.668 -0.375  -15.316 1.00 41.77 ? 185 GLN A OE1 1 
ATOM   1293 N NE2 . GLN A 1 185 ? -12.906 -0.785  -13.070 1.00 41.77 ? 185 GLN A NE2 1 
ATOM   1294 N N   . LEU A 1 186 ? -8.095  1.064   -13.892 1.00 41.77 ? 186 LEU A N   1 
ATOM   1295 C CA  . LEU A 1 186 ? -7.431  1.643   -12.757 1.00 41.77 ? 186 LEU A CA  1 
ATOM   1296 C C   . LEU A 1 186 ? -7.427  3.171   -12.798 1.00 41.77 ? 186 LEU A C   1 
ATOM   1297 O O   . LEU A 1 186 ? -7.473  3.832   -11.767 1.00 41.77 ? 186 LEU A O   1 
ATOM   1298 C CB  . LEU A 1 186 ? -6.013  1.123   -12.732 1.00 41.77 ? 186 LEU A CB  1 
ATOM   1299 C CG  . LEU A 1 186 ? -5.656  -0.024  -11.785 1.00 41.77 ? 186 LEU A CG  1 
ATOM   1300 C CD1 . LEU A 1 186 ? -6.810  -0.990  -11.447 1.00 41.77 ? 186 LEU A CD1 1 
ATOM   1301 C CD2 . LEU A 1 186 ? -4.423  -0.761  -12.334 1.00 41.77 ? 186 LEU A CD2 1 
ATOM   1302 N N   . LEU A 1 187 ? -7.366  3.742   -13.992 1.00 41.77 ? 187 LEU A N   1 
ATOM   1303 C CA  . LEU A 1 187 ? -7.414  5.181   -14.113 1.00 41.77 ? 187 LEU A CA  1 
ATOM   1304 C C   . LEU A 1 187 ? -8.829  5.664   -13.863 1.00 41.77 ? 187 LEU A C   1 
ATOM   1305 O O   . LEU A 1 187 ? -9.034  6.536   -13.033 1.00 41.77 ? 187 LEU A O   1 
ATOM   1306 C CB  . LEU A 1 187 ? -6.918  5.612   -15.476 1.00 41.77 ? 187 LEU A CB  1 
ATOM   1307 C CG  . LEU A 1 187 ? -5.503  6.166   -15.619 1.00 41.77 ? 187 LEU A CG  1 
ATOM   1308 C CD1 . LEU A 1 187 ? -4.632  5.903   -14.420 1.00 41.77 ? 187 LEU A CD1 1 
ATOM   1309 C CD2 . LEU A 1 187 ? -4.839  5.621   -16.871 1.00 41.77 ? 187 LEU A CD2 1 
ATOM   1310 N N   . LEU A 1 188 ? -9.810  5.097   -14.566 1.00 41.77 ? 188 LEU A N   1 
ATOM   1311 C CA  . LEU A 1 188 ? -11.218 5.367   -14.265 1.00 41.77 ? 188 LEU A CA  1 
ATOM   1312 C C   . LEU A 1 188 ? -11.511 5.343   -12.763 1.00 41.77 ? 188 LEU A C   1 
ATOM   1313 O O   . LEU A 1 188 ? -12.255 6.181   -12.262 1.00 41.77 ? 188 LEU A O   1 
ATOM   1314 C CB  . LEU A 1 188 ? -12.125 4.376   -14.981 1.00 41.77 ? 188 LEU A CB  1 
ATOM   1315 C CG  . LEU A 1 188 ? -12.680 4.983   -16.256 1.00 41.77 ? 188 LEU A CG  1 
ATOM   1316 C CD1 . LEU A 1 188 ? -12.846 3.927   -17.388 1.00 41.77 ? 188 LEU A CD1 1 
ATOM   1317 C CD2 . LEU A 1 188 ? -13.985 5.724   -15.919 1.00 41.77 ? 188 LEU A CD2 1 
ATOM   1318 N N   . GLU A 1 189 ? -10.915 4.390   -12.050 1.00 41.77 ? 189 GLU A N   1 
ATOM   1319 C CA  . GLU A 1 189 ? -11.107 4.274   -10.609 1.00 41.77 ? 189 GLU A CA  1 
ATOM   1320 C C   . GLU A 1 189 ? -10.334 5.342   -9.824  1.00 41.77 ? 189 GLU A C   1 
ATOM   1321 O O   . GLU A 1 189 ? -10.452 5.438   -8.607  1.00 41.77 ? 189 GLU A O   1 
ATOM   1322 C CB  . GLU A 1 189 ? -10.666 2.893   -10.142 1.00 41.77 ? 189 GLU A CB  1 
ATOM   1323 C CG  . GLU A 1 189 ? -11.657 1.797   -10.399 1.00 41.77 ? 189 GLU A CG  1 
ATOM   1324 C CD  . GLU A 1 189 ? -11.042 0.415   -10.245 1.00 41.77 ? 189 GLU A CD  1 
ATOM   1325 O OE1 . GLU A 1 189 ? -9.890  0.281   -9.716  1.00 41.77 ? 189 GLU A OE1 1 
ATOM   1326 O OE2 . GLU A 1 189 ? -11.729 -0.543  -10.680 1.00 41.77 ? 189 GLU A OE2 1 
ATOM   1327 N N   . ASN A 1 190 ? -9.524  6.125   -10.523 1.00 41.77 ? 190 ASN A N   1 
ATOM   1328 C CA  . ASN A 1 190 ? -8.670  7.142   -9.913  1.00 41.77 ? 190 ASN A CA  1 
ATOM   1329 C C   . ASN A 1 190 ? -7.628  6.620   -8.955  1.00 41.77 ? 190 ASN A C   1 
ATOM   1330 O O   . ASN A 1 190 ? -7.589  6.995   -7.798  1.00 41.77 ? 190 ASN A O   1 
ATOM   1331 C CB  . ASN A 1 190 ? -9.483  8.245   -9.250  1.00 41.77 ? 190 ASN A CB  1 
ATOM   1332 C CG  . ASN A 1 190 ? -8.864  9.597   -9.477  1.00 41.77 ? 190 ASN A CG  1 
ATOM   1333 O OD1 . ASN A 1 190 ? -9.329  10.354  -10.337 1.00 41.77 ? 190 ASN A OD1 1 
ATOM   1334 N ND2 . ASN A 1 190 ? -7.761  9.885   -8.775  1.00 41.77 ? 190 ASN A ND2 1 
ATOM   1335 N N   . HIS A 1 191 ? -6.767  5.760   -9.458  1.00 41.77 ? 191 HIS A N   1 
ATOM   1336 C CA  . HIS A 1 191 ? -5.716  5.181   -8.640  1.00 41.77 ? 191 HIS A CA  1 
ATOM   1337 C C   . HIS A 1 191 ? -4.810  6.304   -8.178  1.00 41.77 ? 191 HIS A C   1 
ATOM   1338 O O   . HIS A 1 191 ? -4.533  7.226   -8.925  1.00 41.77 ? 191 HIS A O   1 
ATOM   1339 C CB  . HIS A 1 191 ? -4.954  4.171   -9.481  1.00 41.77 ? 191 HIS A CB  1 
ATOM   1340 C CG  . HIS A 1 191 ? -4.054  3.266   -8.709  1.00 41.77 ? 191 HIS A CG  1 
ATOM   1341 N ND1 . HIS A 1 191 ? -4.287  1.910   -8.597  1.00 41.77 ? 191 HIS A ND1 1 
ATOM   1342 C CD2 . HIS A 1 191 ? -2.888  3.503   -8.061  1.00 41.77 ? 191 HIS A CD2 1 
ATOM   1343 C CE1 . HIS A 1 191 ? -3.317  1.355   -7.891  1.00 41.77 ? 191 HIS A CE1 1 
ATOM   1344 N NE2 . HIS A 1 191 ? -2.456  2.300   -7.552  1.00 41.77 ? 191 HIS A NE2 1 
ATOM   1345 N N   . PRO A 1 192 ? -4.372  6.259   -6.926  1.00 41.77 ? 192 PRO A N   1 
ATOM   1346 C CA  . PRO A 1 192 ? -3.414  7.262   -6.489  1.00 41.77 ? 192 PRO A CA  1 
ATOM   1347 C C   . PRO A 1 192 ? -2.114  7.253   -7.307  1.00 41.77 ? 192 PRO A C   1 
ATOM   1348 O O   . PRO A 1 192 ? -1.459  8.272   -7.399  1.00 41.77 ? 192 PRO A O   1 
ATOM   1349 C CB  . PRO A 1 192 ? -3.125  6.864   -5.048  1.00 41.77 ? 192 PRO A CB  1 
ATOM   1350 C CG  . PRO A 1 192 ? -3.507  5.411   -4.967  1.00 41.77 ? 192 PRO A CG  1 
ATOM   1351 C CD  . PRO A 1 192 ? -4.699  5.314   -5.853  1.00 41.77 ? 192 PRO A CD  1 
ATOM   1352 N N   . ALA A 1 193 ? -1.735  6.137   -7.912  1.00 41.77 ? 193 ALA A N   1 
ATOM   1353 C CA  . ALA A 1 193 ? -0.525  6.151   -8.703  1.00 41.77 ? 193 ALA A CA  1 
ATOM   1354 C C   . ALA A 1 193 ? -0.858  6.400   -10.189 1.00 41.77 ? 193 ALA A C   1 
ATOM   1355 O O   . ALA A 1 193 ? -0.151  5.924   -11.106 1.00 41.77 ? 193 ALA A O   1 
ATOM   1356 C CB  . ALA A 1 193 ? 0.240   4.878   -8.487  1.00 41.77 ? 193 ALA A CB  1 
ATOM   1357 N N   . ARG A 1 194 ? -1.925  7.180   -10.409 1.00 41.77 ? 194 ARG A N   1 
ATOM   1358 C CA  . ARG A 1 194 ? -2.441  7.443   -11.764 1.00 41.77 ? 194 ARG A CA  1 
ATOM   1359 C C   . ARG A 1 194 ? -1.329  7.846   -12.730 1.00 41.77 ? 194 ARG A C   1 
ATOM   1360 O O   . ARG A 1 194 ? -1.284  7.346   -13.849 1.00 41.77 ? 194 ARG A O   1 
ATOM   1361 C CB  . ARG A 1 194 ? -3.644  8.430   -11.788 1.00 41.77 ? 194 ARG A CB  1 
ATOM   1362 C CG  . ARG A 1 194 ? -3.382  9.881   -11.312 1.00 41.77 ? 194 ARG A CG  1 
ATOM   1363 C CD  . ARG A 1 194 ? -4.493  10.475  -10.342 1.00 41.77 ? 194 ARG A CD  1 
ATOM   1364 C CZ  . ARG A 1 194 ? -3.679  12.474  -12.890 1.00 41.77 ? 194 ARG A CZ  1 
ATOM   1365 N NH1 . ARG A 1 194 ? -3.755  12.894  -14.159 1.00 41.77 ? 194 ARG A NH1 1 
ATOM   1366 N NH2 . ARG A 1 194 ? -2.866  13.075  -12.020 1.00 41.77 ? 194 ARG A NH2 1 
ATOM   1367 N N   . LEU A 1 195 ? -0.412  8.702   -12.271 1.00 41.77 ? 195 LEU A N   1 
ATOM   1368 C CA  . LEU A 1 195 ? 0.718   9.152   -13.086 1.00 41.77 ? 195 LEU A CA  1 
ATOM   1369 C C   . LEU A 1 195 ? 1.548   7.993   -13.600 1.00 41.77 ? 195 LEU A C   1 
ATOM   1370 O O   . LEU A 1 195 ? 1.687   7.812   -14.809 1.00 41.77 ? 195 LEU A O   1 
ATOM   1371 C CB  . LEU A 1 195 ? 1.613   10.125  -12.325 1.00 41.77 ? 195 LEU A CB  1 
ATOM   1372 C CG  . LEU A 1 195 ? 1.084   11.537  -12.072 1.00 41.77 ? 195 LEU A CG  1 
ATOM   1373 C CD1 . LEU A 1 195 ? 2.158   12.432  -11.440 1.00 41.77 ? 195 LEU A CD1 1 
ATOM   1374 C CD2 . LEU A 1 195 ? 0.528   12.137  -13.357 1.00 41.77 ? 195 LEU A CD2 1 
ATOM   1375 N N   . THR A 1 196 ? 2.085   7.174   -12.716 1.00 41.77 ? 196 THR A N   1 
ATOM   1376 C CA  . THR A 1 196 ? 2.984   6.161   -13.236 1.00 41.77 ? 196 THR A CA  1 
ATOM   1377 C C   . THR A 1 196 ? 2.217   5.140   -14.102 1.00 41.77 ? 196 THR A C   1 
ATOM   1378 O O   . THR A 1 196 ? 2.784   4.572   -15.023 1.00 41.77 ? 196 THR A O   1 
ATOM   1379 C CB  . THR A 1 196 ? 3.962   5.546   -12.155 1.00 41.77 ? 196 THR A CB  1 
ATOM   1380 O OG1 . THR A 1 196 ? 3.647   4.173   -11.909 1.00 41.77 ? 196 THR A OG1 1 
ATOM   1381 C CG2 . THR A 1 196 ? 3.936   6.362   -10.834 1.00 41.77 ? 196 THR A CG2 1 
ATOM   1382 N N   . ILE A 1 197 ? 0.930   4.939   -13.843 1.00 41.77 ? 197 ILE A N   1 
ATOM   1383 C CA  . ILE A 1 197 ? 0.172   3.958   -14.622 1.00 41.77 ? 197 ILE A CA  1 
ATOM   1384 C C   . ILE A 1 197 ? 0.028   4.460   -16.041 1.00 41.77 ? 197 ILE A C   1 
ATOM   1385 O O   . ILE A 1 197 ? 0.368   3.757   -16.990 1.00 41.77 ? 197 ILE A O   1 
ATOM   1386 C CB  . ILE A 1 197 ? -1.219  3.706   -14.064 1.00 41.77 ? 197 ILE A CB  1 
ATOM   1387 C CG1 . ILE A 1 197 ? -1.140  2.879   -12.780 1.00 41.77 ? 197 ILE A CG1 1 
ATOM   1388 C CG2 . ILE A 1 197 ? -2.088  3.039   -15.119 1.00 41.77 ? 197 ILE A CG2 1 
ATOM   1389 C CD1 . ILE A 1 197 ? -2.315  3.077   -11.850 1.00 41.77 ? 197 ILE A CD1 1 
ATOM   1390 N N   . GLU A 1 198 ? -0.474  5.680   -16.192 1.00 41.77 ? 198 GLU A N   1 
ATOM   1391 C CA  . GLU A 1 198 ? -0.565  6.263   -17.514 1.00 41.77 ? 198 GLU A CA  1 
ATOM   1392 C C   . GLU A 1 198 ? 0.801   6.194   -18.197 1.00 41.77 ? 198 GLU A C   1 
ATOM   1393 O O   . GLU A 1 198 ? 0.873   6.021   -19.418 1.00 41.77 ? 198 GLU A O   1 
ATOM   1394 C CB  . GLU A 1 198 ? -1.071  7.704   -17.463 1.00 41.77 ? 198 GLU A CB  1 
ATOM   1395 C CG  . GLU A 1 198 ? -1.029  8.452   -18.776 1.00 41.77 ? 198 GLU A CG  1 
ATOM   1396 C CD  . GLU A 1 198 ? -1.993  7.883   -19.788 1.00 41.77 ? 198 GLU A CD  1 
ATOM   1397 O OE1 . GLU A 1 198 ? -2.577  6.813   -19.495 1.00 41.77 ? 198 GLU A OE1 1 
ATOM   1398 O OE2 . GLU A 1 198 ? -2.182  8.498   -20.876 1.00 41.77 ? 198 GLU A OE2 1 
ATOM   1399 N N   . ALA A 1 199 ? 1.890   6.299   -17.428 1.00 41.77 ? 199 ALA A N   1 
ATOM   1400 C CA  . ALA A 1 199 ? 3.202   6.364   -18.069 1.00 41.77 ? 199 ALA A CA  1 
ATOM   1401 C C   . ALA A 1 199 ? 3.465   5.054   -18.773 1.00 41.77 ? 199 ALA A C   1 
ATOM   1402 O O   . ALA A 1 199 ? 3.738   5.065   -19.981 1.00 41.77 ? 199 ALA A O   1 
ATOM   1403 C CB  . ALA A 1 199 ? 4.309   6.708   -17.097 1.00 41.77 ? 199 ALA A CB  1 
ATOM   1404 N N   . TYR A 1 200 ? 3.320   3.946   -18.046 1.00 41.77 ? 200 TYR A N   1 
ATOM   1405 C CA  . TYR A 1 200 ? 3.490   2.608   -18.608 1.00 41.77 ? 200 TYR A CA  1 
ATOM   1406 C C   . TYR A 1 200 ? 2.516   2.357   -19.762 1.00 41.77 ? 200 TYR A C   1 
ATOM   1407 O O   . TYR A 1 200 ? 2.921   1.889   -20.837 1.00 41.77 ? 200 TYR A O   1 
ATOM   1408 C CB  . TYR A 1 200 ? 3.407   1.542   -17.507 1.00 41.77 ? 200 TYR A CB  1 
ATOM   1409 C CG  . TYR A 1 200 ? 4.761   1.427   -16.797 1.00 41.77 ? 200 TYR A CG  1 
ATOM   1410 C CD1 . TYR A 1 200 ? 5.626   0.333   -17.035 1.00 41.77 ? 200 TYR A CD1 1 
ATOM   1411 C CD2 . TYR A 1 200 ? 5.213   2.452   -15.924 1.00 41.77 ? 200 TYR A CD2 1 
ATOM   1412 C CE1 . TYR A 1 200 ? 6.882   0.253   -16.413 1.00 41.77 ? 200 TYR A CE1 1 
ATOM   1413 C CE2 . TYR A 1 200 ? 6.471   2.381   -15.313 1.00 41.77 ? 200 TYR A CE2 1 
ATOM   1414 C CZ  . TYR A 1 200 ? 7.302   1.286   -15.562 1.00 41.77 ? 200 TYR A CZ  1 
ATOM   1415 O OH  . TYR A 1 200 ? 8.552   1.245   -14.966 1.00 41.77 ? 200 TYR A OH  1 
ATOM   1416 N N   . ARG A 1 201 ? 1.250   2.738   -19.565 1.00 41.77 ? 201 ARG A N   1 
ATOM   1417 C CA  . ARG A 1 201 ? 0.243   2.506   -20.573 1.00 41.77 ? 201 ARG A CA  1 
ATOM   1418 C C   . ARG A 1 201 ? 0.672   3.125   -21.906 1.00 41.77 ? 201 ARG A C   1 
ATOM   1419 O O   . ARG A 1 201 ? 0.729   2.437   -22.932 1.00 41.77 ? 201 ARG A O   1 
ATOM   1420 C CB  . ARG A 1 201 ? -1.111  3.037   -20.132 1.00 41.77 ? 201 ARG A CB  1 
ATOM   1421 C CG  . ARG A 1 201 ? -2.231  2.598   -21.055 1.00 41.77 ? 201 ARG A CG  1 
ATOM   1422 C CD  . ARG A 1 201 ? -3.380  3.576   -21.055 1.00 41.77 ? 201 ARG A CD  1 
ATOM   1423 N NE  . ARG A 1 201 ? -2.945  4.922   -21.423 1.00 41.77 ? 201 ARG A NE  1 
ATOM   1424 C CZ  . ARG A 1 201 ? -2.589  5.271   -22.649 1.00 41.77 ? 201 ARG A CZ  1 
ATOM   1425 N NH1 . ARG A 1 201 ? -2.626  4.370   -23.614 1.00 41.77 ? 201 ARG A NH1 1 
ATOM   1426 N NH2 . ARG A 1 201 ? -2.188  6.508   -22.905 1.00 41.77 ? 201 ARG A NH2 1 
ATOM   1427 N N   . ALA A 1 202 ? 1.003   4.412   -21.888 1.00 41.77 ? 202 ALA A N   1 
ATOM   1428 C CA  . ALA A 1 202 ? 1.384   5.100   -23.101 1.00 41.77 ? 202 ALA A CA  1 
ATOM   1429 C C   . ALA A 1 202 ? 2.688   4.558   -23.681 1.00 41.77 ? 202 ALA A C   1 
ATOM   1430 O O   . ALA A 1 202 ? 2.811   4.436   -24.902 1.00 41.77 ? 202 ALA A O   1 
ATOM   1431 C CB  . ALA A 1 202 ? 1.505   6.538   -22.838 1.00 41.77 ? 202 ALA A CB  1 
ATOM   1432 N N   . ALA A 1 203 ? 3.662   4.226   -22.827 1.00 41.77 ? 203 ALA A N   1 
ATOM   1433 C CA  . ALA A 1 203 ? 4.923   3.686   -23.326 1.00 41.77 ? 203 ALA A CA  1 
ATOM   1434 C C   . ALA A 1 203 ? 4.632   2.424   -24.107 1.00 41.77 ? 203 ALA A C   1 
ATOM   1435 O O   . ALA A 1 203 ? 5.123   2.260   -25.217 1.00 41.77 ? 203 ALA A O   1 
ATOM   1436 C CB  . ALA A 1 203 ? 5.892   3.411   -22.212 1.00 41.77 ? 203 ALA A CB  1 
ATOM   1437 N N   . MET A 1 204 ? 3.803   1.552   -23.543 1.00 41.77 ? 204 MET A N   1 
ATOM   1438 C CA  . MET A 1 204 ? 3.496   0.283   -24.167 1.00 41.77 ? 204 MET A CA  1 
ATOM   1439 C C   . MET A 1 204 ? 2.817   0.510   -25.502 1.00 41.77 ? 204 MET A C   1 
ATOM   1440 O O   . MET A 1 204 ? 3.264   0.004   -26.525 1.00 41.77 ? 204 MET A O   1 
ATOM   1441 C CB  . MET A 1 204 ? 2.609   -0.552  -23.251 1.00 41.77 ? 204 MET A CB  1 
ATOM   1442 C CG  . MET A 1 204 ? 2.161   -1.869  -23.852 1.00 41.77 ? 204 MET A CG  1 
ATOM   1443 S SD  . MET A 1 204 ? 0.864   -2.713  -22.937 1.00 41.77 ? 204 MET A SD  1 
ATOM   1444 C CE  . MET A 1 204 ? -0.491  -1.540  -22.983 1.00 41.77 ? 204 MET A CE  1 
ATOM   1445 N N   . GLN A 1 205 ? 1.747   1.297   -25.495 1.00 41.77 ? 205 GLN A N   1 
ATOM   1446 C CA  . GLN A 1 205 ? 1.031   1.583   -26.724 1.00 41.77 ? 205 GLN A CA  1 
ATOM   1447 C C   . GLN A 1 205 ? 1.937   2.228   -27.757 1.00 41.77 ? 205 GLN A C   1 
ATOM   1448 O O   . GLN A 1 205 ? 1.796   1.960   -28.934 1.00 41.77 ? 205 GLN A O   1 
ATOM   1449 C CB  . GLN A 1 205 ? -0.215  2.424   -26.475 1.00 41.77 ? 205 GLN A CB  1 
ATOM   1450 C CG  . GLN A 1 205 ? -1.355  1.677   -25.777 1.00 41.77 ? 205 GLN A CG  1 
ATOM   1451 C CD  . GLN A 1 205 ? -2.123  0.747   -26.701 1.00 41.77 ? 205 GLN A CD  1 
ATOM   1452 O OE1 . GLN A 1 205 ? -1.670  0.441   -27.800 1.00 41.77 ? 205 GLN A OE1 1 
ATOM   1453 N NE2 . GLN A 1 205 ? -3.290  0.291   -26.261 1.00 41.77 ? 205 GLN A NE2 1 
ATOM   1454 N N   . THR A 1 206 ? 2.891   3.041   -27.332 1.00 41.77 ? 206 THR A N   1 
ATOM   1455 C CA  . THR A 1 206 ? 3.800   3.648   -28.297 1.00 41.77 ? 206 THR A CA  1 
ATOM   1456 C C   . THR A 1 206 ? 4.644   2.600   -28.995 1.00 41.77 ? 206 THR A C   1 
ATOM   1457 O O   . THR A 1 206 ? 4.750   2.594   -30.224 1.00 41.77 ? 206 THR A O   1 
ATOM   1458 C CB  . THR A 1 206 ? 4.698   4.728   -27.671 1.00 41.77 ? 206 THR A CB  1 
ATOM   1459 O OG1 . THR A 1 206 ? 3.877   5.755   -27.144 1.00 41.77 ? 206 THR A OG1 1 
ATOM   1460 C CG2 . THR A 1 206 ? 5.558   5.368   -28.697 1.00 41.77 ? 206 THR A CG2 1 
ATOM   1461 N N   . GLN A 1 207 ? 5.231   1.708   -28.212 1.00 41.77 ? 207 GLN A N   1 
ATOM   1462 C CA  . GLN A 1 207 ? 6.162   0.733   -28.743 1.00 41.77 ? 207 GLN A CA  1 
ATOM   1463 C C   . GLN A 1 207 ? 5.455   -0.289  -29.644 1.00 41.77 ? 207 GLN A C   1 
ATOM   1464 O O   . GLN A 1 207 ? 5.921   -0.602  -30.741 1.00 41.77 ? 207 GLN A O   1 
ATOM   1465 C CB  . GLN A 1 207 ? 6.886   0.053   -27.590 1.00 41.77 ? 207 GLN A CB  1 
ATOM   1466 C CG  . GLN A 1 207 ? 8.072   -0.779  -28.005 1.00 41.77 ? 207 GLN A CG  1 
ATOM   1467 C CD  . GLN A 1 207 ? 9.261   0.043   -28.439 1.00 41.77 ? 207 GLN A CD  1 
ATOM   1468 O OE1 . GLN A 1 207 ? 9.210   1.288   -28.524 1.00 41.77 ? 207 GLN A OE1 1 
ATOM   1469 N NE2 . GLN A 1 207 ? 10.355  -0.653  -28.723 1.00 41.77 ? 207 GLN A NE2 1 
ATOM   1470 N N   . TRP A 1 208 ? 4.320   -0.793  -29.174 1.00 41.77 ? 208 TRP A N   1 
ATOM   1471 C CA  . TRP A 1 208 ? 3.427   -1.590  -29.988 1.00 41.77 ? 208 TRP A CA  1 
ATOM   1472 C C   . TRP A 1 208 ? 3.188   -0.921  -31.325 1.00 41.77 ? 208 TRP A C   1 
ATOM   1473 O O   . TRP A 1 208 ? 3.493   -1.465  -32.381 1.00 41.77 ? 208 TRP A O   1 
ATOM   1474 C CB  . TRP A 1 208 ? 2.100   -1.715  -29.271 1.00 41.77 ? 208 TRP A CB  1 
ATOM   1475 C CG  . TRP A 1 208 ? 1.059   -2.472  -30.019 1.00 41.77 ? 208 TRP A CG  1 
ATOM   1476 C CD1 . TRP A 1 208 ? -0.207  -2.050  -30.318 1.00 41.77 ? 208 TRP A CD1 1 
ATOM   1477 C CD2 . TRP A 1 208 ? 1.176   -3.796  -30.556 1.00 41.77 ? 208 TRP A CD2 1 
ATOM   1478 N NE1 . TRP A 1 208 ? -0.890  -3.030  -30.999 1.00 41.77 ? 208 TRP A NE1 1 
ATOM   1479 C CE2 . TRP A 1 208 ? -0.064  -4.110  -31.165 1.00 41.77 ? 208 TRP A CE2 1 
ATOM   1480 C CE3 . TRP A 1 208 ? 2.212   -4.745  -30.592 1.00 41.77 ? 208 TRP A CE3 1 
ATOM   1481 C CZ2 . TRP A 1 208 ? -0.303  -5.340  -31.795 1.00 41.77 ? 208 TRP A CZ2 1 
ATOM   1482 C CZ3 . TRP A 1 208 ? 1.977   -5.969  -31.228 1.00 41.77 ? 208 TRP A CZ3 1 
ATOM   1483 C CH2 . TRP A 1 208 ? 0.724   -6.256  -31.816 1.00 41.77 ? 208 TRP A CH2 1 
ATOM   1484 N N   . SER A 1 209 ? 2.642   0.278   -31.278 1.00 41.77 ? 209 SER A N   1 
ATOM   1485 C CA  . SER A 1 209 ? 2.359   0.996   -32.491 1.00 41.77 ? 209 SER A CA  1 
ATOM   1486 C C   . SER A 1 209 ? 3.560   0.996   -33.455 1.00 41.77 ? 209 SER A C   1 
ATOM   1487 O O   . SER A 1 209 ? 3.385   0.848   -34.662 1.00 41.77 ? 209 SER A O   1 
ATOM   1488 C CB  . SER A 1 209 ? 1.895   2.397   -32.145 1.00 41.77 ? 209 SER A CB  1 
ATOM   1489 O OG  . SER A 1 209 ? 1.913   3.200   -33.292 1.00 41.77 ? 209 SER A OG  1 
ATOM   1490 N N   . TRP A 1 210 ? 4.773   1.123   -32.925 1.00 41.77 ? 210 TRP A N   1 
ATOM   1491 C CA  . TRP A 1 210 ? 5.942   1.174   -33.780 1.00 41.77 ? 210 TRP A CA  1 
ATOM   1492 C C   . TRP A 1 210 ? 6.248   -0.196  -34.301 1.00 41.77 ? 210 TRP A C   1 
ATOM   1493 O O   . TRP A 1 210 ? 6.405   -0.387  -35.501 1.00 41.77 ? 210 TRP A O   1 
ATOM   1494 C CB  . TRP A 1 210 ? 7.158   1.746   -33.062 1.00 41.77 ? 210 TRP A CB  1 
ATOM   1495 C CG  . TRP A 1 210 ? 7.274   3.281   -33.112 1.00 41.77 ? 210 TRP A CG  1 
ATOM   1496 C CD1 . TRP A 1 210 ? 7.207   4.146   -32.043 1.00 41.77 ? 210 TRP A CD1 1 
ATOM   1497 C CD2 . TRP A 1 210 ? 7.493   4.113   -34.281 1.00 41.77 ? 210 TRP A CD2 1 
ATOM   1498 N NE1 . TRP A 1 210 ? 7.373   5.442   -32.465 1.00 41.77 ? 210 TRP A NE1 1 
ATOM   1499 C CE2 . TRP A 1 210 ? 7.544   5.461   -33.828 1.00 41.77 ? 210 TRP A CE2 1 
ATOM   1500 C CE3 . TRP A 1 210 ? 7.660   3.852   -35.659 1.00 41.77 ? 210 TRP A CE3 1 
ATOM   1501 C CZ2 . TRP A 1 210 ? 7.744   6.551   -34.711 1.00 41.77 ? 210 TRP A CZ2 1 
ATOM   1502 C CZ3 . TRP A 1 210 ? 7.862   4.939   -36.531 1.00 41.77 ? 210 TRP A CZ3 1 
ATOM   1503 C CH2 . TRP A 1 210 ? 7.899   6.267   -36.047 1.00 41.77 ? 210 TRP A CH2 1 
ATOM   1504 N N   . ILE A 1 211 ? 6.316   -1.168  -33.414 1.00 41.77 ? 211 ILE A N   1 
ATOM   1505 C CA  . ILE A 1 211 ? 6.596   -2.531  -33.853 1.00 41.77 ? 211 ILE A CA  1 
ATOM   1506 C C   . ILE A 1 211 ? 5.698   -2.923  -35.036 1.00 41.77 ? 211 ILE A C   1 
ATOM   1507 O O   . ILE A 1 211 ? 6.189   -3.382  -36.059 1.00 41.77 ? 211 ILE A O   1 
ATOM   1508 C CB  . ILE A 1 211 ? 6.568   -3.543  -32.678 1.00 41.77 ? 211 ILE A CB  1 
ATOM   1509 C CG1 . ILE A 1 211 ? 7.969   -3.687  -32.075 1.00 41.77 ? 211 ILE A CG1 1 
ATOM   1510 C CG2 . ILE A 1 211 ? 6.134   -4.921  -33.141 1.00 41.77 ? 211 ILE A CG2 1 
ATOM   1511 C CD1 . ILE A 1 211 ? 8.867   -2.430  -32.158 1.00 41.77 ? 211 ILE A CD1 1 
ATOM   1512 N N   . LEU A 1 212 ? 4.398   -2.675  -34.919 1.00 41.77 ? 212 LEU A N   1 
ATOM   1513 C CA  . LEU A 1 212 ? 3.476   -2.923  -36.011 1.00 41.77 ? 212 LEU A CA  1 
ATOM   1514 C C   . LEU A 1 212 ? 3.953   -2.253  -37.266 1.00 41.77 ? 212 LEU A C   1 
ATOM   1515 O O   . LEU A 1 212 ? 3.918   -2.834  -38.359 1.00 41.77 ? 212 LEU A O   1 
ATOM   1516 C CB  . LEU A 1 212 ? 2.104   -2.364  -35.671 1.00 41.77 ? 212 LEU A CB  1 
ATOM   1517 C CG  . LEU A 1 212 ? 0.950   -3.346  -35.470 1.00 41.77 ? 212 LEU A CG  1 
ATOM   1518 C CD1 . LEU A 1 212 ? 1.442   -4.737  -35.138 1.00 41.77 ? 212 LEU A CD1 1 
ATOM   1519 C CD2 . LEU A 1 212 ? 0.017   -2.837  -34.376 1.00 41.77 ? 212 LEU A CD2 1 
ATOM   1520 N N   . GLN A 1 213 ? 4.408   -1.019  -37.104 1.00 41.77 ? 213 GLN A N   1 
ATOM   1521 C CA  . GLN A 1 213 ? 4.713   -0.213  -38.253 1.00 41.77 ? 213 GLN A CA  1 
ATOM   1522 C C   . GLN A 1 213 ? 5.967   -0.707  -38.942 1.00 41.77 ? 213 GLN A C   1 
ATOM   1523 O O   . GLN A 1 213 ? 6.169   -0.430  -40.122 1.00 41.77 ? 213 GLN A O   1 
ATOM   1524 C CB  . GLN A 1 213 ? 4.818   1.255   -37.875 1.00 41.77 ? 213 GLN A CB  1 
ATOM   1525 C CG  . GLN A 1 213 ? 4.272   2.167   -38.956 1.00 41.77 ? 213 GLN A CG  1 
ATOM   1526 C CD  . GLN A 1 213 ? 4.398   3.632   -38.586 1.00 41.77 ? 213 GLN A CD  1 
ATOM   1527 O OE1 . GLN A 1 213 ? 4.606   3.974   -37.406 1.00 41.77 ? 213 GLN A OE1 1 
ATOM   1528 N NE2 . GLN A 1 213 ? 4.286   4.514   -39.591 1.00 41.77 ? 213 GLN A NE2 1 
ATOM   1529 N N   . LEU A 1 214 ? 6.793   -1.464  -38.230 1.00 41.77 ? 214 LEU A N   1 
ATOM   1530 C CA  . LEU A 1 214 ? 7.920   -2.092  -38.891 1.00 41.77 ? 214 LEU A CA  1 
ATOM   1531 C C   . LEU A 1 214 ? 7.469   -3.103  -39.944 1.00 41.77 ? 214 LEU A C   1 
ATOM   1532 O O   . LEU A 1 214 ? 7.791   -2.950  -41.132 1.00 41.77 ? 214 LEU A O   1 
ATOM   1533 C CB  . LEU A 1 214 ? 8.892   -2.705  -37.895 1.00 41.77 ? 214 LEU A CB  1 
ATOM   1534 C CG  . LEU A 1 214 ? 9.820   -1.703  -37.210 1.00 41.77 ? 214 LEU A CG  1 
ATOM   1535 C CD1 . LEU A 1 214 ? 11.010  -2.424  -36.614 1.00 41.77 ? 214 LEU A CD1 1 
ATOM   1536 C CD2 . LEU A 1 214 ? 10.304  -0.652  -38.178 1.00 41.77 ? 214 LEU A CD2 1 
ATOM   1537 N N   . CYS A 1 215 ? 6.683   -4.094  -39.533 1.00 41.77 ? 215 CYS A N   1 
ATOM   1538 C CA  . CYS A 1 215 ? 6.174   -5.111  -40.464 1.00 41.77 ? 215 CYS A CA  1 
ATOM   1539 C C   . CYS A 1 215 ? 5.119   -4.535  -41.410 1.00 41.77 ? 215 CYS A C   1 
ATOM   1540 O O   . CYS A 1 215 ? 4.895   -5.083  -42.555 1.00 41.77 ? 215 CYS A O   1 
ATOM   1541 C CB  . CYS A 1 215 ? 5.569   -6.280  -39.685 1.00 41.77 ? 215 CYS A CB  1 
ATOM   1542 S SG  . CYS A 1 215 ? 5.998   -6.103  -37.884 1.00 41.77 ? 215 CYS A SG  1 
ATOM   1543 N N   . GLN A 1 216 ? 4.486   -3.416  -40.919 1.00 41.77 ? 216 GLN A N   1 
ATOM   1544 C CA  . GLN A 1 216 ? 3.482   -2.673  -41.710 1.00 41.77 ? 216 GLN A CA  1 
ATOM   1545 C C   . GLN A 1 216 ? 2.070   -3.159  -41.303 1.00 41.77 ? 216 GLN A C   1 
ATOM   1546 C CB  . GLN A 1 216 ? 3.708   -2.824  -43.284 1.00 41.77 ? 216 GLN A CB  1 
ATOM   1547 C CG  . GLN A 1 216 ? 4.794   -1.818  -43.917 1.00 41.77 ? 216 GLN A CG  1 
ATOM   1548 C CD  . GLN A 1 216 ? 6.210   -2.460  -44.034 1.00 41.77 ? 216 GLN A CD  1 
ATOM   1549 O OE1 . GLN A 1 216 ? 6.360   -3.865  -44.032 1.00 41.77 ? 216 GLN A OE1 1 
ATOM   1550 N NE2 . GLN A 1 216 ? 7.238   -1.269  -43.879 1.00 41.77 ? 216 GLN A NE2 1 
HETATM 1551 S S   . SO4 B 2 .   ? -4.123  -1.744  -29.135 1.00 41.77 ? 225 SO4 A S   1 
HETATM 1552 O O1  . SO4 B 2 .   ? -4.568  -2.819  -30.133 1.00 41.77 ? 225 SO4 A O1  1 
HETATM 1553 O O2  . SO4 B 2 .   ? -2.689  -2.089  -28.784 1.00 41.77 ? 225 SO4 A O2  1 
HETATM 1554 O O3  . SO4 B 2 .   ? -4.056  -0.395  -29.891 1.00 41.77 ? 225 SO4 A O3  1 
HETATM 1555 O O4  . SO4 B 2 .   ? -4.963  -1.750  -27.814 1.00 41.77 ? 225 SO4 A O4  1 
HETATM 1556 S S   . SO4 C 2 .   ? -2.820  14.651  30.610  0.50 41.77 ? 226 SO4 A S   1 
HETATM 1557 O O1  . SO4 C 2 .   ? -3.885  14.315  29.659  0.50 41.77 ? 226 SO4 A O1  1 
HETATM 1558 O O2  . SO4 C 2 .   ? -2.880  13.700  31.736  0.50 41.77 ? 226 SO4 A O2  1 
HETATM 1559 O O3  . SO4 C 2 .   ? -1.519  14.575  29.934  0.50 41.77 ? 226 SO4 A O3  1 
HETATM 1560 O O4  . SO4 C 2 .   ? -3.006  16.019  31.106  0.50 41.77 ? 226 SO4 A O4  1 
HETATM 1561 O O   . HOH D 3 .   ? -15.637 1.223   24.126  1.00 41.77 ? 227 HOH A O   1 
HETATM 1562 O O   . HOH D 3 .   ? -16.484 2.453   26.130  1.00 41.77 ? 228 HOH A O   1 
HETATM 1563 O O   . HOH D 3 .   ? -1.875  -14.526 -16.563 1.00 41.77 ? 229 HOH A O   1 
HETATM 1564 O O   . HOH D 3 .   ? -7.439  6.409   2.521   1.00 41.77 ? 230 HOH A O   1 
HETATM 1565 O O   . HOH D 3 .   ? 2.112   -3.181  16.227  1.00 41.77 ? 231 HOH A O   1 
HETATM 1566 O O   . HOH D 3 .   ? -3.667  -4.309  -11.800 1.00 41.77 ? 232 HOH A O   1 
HETATM 1567 O O   . HOH D 3 .   ? 4.990   -2.006  15.920  1.00 41.77 ? 233 HOH A O   1 
HETATM 1568 O O   . HOH D 3 .   ? 7.878   -8.194  -8.473  1.00 41.77 ? 234 HOH A O   1 
HETATM 1569 O O   . HOH D 3 .   ? -6.265  -4.334  1.675   1.00 41.77 ? 235 HOH A O   1 
HETATM 1570 O O   . HOH D 3 .   ? -9.137  7.610   39.166  1.00 41.77 ? 236 HOH A O   1 
HETATM 1571 O O   . HOH D 3 .   ? 7.602   2.224   42.179  1.00 41.77 ? 237 HOH A O   1 
# 
